data_5NFB
# 
_entry.id   5NFB 
# 
_audit_conform.dict_name       mmcif_pdbx.dic 
_audit_conform.dict_version    5.383 
_audit_conform.dict_location   http://mmcif.pdb.org/dictionaries/ascii/mmcif_pdbx.dic 
# 
loop_
_database_2.database_id 
_database_2.database_code 
_database_2.pdbx_database_accession 
_database_2.pdbx_DOI 
PDB   5NFB         pdb_00005nfb 10.2210/pdb5nfb/pdb 
WWPDB D_1200004009 ?            ?                   
# 
loop_
_pdbx_audit_revision_history.ordinal 
_pdbx_audit_revision_history.data_content_type 
_pdbx_audit_revision_history.major_revision 
_pdbx_audit_revision_history.minor_revision 
_pdbx_audit_revision_history.revision_date 
1 'Structure model' 1 0 2017-06-21 
2 'Structure model' 1 1 2024-01-17 
# 
_pdbx_audit_revision_details.ordinal             1 
_pdbx_audit_revision_details.revision_ordinal    1 
_pdbx_audit_revision_details.data_content_type   'Structure model' 
_pdbx_audit_revision_details.provider            repository 
_pdbx_audit_revision_details.type                'Initial release' 
_pdbx_audit_revision_details.description         ? 
_pdbx_audit_revision_details.details             ? 
# 
loop_
_pdbx_audit_revision_group.ordinal 
_pdbx_audit_revision_group.revision_ordinal 
_pdbx_audit_revision_group.data_content_type 
_pdbx_audit_revision_group.group 
1 2 'Structure model' 'Data collection'        
2 2 'Structure model' 'Database references'    
3 2 'Structure model' 'Refinement description' 
# 
loop_
_pdbx_audit_revision_category.ordinal 
_pdbx_audit_revision_category.revision_ordinal 
_pdbx_audit_revision_category.data_content_type 
_pdbx_audit_revision_category.category 
1 2 'Structure model' chem_comp_atom                
2 2 'Structure model' chem_comp_bond                
3 2 'Structure model' database_2                    
4 2 'Structure model' pdbx_initial_refinement_model 
# 
loop_
_pdbx_audit_revision_item.ordinal 
_pdbx_audit_revision_item.revision_ordinal 
_pdbx_audit_revision_item.data_content_type 
_pdbx_audit_revision_item.item 
1 2 'Structure model' '_database_2.pdbx_DOI'                
2 2 'Structure model' '_database_2.pdbx_database_accession' 
# 
_pdbx_database_status.status_code                     REL 
_pdbx_database_status.status_code_sf                  REL 
_pdbx_database_status.status_code_mr                  ? 
_pdbx_database_status.entry_id                        5NFB 
_pdbx_database_status.recvd_initial_deposition_date   2017-03-13 
_pdbx_database_status.SG_entry                        N 
_pdbx_database_status.deposit_site                    PDBE 
_pdbx_database_status.process_site                    PDBE 
_pdbx_database_status.status_code_cs                  ? 
_pdbx_database_status.methods_development_category    ? 
_pdbx_database_status.pdb_format_compatible           Y 
_pdbx_database_status.status_code_nmr_data            ? 
# 
loop_
_pdbx_database_related.db_name 
_pdbx_database_related.details 
_pdbx_database_related.db_id 
_pdbx_database_related.content_type 
PDB 'Same projecte : same protein with different compounds of the same series' 5NF7 unspecified 
PDB .                                                                          5NF9 unspecified 
PDB .                                                                          5NFA unspecified 
# 
loop_
_audit_author.name 
_audit_author.pdbx_ordinal 
_audit_author.identifier_ORCID 
'Ronin, C.'           1 ? 
'Atmanene, C.'        2 ? 
'Gautier, F.M.'       3 ? 
'Djedaini Pilard, F.' 4 ? 
'Teletchea, S.'       5 ? 
'Ciesielski, F.'      6 ? 
'Vivat Hannah, V.'    7 ? 
'Grandjean, C.'       8 ? 
# 
_citation.abstract                  ? 
_citation.abstract_id_CAS           ? 
_citation.book_id_ISBN              ? 
_citation.book_publisher            ? 
_citation.book_publisher_city       ? 
_citation.book_title                ? 
_citation.coordinate_linkage        ? 
_citation.country                   US 
_citation.database_id_Medline       ? 
_citation.details                   ? 
_citation.id                        primary 
_citation.journal_abbrev            'Biochem. Biophys. Res. Commun.' 
_citation.journal_id_ASTM           BBRCA9 
_citation.journal_id_CSD            0146 
_citation.journal_id_ISSN           1090-2104 
_citation.journal_full              ? 
_citation.journal_issue             ? 
_citation.journal_volume            489 
_citation.language                  ? 
_citation.page_first                281 
_citation.page_last                 286 
_citation.title                     
'Biophysical and structural characterization of mono/di-arylated lactosamine derivatives interaction with human galectin-3.' 
_citation.year                      2017 
_citation.database_id_CSD           ? 
_citation.pdbx_database_id_DOI      10.1016/j.bbrc.2017.05.150 
_citation.pdbx_database_id_PubMed   28554839 
_citation.unpublished_flag          ? 
# 
loop_
_citation_author.citation_id 
_citation_author.name 
_citation_author.ordinal 
_citation_author.identifier_ORCID 
primary 'Atmanene, C.'        1 ? 
primary 'Ronin, C.'           2 ? 
primary 'Teletchea, S.'       3 ? 
primary 'Gautier, F.M.'       4 ? 
primary 'Djedaini-Pilard, F.' 5 ? 
primary 'Ciesielski, F.'      6 ? 
primary 'Vivat, V.'           7 ? 
primary 'Grandjean, C.'       8 ? 
# 
loop_
_entity.id 
_entity.type 
_entity.src_method 
_entity.pdbx_description 
_entity.formula_weight 
_entity.pdbx_number_of_molecules 
_entity.pdbx_ec 
_entity.pdbx_mutation 
_entity.pdbx_fragment 
_entity.details 
1 polymer     man Galectin-3 19935.432 1   ? ? ? ? 
2 non-polymer syn 
;~{N}-[(2~{R},3~{R},4~{R},5~{S},6~{R})-2-acetamido-6-(hydroxymethyl)-5-[(2~{S},3~{R},4~{S},5~{S},6~{R})-6-(hydroxymethyl)-4-[(3-methoxyphenyl)methoxy]-3,5-bis(oxidanyl)oxan-2-yl]oxy-4-oxidanyl-oxan-3-yl]-3-methoxy-benzamide
;
636.644   1   ? ? ? ? 
3 water       nat water 18.015    118 ? ? ? ? 
# 
_entity_name_com.entity_id   1 
_entity_name_com.name        
;Gal-3,35 kDa lectin,Carbohydrate-binding protein 35,CBP 35,Galactose-specific lectin 3,Galactoside-binding protein,GALBP,IgE-binding protein,L-31,Laminin-binding protein,Lectin L-29,Mac-2 antigen
;
# 
_entity_poly.entity_id                      1 
_entity_poly.type                           'polypeptide(L)' 
_entity_poly.nstd_linkage                   no 
_entity_poly.nstd_monomer                   no 
_entity_poly.pdbx_seq_one_letter_code       
;MGSSHNHNHNHNHNHNDYDIPTTENLYFQGSPYGAPAGPLIVPYNLPLPGGVVPRMLITILGTVKPNANRIALDFQRGND
VAFHFNPRFNENNRRVIVCNTKLDNNWGREERQSVFPFESGKPFKIQVLVEPDHFKVAVNDAHLLQYNHRVKKLNEISKL
GISGDIDLTSASYTMI
;
_entity_poly.pdbx_seq_one_letter_code_can   
;MGSSHNHNHNHNHNHNDYDIPTTENLYFQGSPYGAPAGPLIVPYNLPLPGGVVPRMLITILGTVKPNANRIALDFQRGND
VAFHFNPRFNENNRRVIVCNTKLDNNWGREERQSVFPFESGKPFKIQVLVEPDHFKVAVNDAHLLQYNHRVKKLNEISKL
GISGDIDLTSASYTMI
;
_entity_poly.pdbx_strand_id                 A 
_entity_poly.pdbx_target_identifier         ? 
# 
loop_
_pdbx_entity_nonpoly.entity_id 
_pdbx_entity_nonpoly.name 
_pdbx_entity_nonpoly.comp_id 
2 
;~{N}-[(2~{R},3~{R},4~{R},5~{S},6~{R})-2-acetamido-6-(hydroxymethyl)-5-[(2~{S},3~{R},4~{S},5~{S},6~{R})-6-(hydroxymethyl)-4-[(3-methoxyphenyl)methoxy]-3,5-bis(oxidanyl)oxan-2-yl]oxy-4-oxidanyl-oxan-3-yl]-3-methoxy-benzamide
;
8VT 
3 water HOH 
# 
loop_
_entity_poly_seq.entity_id 
_entity_poly_seq.num 
_entity_poly_seq.mon_id 
_entity_poly_seq.hetero 
1 1   MET n 
1 2   GLY n 
1 3   SER n 
1 4   SER n 
1 5   HIS n 
1 6   ASN n 
1 7   HIS n 
1 8   ASN n 
1 9   HIS n 
1 10  ASN n 
1 11  HIS n 
1 12  ASN n 
1 13  HIS n 
1 14  ASN n 
1 15  HIS n 
1 16  ASN n 
1 17  ASP n 
1 18  TYR n 
1 19  ASP n 
1 20  ILE n 
1 21  PRO n 
1 22  THR n 
1 23  THR n 
1 24  GLU n 
1 25  ASN n 
1 26  LEU n 
1 27  TYR n 
1 28  PHE n 
1 29  GLN n 
1 30  GLY n 
1 31  SER n 
1 32  PRO n 
1 33  TYR n 
1 34  GLY n 
1 35  ALA n 
1 36  PRO n 
1 37  ALA n 
1 38  GLY n 
1 39  PRO n 
1 40  LEU n 
1 41  ILE n 
1 42  VAL n 
1 43  PRO n 
1 44  TYR n 
1 45  ASN n 
1 46  LEU n 
1 47  PRO n 
1 48  LEU n 
1 49  PRO n 
1 50  GLY n 
1 51  GLY n 
1 52  VAL n 
1 53  VAL n 
1 54  PRO n 
1 55  ARG n 
1 56  MET n 
1 57  LEU n 
1 58  ILE n 
1 59  THR n 
1 60  ILE n 
1 61  LEU n 
1 62  GLY n 
1 63  THR n 
1 64  VAL n 
1 65  LYS n 
1 66  PRO n 
1 67  ASN n 
1 68  ALA n 
1 69  ASN n 
1 70  ARG n 
1 71  ILE n 
1 72  ALA n 
1 73  LEU n 
1 74  ASP n 
1 75  PHE n 
1 76  GLN n 
1 77  ARG n 
1 78  GLY n 
1 79  ASN n 
1 80  ASP n 
1 81  VAL n 
1 82  ALA n 
1 83  PHE n 
1 84  HIS n 
1 85  PHE n 
1 86  ASN n 
1 87  PRO n 
1 88  ARG n 
1 89  PHE n 
1 90  ASN n 
1 91  GLU n 
1 92  ASN n 
1 93  ASN n 
1 94  ARG n 
1 95  ARG n 
1 96  VAL n 
1 97  ILE n 
1 98  VAL n 
1 99  CYS n 
1 100 ASN n 
1 101 THR n 
1 102 LYS n 
1 103 LEU n 
1 104 ASP n 
1 105 ASN n 
1 106 ASN n 
1 107 TRP n 
1 108 GLY n 
1 109 ARG n 
1 110 GLU n 
1 111 GLU n 
1 112 ARG n 
1 113 GLN n 
1 114 SER n 
1 115 VAL n 
1 116 PHE n 
1 117 PRO n 
1 118 PHE n 
1 119 GLU n 
1 120 SER n 
1 121 GLY n 
1 122 LYS n 
1 123 PRO n 
1 124 PHE n 
1 125 LYS n 
1 126 ILE n 
1 127 GLN n 
1 128 VAL n 
1 129 LEU n 
1 130 VAL n 
1 131 GLU n 
1 132 PRO n 
1 133 ASP n 
1 134 HIS n 
1 135 PHE n 
1 136 LYS n 
1 137 VAL n 
1 138 ALA n 
1 139 VAL n 
1 140 ASN n 
1 141 ASP n 
1 142 ALA n 
1 143 HIS n 
1 144 LEU n 
1 145 LEU n 
1 146 GLN n 
1 147 TYR n 
1 148 ASN n 
1 149 HIS n 
1 150 ARG n 
1 151 VAL n 
1 152 LYS n 
1 153 LYS n 
1 154 LEU n 
1 155 ASN n 
1 156 GLU n 
1 157 ILE n 
1 158 SER n 
1 159 LYS n 
1 160 LEU n 
1 161 GLY n 
1 162 ILE n 
1 163 SER n 
1 164 GLY n 
1 165 ASP n 
1 166 ILE n 
1 167 ASP n 
1 168 LEU n 
1 169 THR n 
1 170 SER n 
1 171 ALA n 
1 172 SER n 
1 173 TYR n 
1 174 THR n 
1 175 MET n 
1 176 ILE n 
# 
_entity_src_gen.entity_id                          1 
_entity_src_gen.pdbx_src_id                        1 
_entity_src_gen.pdbx_alt_source_flag               sample 
_entity_src_gen.pdbx_seq_type                      'Biological sequence' 
_entity_src_gen.pdbx_beg_seq_num                   1 
_entity_src_gen.pdbx_end_seq_num                   176 
_entity_src_gen.gene_src_common_name               Human 
_entity_src_gen.gene_src_genus                     ? 
_entity_src_gen.pdbx_gene_src_gene                 'LGALS3, MAC2' 
_entity_src_gen.gene_src_species                   ? 
_entity_src_gen.gene_src_strain                    ? 
_entity_src_gen.gene_src_tissue                    ? 
_entity_src_gen.gene_src_tissue_fraction           ? 
_entity_src_gen.gene_src_details                   ? 
_entity_src_gen.pdbx_gene_src_fragment             ? 
_entity_src_gen.pdbx_gene_src_scientific_name      'Homo sapiens' 
_entity_src_gen.pdbx_gene_src_ncbi_taxonomy_id     9606 
_entity_src_gen.pdbx_gene_src_variant              ? 
_entity_src_gen.pdbx_gene_src_cell_line            ? 
_entity_src_gen.pdbx_gene_src_atcc                 ? 
_entity_src_gen.pdbx_gene_src_organ                ? 
_entity_src_gen.pdbx_gene_src_organelle            ? 
_entity_src_gen.pdbx_gene_src_cell                 ? 
_entity_src_gen.pdbx_gene_src_cellular_location    ? 
_entity_src_gen.host_org_common_name               ? 
_entity_src_gen.pdbx_host_org_scientific_name      'Escherichia coli' 
_entity_src_gen.pdbx_host_org_ncbi_taxonomy_id     562 
_entity_src_gen.host_org_genus                     ? 
_entity_src_gen.pdbx_host_org_gene                 ? 
_entity_src_gen.pdbx_host_org_organ                ? 
_entity_src_gen.host_org_species                   ? 
_entity_src_gen.pdbx_host_org_tissue               ? 
_entity_src_gen.pdbx_host_org_tissue_fraction      ? 
_entity_src_gen.pdbx_host_org_strain               ? 
_entity_src_gen.pdbx_host_org_variant              ? 
_entity_src_gen.pdbx_host_org_cell_line            ? 
_entity_src_gen.pdbx_host_org_atcc                 ? 
_entity_src_gen.pdbx_host_org_culture_collection   ? 
_entity_src_gen.pdbx_host_org_cell                 ? 
_entity_src_gen.pdbx_host_org_organelle            ? 
_entity_src_gen.pdbx_host_org_cellular_location    ? 
_entity_src_gen.pdbx_host_org_vector_type          ? 
_entity_src_gen.pdbx_host_org_vector               ? 
_entity_src_gen.host_org_details                   ? 
_entity_src_gen.expression_system_id               ? 
_entity_src_gen.plasmid_name                       ? 
_entity_src_gen.plasmid_details                    ? 
_entity_src_gen.pdbx_description                   ? 
# 
loop_
_chem_comp.id 
_chem_comp.type 
_chem_comp.mon_nstd_flag 
_chem_comp.name 
_chem_comp.pdbx_synonyms 
_chem_comp.formula 
_chem_comp.formula_weight 
8VT non-polymer         . 
;~{N}-[(2~{R},3~{R},4~{R},5~{S},6~{R})-2-acetamido-6-(hydroxymethyl)-5-[(2~{S},3~{R},4~{S},5~{S},6~{R})-6-(hydroxymethyl)-4-[(3-methoxyphenyl)methoxy]-3,5-bis(oxidanyl)oxan-2-yl]oxy-4-oxidanyl-oxan-3-yl]-3-methoxy-benzamide
;
? 'C30 H40 N2 O13' 636.644 
ALA 'L-peptide linking' y ALANINE ? 'C3 H7 N O2'     89.093  
ARG 'L-peptide linking' y ARGININE ? 'C6 H15 N4 O2 1' 175.209 
ASN 'L-peptide linking' y ASPARAGINE ? 'C4 H8 N2 O3'    132.118 
ASP 'L-peptide linking' y 'ASPARTIC ACID' ? 'C4 H7 N O4'     133.103 
CYS 'L-peptide linking' y CYSTEINE ? 'C3 H7 N O2 S'   121.158 
GLN 'L-peptide linking' y GLUTAMINE ? 'C5 H10 N2 O3'   146.144 
GLU 'L-peptide linking' y 'GLUTAMIC ACID' ? 'C5 H9 N O4'     147.129 
GLY 'peptide linking'   y GLYCINE ? 'C2 H5 N O2'     75.067  
HIS 'L-peptide linking' y HISTIDINE ? 'C6 H10 N3 O2 1' 156.162 
HOH non-polymer         . WATER ? 'H2 O'           18.015  
ILE 'L-peptide linking' y ISOLEUCINE ? 'C6 H13 N O2'    131.173 
LEU 'L-peptide linking' y LEUCINE ? 'C6 H13 N O2'    131.173 
LYS 'L-peptide linking' y LYSINE ? 'C6 H15 N2 O2 1' 147.195 
MET 'L-peptide linking' y METHIONINE ? 'C5 H11 N O2 S'  149.211 
PHE 'L-peptide linking' y PHENYLALANINE ? 'C9 H11 N O2'    165.189 
PRO 'L-peptide linking' y PROLINE ? 'C5 H9 N O2'     115.130 
SER 'L-peptide linking' y SERINE ? 'C3 H7 N O3'     105.093 
THR 'L-peptide linking' y THREONINE ? 'C4 H9 N O3'     119.119 
TRP 'L-peptide linking' y TRYPTOPHAN ? 'C11 H12 N2 O2'  204.225 
TYR 'L-peptide linking' y TYROSINE ? 'C9 H11 N O3'    181.189 
VAL 'L-peptide linking' y VALINE ? 'C5 H11 N O2'    117.146 
# 
loop_
_pdbx_poly_seq_scheme.asym_id 
_pdbx_poly_seq_scheme.entity_id 
_pdbx_poly_seq_scheme.seq_id 
_pdbx_poly_seq_scheme.mon_id 
_pdbx_poly_seq_scheme.ndb_seq_num 
_pdbx_poly_seq_scheme.pdb_seq_num 
_pdbx_poly_seq_scheme.auth_seq_num 
_pdbx_poly_seq_scheme.pdb_mon_id 
_pdbx_poly_seq_scheme.auth_mon_id 
_pdbx_poly_seq_scheme.pdb_strand_id 
_pdbx_poly_seq_scheme.pdb_ins_code 
_pdbx_poly_seq_scheme.hetero 
A 1 1   MET 1   75  ?   ?   ?   A . n 
A 1 2   GLY 2   76  ?   ?   ?   A . n 
A 1 3   SER 3   77  ?   ?   ?   A . n 
A 1 4   SER 4   78  ?   ?   ?   A . n 
A 1 5   HIS 5   79  ?   ?   ?   A . n 
A 1 6   ASN 6   80  ?   ?   ?   A . n 
A 1 7   HIS 7   81  ?   ?   ?   A . n 
A 1 8   ASN 8   82  ?   ?   ?   A . n 
A 1 9   HIS 9   83  ?   ?   ?   A . n 
A 1 10  ASN 10  84  ?   ?   ?   A . n 
A 1 11  HIS 11  85  ?   ?   ?   A . n 
A 1 12  ASN 12  86  ?   ?   ?   A . n 
A 1 13  HIS 13  87  ?   ?   ?   A . n 
A 1 14  ASN 14  88  ?   ?   ?   A . n 
A 1 15  HIS 15  89  ?   ?   ?   A . n 
A 1 16  ASN 16  90  ?   ?   ?   A . n 
A 1 17  ASP 17  91  ?   ?   ?   A . n 
A 1 18  TYR 18  92  ?   ?   ?   A . n 
A 1 19  ASP 19  93  ?   ?   ?   A . n 
A 1 20  ILE 20  94  ?   ?   ?   A . n 
A 1 21  PRO 21  95  ?   ?   ?   A . n 
A 1 22  THR 22  96  ?   ?   ?   A . n 
A 1 23  THR 23  97  ?   ?   ?   A . n 
A 1 24  GLU 24  98  ?   ?   ?   A . n 
A 1 25  ASN 25  99  ?   ?   ?   A . n 
A 1 26  LEU 26  100 ?   ?   ?   A . n 
A 1 27  TYR 27  101 ?   ?   ?   A . n 
A 1 28  PHE 28  102 ?   ?   ?   A . n 
A 1 29  GLN 29  103 ?   ?   ?   A . n 
A 1 30  GLY 30  104 ?   ?   ?   A . n 
A 1 31  SER 31  105 ?   ?   ?   A . n 
A 1 32  PRO 32  106 ?   ?   ?   A . n 
A 1 33  TYR 33  107 ?   ?   ?   A . n 
A 1 34  GLY 34  108 ?   ?   ?   A . n 
A 1 35  ALA 35  109 ?   ?   ?   A . n 
A 1 36  PRO 36  110 ?   ?   ?   A . n 
A 1 37  ALA 37  111 ?   ?   ?   A . n 
A 1 38  GLY 38  112 ?   ?   ?   A . n 
A 1 39  PRO 39  113 113 PRO PRO A . n 
A 1 40  LEU 40  114 114 LEU LEU A . n 
A 1 41  ILE 41  115 115 ILE ILE A . n 
A 1 42  VAL 42  116 116 VAL VAL A . n 
A 1 43  PRO 43  117 117 PRO PRO A . n 
A 1 44  TYR 44  118 118 TYR TYR A . n 
A 1 45  ASN 45  119 119 ASN ASN A . n 
A 1 46  LEU 46  120 120 LEU LEU A . n 
A 1 47  PRO 47  121 121 PRO PRO A . n 
A 1 48  LEU 48  122 122 LEU LEU A . n 
A 1 49  PRO 49  123 123 PRO PRO A . n 
A 1 50  GLY 50  124 124 GLY GLY A . n 
A 1 51  GLY 51  125 125 GLY GLY A . n 
A 1 52  VAL 52  126 126 VAL VAL A . n 
A 1 53  VAL 53  127 127 VAL VAL A . n 
A 1 54  PRO 54  128 128 PRO PRO A . n 
A 1 55  ARG 55  129 129 ARG ARG A . n 
A 1 56  MET 56  130 130 MET MET A . n 
A 1 57  LEU 57  131 131 LEU LEU A . n 
A 1 58  ILE 58  132 132 ILE ILE A . n 
A 1 59  THR 59  133 133 THR THR A . n 
A 1 60  ILE 60  134 134 ILE ILE A . n 
A 1 61  LEU 61  135 135 LEU LEU A . n 
A 1 62  GLY 62  136 136 GLY GLY A . n 
A 1 63  THR 63  137 137 THR THR A . n 
A 1 64  VAL 64  138 138 VAL VAL A . n 
A 1 65  LYS 65  139 139 LYS LYS A . n 
A 1 66  PRO 66  140 140 PRO PRO A . n 
A 1 67  ASN 67  141 141 ASN ASN A . n 
A 1 68  ALA 68  142 142 ALA ALA A . n 
A 1 69  ASN 69  143 143 ASN ASN A . n 
A 1 70  ARG 70  144 144 ARG ARG A . n 
A 1 71  ILE 71  145 145 ILE ILE A . n 
A 1 72  ALA 72  146 146 ALA ALA A . n 
A 1 73  LEU 73  147 147 LEU LEU A . n 
A 1 74  ASP 74  148 148 ASP ASP A . n 
A 1 75  PHE 75  149 149 PHE PHE A . n 
A 1 76  GLN 76  150 150 GLN GLN A . n 
A 1 77  ARG 77  151 151 ARG ARG A . n 
A 1 78  GLY 78  152 152 GLY GLY A . n 
A 1 79  ASN 79  153 153 ASN ASN A . n 
A 1 80  ASP 80  154 154 ASP ASP A . n 
A 1 81  VAL 81  155 155 VAL VAL A . n 
A 1 82  ALA 82  156 156 ALA ALA A . n 
A 1 83  PHE 83  157 157 PHE PHE A . n 
A 1 84  HIS 84  158 158 HIS HIS A . n 
A 1 85  PHE 85  159 159 PHE PHE A . n 
A 1 86  ASN 86  160 160 ASN ASN A . n 
A 1 87  PRO 87  161 161 PRO PRO A . n 
A 1 88  ARG 88  162 162 ARG ARG A . n 
A 1 89  PHE 89  163 163 PHE PHE A . n 
A 1 90  ASN 90  164 164 ASN ASN A . n 
A 1 91  GLU 91  165 165 GLU GLU A . n 
A 1 92  ASN 92  166 166 ASN ASN A . n 
A 1 93  ASN 93  167 167 ASN ASN A . n 
A 1 94  ARG 94  168 168 ARG ARG A . n 
A 1 95  ARG 95  169 169 ARG ARG A . n 
A 1 96  VAL 96  170 170 VAL VAL A . n 
A 1 97  ILE 97  171 171 ILE ILE A . n 
A 1 98  VAL 98  172 172 VAL VAL A . n 
A 1 99  CYS 99  173 173 CYS CYS A . n 
A 1 100 ASN 100 174 174 ASN ASN A . n 
A 1 101 THR 101 175 175 THR THR A . n 
A 1 102 LYS 102 176 176 LYS LYS A . n 
A 1 103 LEU 103 177 177 LEU LEU A . n 
A 1 104 ASP 104 178 178 ASP ASP A . n 
A 1 105 ASN 105 179 179 ASN ASN A . n 
A 1 106 ASN 106 180 180 ASN ASN A . n 
A 1 107 TRP 107 181 181 TRP TRP A . n 
A 1 108 GLY 108 182 182 GLY GLY A . n 
A 1 109 ARG 109 183 183 ARG ARG A . n 
A 1 110 GLU 110 184 184 GLU GLU A . n 
A 1 111 GLU 111 185 185 GLU GLU A . n 
A 1 112 ARG 112 186 186 ARG ARG A . n 
A 1 113 GLN 113 187 187 GLN GLN A . n 
A 1 114 SER 114 188 188 SER SER A . n 
A 1 115 VAL 115 189 189 VAL VAL A . n 
A 1 116 PHE 116 190 190 PHE PHE A . n 
A 1 117 PRO 117 191 191 PRO PRO A . n 
A 1 118 PHE 118 192 192 PHE PHE A . n 
A 1 119 GLU 119 193 193 GLU GLU A . n 
A 1 120 SER 120 194 194 SER SER A . n 
A 1 121 GLY 121 195 195 GLY GLY A . n 
A 1 122 LYS 122 196 196 LYS LYS A . n 
A 1 123 PRO 123 197 197 PRO PRO A . n 
A 1 124 PHE 124 198 198 PHE PHE A . n 
A 1 125 LYS 125 199 199 LYS LYS A . n 
A 1 126 ILE 126 200 200 ILE ILE A . n 
A 1 127 GLN 127 201 201 GLN GLN A . n 
A 1 128 VAL 128 202 202 VAL VAL A . n 
A 1 129 LEU 129 203 203 LEU LEU A . n 
A 1 130 VAL 130 204 204 VAL VAL A . n 
A 1 131 GLU 131 205 205 GLU GLU A . n 
A 1 132 PRO 132 206 206 PRO PRO A . n 
A 1 133 ASP 133 207 207 ASP ASP A . n 
A 1 134 HIS 134 208 208 HIS HIS A . n 
A 1 135 PHE 135 209 209 PHE PHE A . n 
A 1 136 LYS 136 210 210 LYS LYS A . n 
A 1 137 VAL 137 211 211 VAL VAL A . n 
A 1 138 ALA 138 212 212 ALA ALA A . n 
A 1 139 VAL 139 213 213 VAL VAL A . n 
A 1 140 ASN 140 214 214 ASN ASN A . n 
A 1 141 ASP 141 215 215 ASP ASP A . n 
A 1 142 ALA 142 216 216 ALA ALA A . n 
A 1 143 HIS 143 217 217 HIS HIS A . n 
A 1 144 LEU 144 218 218 LEU LEU A . n 
A 1 145 LEU 145 219 219 LEU LEU A . n 
A 1 146 GLN 146 220 220 GLN GLN A . n 
A 1 147 TYR 147 221 221 TYR TYR A . n 
A 1 148 ASN 148 222 222 ASN ASN A . n 
A 1 149 HIS 149 223 223 HIS HIS A . n 
A 1 150 ARG 150 224 224 ARG ARG A . n 
A 1 151 VAL 151 225 225 VAL VAL A . n 
A 1 152 LYS 152 226 226 LYS LYS A . n 
A 1 153 LYS 153 227 227 LYS LYS A . n 
A 1 154 LEU 154 228 228 LEU LEU A . n 
A 1 155 ASN 155 229 229 ASN ASN A . n 
A 1 156 GLU 156 230 230 GLU GLU A . n 
A 1 157 ILE 157 231 231 ILE ILE A . n 
A 1 158 SER 158 232 232 SER SER A . n 
A 1 159 LYS 159 233 233 LYS LYS A . n 
A 1 160 LEU 160 234 234 LEU LEU A . n 
A 1 161 GLY 161 235 235 GLY GLY A . n 
A 1 162 ILE 162 236 236 ILE ILE A . n 
A 1 163 SER 163 237 237 SER SER A . n 
A 1 164 GLY 164 238 238 GLY GLY A . n 
A 1 165 ASP 165 239 239 ASP ASP A . n 
A 1 166 ILE 166 240 240 ILE ILE A . n 
A 1 167 ASP 167 241 241 ASP ASP A . n 
A 1 168 LEU 168 242 242 LEU LEU A . n 
A 1 169 THR 169 243 243 THR THR A . n 
A 1 170 SER 170 244 244 SER SER A . n 
A 1 171 ALA 171 245 245 ALA ALA A . n 
A 1 172 SER 172 246 246 SER SER A . n 
A 1 173 TYR 173 247 247 TYR TYR A . n 
A 1 174 THR 174 248 248 THR THR A . n 
A 1 175 MET 175 249 249 MET MET A . n 
A 1 176 ILE 176 250 250 ILE ILE A . n 
# 
loop_
_pdbx_nonpoly_scheme.asym_id 
_pdbx_nonpoly_scheme.entity_id 
_pdbx_nonpoly_scheme.mon_id 
_pdbx_nonpoly_scheme.ndb_seq_num 
_pdbx_nonpoly_scheme.pdb_seq_num 
_pdbx_nonpoly_scheme.auth_seq_num 
_pdbx_nonpoly_scheme.pdb_mon_id 
_pdbx_nonpoly_scheme.auth_mon_id 
_pdbx_nonpoly_scheme.pdb_strand_id 
_pdbx_nonpoly_scheme.pdb_ins_code 
B 2 8VT 1   301 1   8VT Lg4 A . 
C 3 HOH 1   401 117 HOH HOH A . 
C 3 HOH 2   402 75  HOH HOH A . 
C 3 HOH 3   403 49  HOH HOH A . 
C 3 HOH 4   404 23  HOH HOH A . 
C 3 HOH 5   405 111 HOH HOH A . 
C 3 HOH 6   406 96  HOH HOH A . 
C 3 HOH 7   407 88  HOH HOH A . 
C 3 HOH 8   408 9   HOH HOH A . 
C 3 HOH 9   409 82  HOH HOH A . 
C 3 HOH 10  410 94  HOH HOH A . 
C 3 HOH 11  411 18  HOH HOH A . 
C 3 HOH 12  412 90  HOH HOH A . 
C 3 HOH 13  413 51  HOH HOH A . 
C 3 HOH 14  414 43  HOH HOH A . 
C 3 HOH 15  415 74  HOH HOH A . 
C 3 HOH 16  416 41  HOH HOH A . 
C 3 HOH 17  417 87  HOH HOH A . 
C 3 HOH 18  418 114 HOH HOH A . 
C 3 HOH 19  419 58  HOH HOH A . 
C 3 HOH 20  420 35  HOH HOH A . 
C 3 HOH 21  421 10  HOH HOH A . 
C 3 HOH 22  422 1   HOH HOH A . 
C 3 HOH 23  423 34  HOH HOH A . 
C 3 HOH 24  424 92  HOH HOH A . 
C 3 HOH 25  425 95  HOH HOH A . 
C 3 HOH 26  426 59  HOH HOH A . 
C 3 HOH 27  427 110 HOH HOH A . 
C 3 HOH 28  428 55  HOH HOH A . 
C 3 HOH 29  429 44  HOH HOH A . 
C 3 HOH 30  430 26  HOH HOH A . 
C 3 HOH 31  431 16  HOH HOH A . 
C 3 HOH 32  432 54  HOH HOH A . 
C 3 HOH 33  433 39  HOH HOH A . 
C 3 HOH 34  434 77  HOH HOH A . 
C 3 HOH 35  435 83  HOH HOH A . 
C 3 HOH 36  436 65  HOH HOH A . 
C 3 HOH 37  437 113 HOH HOH A . 
C 3 HOH 38  438 13  HOH HOH A . 
C 3 HOH 39  439 32  HOH HOH A . 
C 3 HOH 40  440 112 HOH HOH A . 
C 3 HOH 41  441 99  HOH HOH A . 
C 3 HOH 42  442 3   HOH HOH A . 
C 3 HOH 43  443 86  HOH HOH A . 
C 3 HOH 44  444 7   HOH HOH A . 
C 3 HOH 45  445 46  HOH HOH A . 
C 3 HOH 46  446 67  HOH HOH A . 
C 3 HOH 47  447 45  HOH HOH A . 
C 3 HOH 48  448 12  HOH HOH A . 
C 3 HOH 49  449 60  HOH HOH A . 
C 3 HOH 50  450 24  HOH HOH A . 
C 3 HOH 51  451 107 HOH HOH A . 
C 3 HOH 52  452 66  HOH HOH A . 
C 3 HOH 53  453 38  HOH HOH A . 
C 3 HOH 54  454 5   HOH HOH A . 
C 3 HOH 55  455 6   HOH HOH A . 
C 3 HOH 56  456 30  HOH HOH A . 
C 3 HOH 57  457 8   HOH HOH A . 
C 3 HOH 58  458 100 HOH HOH A . 
C 3 HOH 59  459 102 HOH HOH A . 
C 3 HOH 60  460 73  HOH HOH A . 
C 3 HOH 61  461 29  HOH HOH A . 
C 3 HOH 62  462 37  HOH HOH A . 
C 3 HOH 63  463 40  HOH HOH A . 
C 3 HOH 64  464 53  HOH HOH A . 
C 3 HOH 65  465 70  HOH HOH A . 
C 3 HOH 66  466 33  HOH HOH A . 
C 3 HOH 67  467 78  HOH HOH A . 
C 3 HOH 68  468 52  HOH HOH A . 
C 3 HOH 69  469 81  HOH HOH A . 
C 3 HOH 70  470 63  HOH HOH A . 
C 3 HOH 71  471 48  HOH HOH A . 
C 3 HOH 72  472 25  HOH HOH A . 
C 3 HOH 73  473 22  HOH HOH A . 
C 3 HOH 74  474 108 HOH HOH A . 
C 3 HOH 75  475 69  HOH HOH A . 
C 3 HOH 76  476 36  HOH HOH A . 
C 3 HOH 77  477 80  HOH HOH A . 
C 3 HOH 78  478 47  HOH HOH A . 
C 3 HOH 79  479 91  HOH HOH A . 
C 3 HOH 80  480 61  HOH HOH A . 
C 3 HOH 81  481 19  HOH HOH A . 
C 3 HOH 82  482 62  HOH HOH A . 
C 3 HOH 83  483 85  HOH HOH A . 
C 3 HOH 84  484 76  HOH HOH A . 
C 3 HOH 85  485 27  HOH HOH A . 
C 3 HOH 86  486 98  HOH HOH A . 
C 3 HOH 87  487 56  HOH HOH A . 
C 3 HOH 88  488 17  HOH HOH A . 
C 3 HOH 89  489 2   HOH HOH A . 
C 3 HOH 90  490 115 HOH HOH A . 
C 3 HOH 91  491 68  HOH HOH A . 
C 3 HOH 92  492 50  HOH HOH A . 
C 3 HOH 93  493 31  HOH HOH A . 
C 3 HOH 94  494 64  HOH HOH A . 
C 3 HOH 95  495 79  HOH HOH A . 
C 3 HOH 96  496 72  HOH HOH A . 
C 3 HOH 97  497 20  HOH HOH A . 
C 3 HOH 98  498 14  HOH HOH A . 
C 3 HOH 99  499 21  HOH HOH A . 
C 3 HOH 100 500 42  HOH HOH A . 
C 3 HOH 101 501 97  HOH HOH A . 
C 3 HOH 102 502 84  HOH HOH A . 
C 3 HOH 103 503 4   HOH HOH A . 
C 3 HOH 104 504 15  HOH HOH A . 
C 3 HOH 105 505 28  HOH HOH A . 
C 3 HOH 106 506 101 HOH HOH A . 
C 3 HOH 107 507 11  HOH HOH A . 
C 3 HOH 108 508 104 HOH HOH A . 
C 3 HOH 109 509 71  HOH HOH A . 
C 3 HOH 110 510 106 HOH HOH A . 
C 3 HOH 111 511 103 HOH HOH A . 
C 3 HOH 112 512 89  HOH HOH A . 
C 3 HOH 113 513 109 HOH HOH A . 
C 3 HOH 114 514 118 HOH HOH A . 
C 3 HOH 115 515 105 HOH HOH A . 
C 3 HOH 116 516 93  HOH HOH A . 
C 3 HOH 117 517 116 HOH HOH A . 
C 3 HOH 118 518 57  HOH HOH A . 
# 
loop_
_software.citation_id 
_software.classification 
_software.compiler_name 
_software.compiler_version 
_software.contact_author 
_software.contact_author_email 
_software.date 
_software.description 
_software.dependencies 
_software.hardware 
_software.language 
_software.location 
_software.mods 
_software.name 
_software.os 
_software.os_version 
_software.type 
_software.version 
_software.pdbx_ordinal 
? refinement       ? ? ? ? ? ? ? ? ? ? ? REFMAC ? ? ? 5.8.0073 1 
? 'data reduction' ? ? ? ? ? ? ? ? ? ? ? XDS    ? ? ? .        2 
? 'data scaling'   ? ? ? ? ? ? ? ? ? ? ? XDS    ? ? ? .        3 
? phasing          ? ? ? ? ? ? ? ? ? ? ? PHASER ? ? ? .        4 
# 
_cell.angle_alpha                  90.00 
_cell.angle_alpha_esd              ? 
_cell.angle_beta                   90.00 
_cell.angle_beta_esd               ? 
_cell.angle_gamma                  90.00 
_cell.angle_gamma_esd              ? 
_cell.entry_id                     5NFB 
_cell.details                      ? 
_cell.formula_units_Z              ? 
_cell.length_a                     36.240 
_cell.length_a_esd                 ? 
_cell.length_b                     57.950 
_cell.length_b_esd                 ? 
_cell.length_c                     62.580 
_cell.length_c_esd                 ? 
_cell.volume                       ? 
_cell.volume_esd                   ? 
_cell.Z_PDB                        4 
_cell.reciprocal_angle_alpha       ? 
_cell.reciprocal_angle_beta        ? 
_cell.reciprocal_angle_gamma       ? 
_cell.reciprocal_angle_alpha_esd   ? 
_cell.reciprocal_angle_beta_esd    ? 
_cell.reciprocal_angle_gamma_esd   ? 
_cell.reciprocal_length_a          ? 
_cell.reciprocal_length_b          ? 
_cell.reciprocal_length_c          ? 
_cell.reciprocal_length_a_esd      ? 
_cell.reciprocal_length_b_esd      ? 
_cell.reciprocal_length_c_esd      ? 
_cell.pdbx_unique_axis             ? 
# 
_symmetry.entry_id                         5NFB 
_symmetry.cell_setting                     ? 
_symmetry.Int_Tables_number                19 
_symmetry.space_group_name_Hall            ? 
_symmetry.space_group_name_H-M             'P 21 21 21' 
_symmetry.pdbx_full_space_group_name_H-M   ? 
# 
_exptl.absorpt_coefficient_mu     ? 
_exptl.absorpt_correction_T_max   ? 
_exptl.absorpt_correction_T_min   ? 
_exptl.absorpt_correction_type    ? 
_exptl.absorpt_process_details    ? 
_exptl.entry_id                   5NFB 
_exptl.crystals_number            1 
_exptl.details                    ? 
_exptl.method                     'X-RAY DIFFRACTION' 
_exptl.method_details             ? 
# 
_exptl_crystal.colour                      ? 
_exptl_crystal.density_diffrn              ? 
_exptl_crystal.density_Matthews            ? 
_exptl_crystal.density_method              ? 
_exptl_crystal.density_percent_sol         25.37 
_exptl_crystal.description                 ? 
_exptl_crystal.F_000                       ? 
_exptl_crystal.id                          1 
_exptl_crystal.preparation                 ? 
_exptl_crystal.size_max                    ? 
_exptl_crystal.size_mid                    ? 
_exptl_crystal.size_min                    ? 
_exptl_crystal.size_rad                    ? 
_exptl_crystal.colour_lustre               ? 
_exptl_crystal.colour_modifier             ? 
_exptl_crystal.colour_primary              ? 
_exptl_crystal.density_meas                ? 
_exptl_crystal.density_meas_esd            ? 
_exptl_crystal.density_meas_gt             ? 
_exptl_crystal.density_meas_lt             ? 
_exptl_crystal.density_meas_temp           ? 
_exptl_crystal.density_meas_temp_esd       ? 
_exptl_crystal.density_meas_temp_gt        ? 
_exptl_crystal.density_meas_temp_lt        ? 
_exptl_crystal.pdbx_crystal_image_url      ? 
_exptl_crystal.pdbx_crystal_image_format   ? 
_exptl_crystal.pdbx_mosaicity              ? 
_exptl_crystal.pdbx_mosaicity_esd          ? 
# 
_exptl_crystal_grow.apparatus       ? 
_exptl_crystal_grow.atmosphere      ? 
_exptl_crystal_grow.crystal_id      1 
_exptl_crystal_grow.details         ? 
_exptl_crystal_grow.method          'VAPOR DIFFUSION, HANGING DROP' 
_exptl_crystal_grow.method_ref      ? 
_exptl_crystal_grow.pH              7.5 
_exptl_crystal_grow.pressure        ? 
_exptl_crystal_grow.pressure_esd    ? 
_exptl_crystal_grow.seeding         ? 
_exptl_crystal_grow.seeding_ref     ? 
_exptl_crystal_grow.temp            277 
_exptl_crystal_grow.temp_details    ? 
_exptl_crystal_grow.temp_esd        ? 
_exptl_crystal_grow.time            ? 
_exptl_crystal_grow.pdbx_details    '100mM Tris HCl pH7.5; 30-34% PEG4000; 100mM MgCl2; 400mM NaSCN; 8mM beta-mercaptoethanol' 
_exptl_crystal_grow.pdbx_pH_range   ? 
# 
_diffrn.ambient_environment    ? 
_diffrn.ambient_temp           100 
_diffrn.ambient_temp_details   ? 
_diffrn.ambient_temp_esd       ? 
_diffrn.crystal_id             1 
_diffrn.crystal_support        ? 
_diffrn.crystal_treatment      ? 
_diffrn.details                ? 
_diffrn.id                     1 
_diffrn.ambient_pressure       ? 
_diffrn.ambient_pressure_esd   ? 
_diffrn.ambient_pressure_gt    ? 
_diffrn.ambient_pressure_lt    ? 
_diffrn.ambient_temp_gt        ? 
_diffrn.ambient_temp_lt        ? 
# 
_diffrn_detector.details                      ? 
_diffrn_detector.detector                     PIXEL 
_diffrn_detector.diffrn_id                    1 
_diffrn_detector.type                         'DECTRIS PILATUS 6M' 
_diffrn_detector.area_resol_mean              ? 
_diffrn_detector.dtime                        ? 
_diffrn_detector.pdbx_frames_total            ? 
_diffrn_detector.pdbx_collection_time_total   ? 
_diffrn_detector.pdbx_collection_date         2012-04-27 
# 
_diffrn_radiation.collimation                      ? 
_diffrn_radiation.diffrn_id                        1 
_diffrn_radiation.filter_edge                      ? 
_diffrn_radiation.inhomogeneity                    ? 
_diffrn_radiation.monochromator                    ? 
_diffrn_radiation.polarisn_norm                    ? 
_diffrn_radiation.polarisn_ratio                   ? 
_diffrn_radiation.probe                            ? 
_diffrn_radiation.type                             ? 
_diffrn_radiation.xray_symbol                      ? 
_diffrn_radiation.wavelength_id                    1 
_diffrn_radiation.pdbx_monochromatic_or_laue_m_l   M 
_diffrn_radiation.pdbx_wavelength_list             ? 
_diffrn_radiation.pdbx_wavelength                  ? 
_diffrn_radiation.pdbx_diffrn_protocol             'SINGLE WAVELENGTH' 
_diffrn_radiation.pdbx_analyzer                    ? 
_diffrn_radiation.pdbx_scattering_type             x-ray 
# 
_diffrn_radiation_wavelength.id           1 
_diffrn_radiation_wavelength.wavelength   0.980 
_diffrn_radiation_wavelength.wt           1.0 
# 
_diffrn_source.current                     ? 
_diffrn_source.details                     ? 
_diffrn_source.diffrn_id                   1 
_diffrn_source.power                       ? 
_diffrn_source.size                        ? 
_diffrn_source.source                      SYNCHROTRON 
_diffrn_source.target                      ? 
_diffrn_source.type                        'SOLEIL BEAMLINE PROXIMA 1' 
_diffrn_source.voltage                     ? 
_diffrn_source.take-off_angle              ? 
_diffrn_source.pdbx_wavelength_list        0.980 
_diffrn_source.pdbx_wavelength             ? 
_diffrn_source.pdbx_synchrotron_beamline   'PROXIMA 1' 
_diffrn_source.pdbx_synchrotron_site       SOLEIL 
# 
_reflns.B_iso_Wilson_estimate            ? 
_reflns.entry_id                         5NFB 
_reflns.data_reduction_details           ? 
_reflns.data_reduction_method            ? 
_reflns.d_resolution_high                1.59 
_reflns.d_resolution_low                 50 
_reflns.details                          ? 
_reflns.limit_h_max                      ? 
_reflns.limit_h_min                      ? 
_reflns.limit_k_max                      ? 
_reflns.limit_k_min                      ? 
_reflns.limit_l_max                      ? 
_reflns.limit_l_min                      ? 
_reflns.number_all                       ? 
_reflns.number_obs                       18338 
_reflns.observed_criterion               ? 
_reflns.observed_criterion_F_max         ? 
_reflns.observed_criterion_F_min         ? 
_reflns.observed_criterion_I_max         ? 
_reflns.observed_criterion_I_min         ? 
_reflns.observed_criterion_sigma_F       ? 
_reflns.observed_criterion_sigma_I       ? 
_reflns.percent_possible_obs             99.7 
_reflns.R_free_details                   ? 
_reflns.Rmerge_F_all                     ? 
_reflns.Rmerge_F_obs                     ? 
_reflns.Friedel_coverage                 ? 
_reflns.number_gt                        ? 
_reflns.threshold_expression             ? 
_reflns.pdbx_redundancy                  6.1 
_reflns.pdbx_Rmerge_I_obs                ? 
_reflns.pdbx_Rmerge_I_all                ? 
_reflns.pdbx_Rsym_value                  0.044 
_reflns.pdbx_netI_over_av_sigmaI         ? 
_reflns.pdbx_netI_over_sigmaI            26.52 
_reflns.pdbx_res_netI_over_av_sigmaI_2   ? 
_reflns.pdbx_res_netI_over_sigmaI_2      ? 
_reflns.pdbx_chi_squared                 ? 
_reflns.pdbx_scaling_rejects             ? 
_reflns.pdbx_d_res_high_opt              ? 
_reflns.pdbx_d_res_low_opt               ? 
_reflns.pdbx_d_res_opt_method            ? 
_reflns.phase_calculation_details        ? 
_reflns.pdbx_Rrim_I_all                  ? 
_reflns.pdbx_Rpim_I_all                  ? 
_reflns.pdbx_d_opt                       ? 
_reflns.pdbx_number_measured_all         ? 
_reflns.pdbx_diffrn_id                   1 
_reflns.pdbx_ordinal                     1 
_reflns.pdbx_CC_half                     ? 
_reflns.pdbx_R_split                     ? 
# 
_reflns_shell.d_res_high                  1.59 
_reflns_shell.d_res_low                   1.68 
_reflns_shell.meanI_over_sigI_all         ? 
_reflns_shell.meanI_over_sigI_obs         ? 
_reflns_shell.number_measured_all         ? 
_reflns_shell.number_measured_obs         ? 
_reflns_shell.number_possible             ? 
_reflns_shell.number_unique_all           ? 
_reflns_shell.number_unique_obs           ? 
_reflns_shell.percent_possible_all        ? 
_reflns_shell.percent_possible_obs        ? 
_reflns_shell.Rmerge_F_all                ? 
_reflns_shell.Rmerge_F_obs                ? 
_reflns_shell.Rmerge_I_all                ? 
_reflns_shell.Rmerge_I_obs                ? 
_reflns_shell.meanI_over_sigI_gt          ? 
_reflns_shell.meanI_over_uI_all           ? 
_reflns_shell.meanI_over_uI_gt            ? 
_reflns_shell.number_measured_gt          ? 
_reflns_shell.number_unique_gt            ? 
_reflns_shell.percent_possible_gt         ? 
_reflns_shell.Rmerge_F_gt                 ? 
_reflns_shell.Rmerge_I_gt                 ? 
_reflns_shell.pdbx_redundancy             ? 
_reflns_shell.pdbx_Rsym_value             0.096 
_reflns_shell.pdbx_chi_squared            ? 
_reflns_shell.pdbx_netI_over_sigmaI_all   ? 
_reflns_shell.pdbx_netI_over_sigmaI_obs   ? 
_reflns_shell.pdbx_Rrim_I_all             ? 
_reflns_shell.pdbx_Rpim_I_all             ? 
_reflns_shell.pdbx_rejects                ? 
_reflns_shell.pdbx_ordinal                1 
_reflns_shell.pdbx_diffrn_id              1 
_reflns_shell.pdbx_CC_half                ? 
_reflns_shell.pdbx_R_split                ? 
# 
_refine.aniso_B[1][1]                            0.79 
_refine.aniso_B[1][2]                            0.00 
_refine.aniso_B[1][3]                            0.00 
_refine.aniso_B[2][2]                            -0.43 
_refine.aniso_B[2][3]                            0.00 
_refine.aniso_B[3][3]                            -0.36 
_refine.B_iso_max                                ? 
_refine.B_iso_mean                               16.819 
_refine.B_iso_min                                ? 
_refine.correlation_coeff_Fo_to_Fc               0.967 
_refine.correlation_coeff_Fo_to_Fc_free          0.962 
_refine.details                                  'HYDROGENS HAVE BEEN ADDED IN THE RIDING POSITIONS' 
_refine.diff_density_max                         ? 
_refine.diff_density_max_esd                     ? 
_refine.diff_density_min                         ? 
_refine.diff_density_min_esd                     ? 
_refine.diff_density_rms                         ? 
_refine.diff_density_rms_esd                     ? 
_refine.entry_id                                 5NFB 
_refine.pdbx_refine_id                           'X-RAY DIFFRACTION' 
_refine.ls_abs_structure_details                 ? 
_refine.ls_abs_structure_Flack                   ? 
_refine.ls_abs_structure_Flack_esd               ? 
_refine.ls_abs_structure_Rogers                  ? 
_refine.ls_abs_structure_Rogers_esd              ? 
_refine.ls_d_res_high                            1.59 
_refine.ls_d_res_low                             42.52 
_refine.ls_extinction_coef                       ? 
_refine.ls_extinction_coef_esd                   ? 
_refine.ls_extinction_expression                 ? 
_refine.ls_extinction_method                     ? 
_refine.ls_goodness_of_fit_all                   ? 
_refine.ls_goodness_of_fit_all_esd               ? 
_refine.ls_goodness_of_fit_obs                   ? 
_refine.ls_goodness_of_fit_obs_esd               ? 
_refine.ls_hydrogen_treatment                    ? 
_refine.ls_matrix_type                           ? 
_refine.ls_number_constraints                    ? 
_refine.ls_number_parameters                     ? 
_refine.ls_number_reflns_all                     ? 
_refine.ls_number_reflns_obs                     17420 
_refine.ls_number_reflns_R_free                  917 
_refine.ls_number_reflns_R_work                  ? 
_refine.ls_number_restraints                     ? 
_refine.ls_percent_reflns_obs                    99.72 
_refine.ls_percent_reflns_R_free                 5.0 
_refine.ls_R_factor_all                          ? 
_refine.ls_R_factor_obs                          0.16045 
_refine.ls_R_factor_R_free                       0.17976 
_refine.ls_R_factor_R_free_error                 ? 
_refine.ls_R_factor_R_free_error_details         ? 
_refine.ls_R_factor_R_work                       0.15942 
_refine.ls_R_Fsqd_factor_obs                     ? 
_refine.ls_R_I_factor_obs                        ? 
_refine.ls_redundancy_reflns_all                 ? 
_refine.ls_redundancy_reflns_obs                 ? 
_refine.ls_restrained_S_all                      ? 
_refine.ls_restrained_S_obs                      ? 
_refine.ls_shift_over_esd_max                    ? 
_refine.ls_shift_over_esd_mean                   ? 
_refine.ls_structure_factor_coef                 ? 
_refine.ls_weighting_details                     ? 
_refine.ls_weighting_scheme                      ? 
_refine.ls_wR_factor_all                         ? 
_refine.ls_wR_factor_obs                         ? 
_refine.ls_wR_factor_R_free                      ? 
_refine.ls_wR_factor_R_work                      ? 
_refine.occupancy_max                            ? 
_refine.occupancy_min                            ? 
_refine.solvent_model_details                    ? 
_refine.solvent_model_param_bsol                 ? 
_refine.solvent_model_param_ksol                 ? 
_refine.ls_R_factor_gt                           ? 
_refine.ls_goodness_of_fit_gt                    ? 
_refine.ls_goodness_of_fit_ref                   ? 
_refine.ls_shift_over_su_max                     ? 
_refine.ls_shift_over_su_max_lt                  ? 
_refine.ls_shift_over_su_mean                    ? 
_refine.ls_shift_over_su_mean_lt                 ? 
_refine.pdbx_ls_sigma_I                          ? 
_refine.pdbx_ls_sigma_F                          ? 
_refine.pdbx_ls_sigma_Fsqd                       ? 
_refine.pdbx_data_cutoff_high_absF               ? 
_refine.pdbx_data_cutoff_high_rms_absF           ? 
_refine.pdbx_data_cutoff_low_absF                ? 
_refine.pdbx_isotropic_thermal_model             ? 
_refine.pdbx_ls_cross_valid_method               THROUGHOUT 
_refine.pdbx_method_to_determine_struct          'MOLECULAR REPLACEMENT' 
_refine.pdbx_starting_model                      3zsl 
_refine.pdbx_stereochemistry_target_values       ? 
_refine.pdbx_R_Free_selection_details            RANDOM 
_refine.pdbx_stereochem_target_val_spec_case     ? 
_refine.pdbx_overall_ESU_R                       0.084 
_refine.pdbx_overall_ESU_R_Free                  0.080 
_refine.pdbx_solvent_vdw_probe_radii             1.20 
_refine.pdbx_solvent_ion_probe_radii             0.80 
_refine.pdbx_solvent_shrinkage_radii             0.80 
_refine.pdbx_real_space_R                        ? 
_refine.pdbx_density_correlation                 ? 
_refine.pdbx_pd_number_of_powder_patterns        ? 
_refine.pdbx_pd_number_of_points                 ? 
_refine.pdbx_pd_meas_number_of_points            ? 
_refine.pdbx_pd_proc_ls_prof_R_factor            ? 
_refine.pdbx_pd_proc_ls_prof_wR_factor           ? 
_refine.pdbx_pd_Marquardt_correlation_coeff      ? 
_refine.pdbx_pd_Fsqrd_R_factor                   ? 
_refine.pdbx_pd_ls_matrix_band_width             ? 
_refine.pdbx_overall_phase_error                 ? 
_refine.pdbx_overall_SU_R_free_Cruickshank_DPI   ? 
_refine.pdbx_overall_SU_R_free_Blow_DPI          ? 
_refine.pdbx_overall_SU_R_Blow_DPI               ? 
_refine.pdbx_TLS_residual_ADP_flag               ? 
_refine.pdbx_diffrn_id                           1 
_refine.overall_SU_B                             1.377 
_refine.overall_SU_ML                            0.050 
_refine.overall_SU_R_Cruickshank_DPI             ? 
_refine.overall_SU_R_free                        ? 
_refine.overall_FOM_free_R_set                   ? 
_refine.overall_FOM_work_R_set                   ? 
_refine.pdbx_average_fsc_overall                 ? 
_refine.pdbx_average_fsc_work                    ? 
_refine.pdbx_average_fsc_free                    ? 
# 
_refine_hist.pdbx_refine_id                   'X-RAY DIFFRACTION' 
_refine_hist.cycle_id                         1 
_refine_hist.pdbx_number_atoms_protein        1108 
_refine_hist.pdbx_number_atoms_nucleic_acid   0 
_refine_hist.pdbx_number_atoms_ligand         45 
_refine_hist.number_atoms_solvent             118 
_refine_hist.number_atoms_total               1271 
_refine_hist.d_res_high                       1.59 
_refine_hist.d_res_low                        42.52 
# 
loop_
_refine_ls_restr.pdbx_refine_id 
_refine_ls_restr.criterion 
_refine_ls_restr.dev_ideal 
_refine_ls_restr.dev_ideal_target 
_refine_ls_restr.number 
_refine_ls_restr.rejects 
_refine_ls_restr.type 
_refine_ls_restr.weight 
_refine_ls_restr.pdbx_restraint_function 
'X-RAY DIFFRACTION' ? 0.024  0.019  1223 ? r_bond_refined_d             ? ? 
'X-RAY DIFFRACTION' ? 0.001  0.020  1184 ? r_bond_other_d               ? ? 
'X-RAY DIFFRACTION' ? 2.297  1.992  1671 ? r_angle_refined_deg          ? ? 
'X-RAY DIFFRACTION' ? 1.011  3.000  2728 ? r_angle_other_deg            ? ? 
'X-RAY DIFFRACTION' ? 7.434  5.000  151  ? r_dihedral_angle_1_deg       ? ? 
'X-RAY DIFFRACTION' ? 33.377 24.333 60   ? r_dihedral_angle_2_deg       ? ? 
'X-RAY DIFFRACTION' ? 13.023 15.000 205  ? r_dihedral_angle_3_deg       ? ? 
'X-RAY DIFFRACTION' ? 9.501  15.000 9    ? r_dihedral_angle_4_deg       ? ? 
'X-RAY DIFFRACTION' ? 0.152  0.200  188  ? r_chiral_restr               ? ? 
'X-RAY DIFFRACTION' ? 0.012  0.021  1382 ? r_gen_planes_refined         ? ? 
'X-RAY DIFFRACTION' ? 0.001  0.020  295  ? r_gen_planes_other           ? ? 
'X-RAY DIFFRACTION' ? ?      ?      ?    ? r_nbd_refined                ? ? 
'X-RAY DIFFRACTION' ? ?      ?      ?    ? r_nbd_other                  ? ? 
'X-RAY DIFFRACTION' ? ?      ?      ?    ? r_nbtor_refined              ? ? 
'X-RAY DIFFRACTION' ? ?      ?      ?    ? r_nbtor_other                ? ? 
'X-RAY DIFFRACTION' ? ?      ?      ?    ? r_xyhbond_nbd_refined        ? ? 
'X-RAY DIFFRACTION' ? ?      ?      ?    ? r_xyhbond_nbd_other          ? ? 
'X-RAY DIFFRACTION' ? ?      ?      ?    ? r_metal_ion_refined          ? ? 
'X-RAY DIFFRACTION' ? ?      ?      ?    ? r_metal_ion_other            ? ? 
'X-RAY DIFFRACTION' ? ?      ?      ?    ? r_symmetry_vdw_refined       ? ? 
'X-RAY DIFFRACTION' ? ?      ?      ?    ? r_symmetry_vdw_other         ? ? 
'X-RAY DIFFRACTION' ? ?      ?      ?    ? r_symmetry_hbond_refined     ? ? 
'X-RAY DIFFRACTION' ? ?      ?      ?    ? r_symmetry_hbond_other       ? ? 
'X-RAY DIFFRACTION' ? ?      ?      ?    ? r_symmetry_metal_ion_refined ? ? 
'X-RAY DIFFRACTION' ? ?      ?      ?    ? r_symmetry_metal_ion_other   ? ? 
'X-RAY DIFFRACTION' ? 1.631  1.382  565  ? r_mcbond_it                  ? ? 
'X-RAY DIFFRACTION' ? 1.622  1.378  564  ? r_mcbond_other               ? ? 
'X-RAY DIFFRACTION' ? 2.269  2.071  708  ? r_mcangle_it                 ? ? 
'X-RAY DIFFRACTION' ? 2.272  2.074  709  ? r_mcangle_other              ? ? 
'X-RAY DIFFRACTION' ? 2.717  1.740  658  ? r_scbond_it                  ? ? 
'X-RAY DIFFRACTION' ? 2.715  1.742  659  ? r_scbond_other               ? ? 
'X-RAY DIFFRACTION' ? ?      ?      ?    ? r_scangle_it                 ? ? 
'X-RAY DIFFRACTION' ? 4.039  2.511  957  ? r_scangle_other              ? ? 
'X-RAY DIFFRACTION' ? 5.473  12.550 1315 ? r_long_range_B_refined       ? ? 
'X-RAY DIFFRACTION' ? 5.429  12.283 1283 ? r_long_range_B_other         ? ? 
'X-RAY DIFFRACTION' ? ?      ?      ?    ? r_rigid_bond_restr           ? ? 
'X-RAY DIFFRACTION' ? ?      ?      ?    ? r_sphericity_free            ? ? 
'X-RAY DIFFRACTION' ? ?      ?      ?    ? r_sphericity_bonded          ? ? 
# 
_refine_ls_shell.pdbx_refine_id                   'X-RAY DIFFRACTION' 
_refine_ls_shell.d_res_high                       1.588 
_refine_ls_shell.d_res_low                        1.630 
_refine_ls_shell.number_reflns_all                ? 
_refine_ls_shell.number_reflns_obs                ? 
_refine_ls_shell.number_reflns_R_free             65 
_refine_ls_shell.number_reflns_R_work             1245 
_refine_ls_shell.percent_reflns_obs               98.42 
_refine_ls_shell.percent_reflns_R_free            ? 
_refine_ls_shell.R_factor_all                     ? 
_refine_ls_shell.R_factor_obs                     ? 
_refine_ls_shell.R_factor_R_free                  0.212 
_refine_ls_shell.R_factor_R_free_error            ? 
_refine_ls_shell.R_factor_R_work                  0.159 
_refine_ls_shell.redundancy_reflns_all            ? 
_refine_ls_shell.redundancy_reflns_obs            ? 
_refine_ls_shell.wR_factor_all                    ? 
_refine_ls_shell.wR_factor_obs                    ? 
_refine_ls_shell.wR_factor_R_free                 ? 
_refine_ls_shell.wR_factor_R_work                 ? 
_refine_ls_shell.pdbx_total_number_of_bins_used   20 
_refine_ls_shell.pdbx_phase_error                 ? 
_refine_ls_shell.pdbx_fsc_work                    ? 
_refine_ls_shell.pdbx_fsc_free                    ? 
# 
_struct.entry_id                     5NFB 
_struct.title                        'Structure of Galectin-3 CRD in complex with compound 4' 
_struct.pdbx_model_details           ? 
_struct.pdbx_formula_weight          ? 
_struct.pdbx_formula_weight_method   ? 
_struct.pdbx_model_type_details      ? 
_struct.pdbx_CASP_flag               N 
# 
_struct_keywords.entry_id        5NFB 
_struct_keywords.text            'Galectin-3 CRD, cation-Pi interactions, sugar binding protein' 
_struct_keywords.pdbx_keywords   'SUGAR BINDING PROTEIN' 
# 
loop_
_struct_asym.id 
_struct_asym.pdbx_blank_PDB_chainid_flag 
_struct_asym.pdbx_modified 
_struct_asym.entity_id 
_struct_asym.details 
A N N 1 ? 
B N N 2 ? 
C N N 3 ? 
# 
_struct_ref.id                         1 
_struct_ref.db_name                    UNP 
_struct_ref.db_code                    LEG3_HUMAN 
_struct_ref.pdbx_db_accession          P17931 
_struct_ref.pdbx_db_isoform            ? 
_struct_ref.entity_id                  1 
_struct_ref.pdbx_seq_one_letter_code   
;PYGAPAGPLIVPYNLPLPGGVVPRMLITILGTVKPNANRIALDFQRGNDVAFHFNPRFNENNRRVIVCNTKLDNNWGREE
RQSVFPFESGKPFKIQVLVEPDHFKVAVNDAHLLQYNHRVKKLNEISKLGISGDIDLTSASYTMI
;
_struct_ref.pdbx_align_begin           106 
# 
_struct_ref_seq.align_id                      1 
_struct_ref_seq.ref_id                        1 
_struct_ref_seq.pdbx_PDB_id_code              5NFB 
_struct_ref_seq.pdbx_strand_id                A 
_struct_ref_seq.seq_align_beg                 32 
_struct_ref_seq.pdbx_seq_align_beg_ins_code   ? 
_struct_ref_seq.seq_align_end                 176 
_struct_ref_seq.pdbx_seq_align_end_ins_code   ? 
_struct_ref_seq.pdbx_db_accession             P17931 
_struct_ref_seq.db_align_beg                  106 
_struct_ref_seq.pdbx_db_align_beg_ins_code    ? 
_struct_ref_seq.db_align_end                  250 
_struct_ref_seq.pdbx_db_align_end_ins_code    ? 
_struct_ref_seq.pdbx_auth_seq_align_beg       106 
_struct_ref_seq.pdbx_auth_seq_align_end       250 
# 
loop_
_struct_ref_seq_dif.align_id 
_struct_ref_seq_dif.pdbx_pdb_id_code 
_struct_ref_seq_dif.mon_id 
_struct_ref_seq_dif.pdbx_pdb_strand_id 
_struct_ref_seq_dif.seq_num 
_struct_ref_seq_dif.pdbx_pdb_ins_code 
_struct_ref_seq_dif.pdbx_seq_db_name 
_struct_ref_seq_dif.pdbx_seq_db_accession_code 
_struct_ref_seq_dif.db_mon_id 
_struct_ref_seq_dif.pdbx_seq_db_seq_num 
_struct_ref_seq_dif.details 
_struct_ref_seq_dif.pdbx_auth_seq_num 
_struct_ref_seq_dif.pdbx_ordinal 
1 5NFB MET A 1  ? UNP P17931 ? ? 'initiating methionine' 75  1  
1 5NFB GLY A 2  ? UNP P17931 ? ? 'expression tag'        76  2  
1 5NFB SER A 3  ? UNP P17931 ? ? 'expression tag'        77  3  
1 5NFB SER A 4  ? UNP P17931 ? ? 'expression tag'        78  4  
1 5NFB HIS A 5  ? UNP P17931 ? ? 'expression tag'        79  5  
1 5NFB ASN A 6  ? UNP P17931 ? ? 'expression tag'        80  6  
1 5NFB HIS A 7  ? UNP P17931 ? ? 'expression tag'        81  7  
1 5NFB ASN A 8  ? UNP P17931 ? ? 'expression tag'        82  8  
1 5NFB HIS A 9  ? UNP P17931 ? ? 'expression tag'        83  9  
1 5NFB ASN A 10 ? UNP P17931 ? ? 'expression tag'        84  10 
1 5NFB HIS A 11 ? UNP P17931 ? ? 'expression tag'        85  11 
1 5NFB ASN A 12 ? UNP P17931 ? ? 'expression tag'        86  12 
1 5NFB HIS A 13 ? UNP P17931 ? ? 'expression tag'        87  13 
1 5NFB ASN A 14 ? UNP P17931 ? ? 'expression tag'        88  14 
1 5NFB HIS A 15 ? UNP P17931 ? ? 'expression tag'        89  15 
1 5NFB ASN A 16 ? UNP P17931 ? ? 'expression tag'        90  16 
1 5NFB ASP A 17 ? UNP P17931 ? ? 'expression tag'        91  17 
1 5NFB TYR A 18 ? UNP P17931 ? ? 'expression tag'        92  18 
1 5NFB ASP A 19 ? UNP P17931 ? ? 'expression tag'        93  19 
1 5NFB ILE A 20 ? UNP P17931 ? ? 'expression tag'        94  20 
1 5NFB PRO A 21 ? UNP P17931 ? ? 'expression tag'        95  21 
1 5NFB THR A 22 ? UNP P17931 ? ? 'expression tag'        96  22 
1 5NFB THR A 23 ? UNP P17931 ? ? 'expression tag'        97  23 
1 5NFB GLU A 24 ? UNP P17931 ? ? 'expression tag'        98  24 
1 5NFB ASN A 25 ? UNP P17931 ? ? 'expression tag'        99  25 
1 5NFB LEU A 26 ? UNP P17931 ? ? 'expression tag'        100 26 
1 5NFB TYR A 27 ? UNP P17931 ? ? 'expression tag'        101 27 
1 5NFB PHE A 28 ? UNP P17931 ? ? 'expression tag'        102 28 
1 5NFB GLN A 29 ? UNP P17931 ? ? 'expression tag'        103 29 
1 5NFB GLY A 30 ? UNP P17931 ? ? 'expression tag'        104 30 
1 5NFB SER A 31 ? UNP P17931 ? ? 'expression tag'        105 31 
# 
_pdbx_struct_assembly.id                   1 
_pdbx_struct_assembly.details              author_and_software_defined_assembly 
_pdbx_struct_assembly.method_details       PISA 
_pdbx_struct_assembly.oligomeric_details   monomeric 
_pdbx_struct_assembly.oligomeric_count     1 
# 
loop_
_pdbx_struct_assembly_prop.biol_id 
_pdbx_struct_assembly_prop.type 
_pdbx_struct_assembly_prop.value 
_pdbx_struct_assembly_prop.details 
1 'ABSA (A^2)' 0    ? 
1 MORE         0    ? 
1 'SSA (A^2)'  7390 ? 
# 
_pdbx_struct_assembly_gen.assembly_id       1 
_pdbx_struct_assembly_gen.oper_expression   1 
_pdbx_struct_assembly_gen.asym_id_list      A,B,C 
# 
_pdbx_struct_assembly_auth_evidence.id                     1 
_pdbx_struct_assembly_auth_evidence.assembly_id            1 
_pdbx_struct_assembly_auth_evidence.experimental_support   'mass spectrometry' 
_pdbx_struct_assembly_auth_evidence.details                ? 
# 
_pdbx_struct_oper_list.id                   1 
_pdbx_struct_oper_list.type                 'identity operation' 
_pdbx_struct_oper_list.name                 1_555 
_pdbx_struct_oper_list.symmetry_operation   x,y,z 
_pdbx_struct_oper_list.matrix[1][1]         1.0000000000 
_pdbx_struct_oper_list.matrix[1][2]         0.0000000000 
_pdbx_struct_oper_list.matrix[1][3]         0.0000000000 
_pdbx_struct_oper_list.vector[1]            0.0000000000 
_pdbx_struct_oper_list.matrix[2][1]         0.0000000000 
_pdbx_struct_oper_list.matrix[2][2]         1.0000000000 
_pdbx_struct_oper_list.matrix[2][3]         0.0000000000 
_pdbx_struct_oper_list.vector[2]            0.0000000000 
_pdbx_struct_oper_list.matrix[3][1]         0.0000000000 
_pdbx_struct_oper_list.matrix[3][2]         0.0000000000 
_pdbx_struct_oper_list.matrix[3][3]         1.0000000000 
_pdbx_struct_oper_list.vector[3]            0.0000000000 
# 
_struct_conf.conf_type_id            HELX_P 
_struct_conf.id                      HELX_P1 
_struct_conf.pdbx_PDB_helix_id       AA1 
_struct_conf.beg_label_comp_id       LYS 
_struct_conf.beg_label_asym_id       A 
_struct_conf.beg_label_seq_id        153 
_struct_conf.pdbx_beg_PDB_ins_code   ? 
_struct_conf.end_label_comp_id       ILE 
_struct_conf.end_label_asym_id       A 
_struct_conf.end_label_seq_id        157 
_struct_conf.pdbx_end_PDB_ins_code   ? 
_struct_conf.beg_auth_comp_id        LYS 
_struct_conf.beg_auth_asym_id        A 
_struct_conf.beg_auth_seq_id         227 
_struct_conf.end_auth_comp_id        ILE 
_struct_conf.end_auth_asym_id        A 
_struct_conf.end_auth_seq_id         231 
_struct_conf.pdbx_PDB_helix_class    5 
_struct_conf.details                 ? 
_struct_conf.pdbx_PDB_helix_length   5 
# 
_struct_conf_type.id          HELX_P 
_struct_conf_type.criteria    ? 
_struct_conf_type.reference   ? 
# 
_struct_mon_prot_cis.pdbx_id                1 
_struct_mon_prot_cis.label_comp_id          VAL 
_struct_mon_prot_cis.label_seq_id           42 
_struct_mon_prot_cis.label_asym_id          A 
_struct_mon_prot_cis.label_alt_id           . 
_struct_mon_prot_cis.pdbx_PDB_ins_code      ? 
_struct_mon_prot_cis.auth_comp_id           VAL 
_struct_mon_prot_cis.auth_seq_id            116 
_struct_mon_prot_cis.auth_asym_id           A 
_struct_mon_prot_cis.pdbx_label_comp_id_2   PRO 
_struct_mon_prot_cis.pdbx_label_seq_id_2    43 
_struct_mon_prot_cis.pdbx_label_asym_id_2   A 
_struct_mon_prot_cis.pdbx_PDB_ins_code_2    ? 
_struct_mon_prot_cis.pdbx_auth_comp_id_2    PRO 
_struct_mon_prot_cis.pdbx_auth_seq_id_2     117 
_struct_mon_prot_cis.pdbx_auth_asym_id_2    A 
_struct_mon_prot_cis.pdbx_PDB_model_num     1 
_struct_mon_prot_cis.pdbx_omega_angle       4.46 
# 
loop_
_struct_sheet.id 
_struct_sheet.type 
_struct_sheet.number_strands 
_struct_sheet.details 
AA1 ? 6 ? 
AA2 ? 6 ? 
AA3 ? 5 ? 
# 
loop_
_struct_sheet_order.sheet_id 
_struct_sheet_order.range_id_1 
_struct_sheet_order.range_id_2 
_struct_sheet_order.offset 
_struct_sheet_order.sense 
AA1 1 2 ? anti-parallel 
AA1 2 3 ? anti-parallel 
AA1 3 4 ? anti-parallel 
AA1 4 5 ? anti-parallel 
AA1 5 6 ? anti-parallel 
AA2 1 2 ? anti-parallel 
AA2 2 3 ? anti-parallel 
AA2 3 4 ? anti-parallel 
AA2 4 5 ? anti-parallel 
AA2 5 6 ? anti-parallel 
AA3 1 2 ? anti-parallel 
AA3 2 3 ? anti-parallel 
AA3 3 4 ? anti-parallel 
AA3 4 5 ? anti-parallel 
# 
loop_
_struct_sheet_range.sheet_id 
_struct_sheet_range.id 
_struct_sheet_range.beg_label_comp_id 
_struct_sheet_range.beg_label_asym_id 
_struct_sheet_range.beg_label_seq_id 
_struct_sheet_range.pdbx_beg_PDB_ins_code 
_struct_sheet_range.end_label_comp_id 
_struct_sheet_range.end_label_asym_id 
_struct_sheet_range.end_label_seq_id 
_struct_sheet_range.pdbx_end_PDB_ins_code 
_struct_sheet_range.beg_auth_comp_id 
_struct_sheet_range.beg_auth_asym_id 
_struct_sheet_range.beg_auth_seq_id 
_struct_sheet_range.end_auth_comp_id 
_struct_sheet_range.end_auth_asym_id 
_struct_sheet_range.end_auth_seq_id 
AA1 1 TYR A 44  ? PRO A 47  ? TYR A 118 PRO A 121 
AA1 2 LYS A 159 ? GLY A 164 ? LYS A 233 GLY A 238 
AA1 3 ILE A 71  ? ARG A 77  ? ILE A 145 ARG A 151 
AA1 4 ASP A 80  ? GLU A 91  ? ASP A 154 GLU A 165 
AA1 5 ARG A 94  ? LEU A 103 ? ARG A 168 LEU A 177 
AA1 6 ASN A 106 ? TRP A 107 ? ASN A 180 TRP A 181 
AA2 1 TYR A 44  ? PRO A 47  ? TYR A 118 PRO A 121 
AA2 2 LYS A 159 ? GLY A 164 ? LYS A 233 GLY A 238 
AA2 3 ILE A 71  ? ARG A 77  ? ILE A 145 ARG A 151 
AA2 4 ASP A 80  ? GLU A 91  ? ASP A 154 GLU A 165 
AA2 5 ARG A 94  ? LEU A 103 ? ARG A 168 LEU A 177 
AA2 6 GLU A 111 ? GLN A 113 ? GLU A 185 GLN A 187 
AA3 1 ALA A 142 ? ASN A 148 ? ALA A 216 ASN A 222 
AA3 2 HIS A 134 ? VAL A 139 ? HIS A 208 VAL A 213 
AA3 3 PRO A 123 ? VAL A 130 ? PRO A 197 VAL A 204 
AA3 4 MET A 56  ? VAL A 64  ? MET A 130 VAL A 138 
AA3 5 ILE A 166 ? MET A 175 ? ILE A 240 MET A 249 
# 
loop_
_pdbx_struct_sheet_hbond.sheet_id 
_pdbx_struct_sheet_hbond.range_id_1 
_pdbx_struct_sheet_hbond.range_id_2 
_pdbx_struct_sheet_hbond.range_1_label_atom_id 
_pdbx_struct_sheet_hbond.range_1_label_comp_id 
_pdbx_struct_sheet_hbond.range_1_label_asym_id 
_pdbx_struct_sheet_hbond.range_1_label_seq_id 
_pdbx_struct_sheet_hbond.range_1_PDB_ins_code 
_pdbx_struct_sheet_hbond.range_1_auth_atom_id 
_pdbx_struct_sheet_hbond.range_1_auth_comp_id 
_pdbx_struct_sheet_hbond.range_1_auth_asym_id 
_pdbx_struct_sheet_hbond.range_1_auth_seq_id 
_pdbx_struct_sheet_hbond.range_2_label_atom_id 
_pdbx_struct_sheet_hbond.range_2_label_comp_id 
_pdbx_struct_sheet_hbond.range_2_label_asym_id 
_pdbx_struct_sheet_hbond.range_2_label_seq_id 
_pdbx_struct_sheet_hbond.range_2_PDB_ins_code 
_pdbx_struct_sheet_hbond.range_2_auth_atom_id 
_pdbx_struct_sheet_hbond.range_2_auth_comp_id 
_pdbx_struct_sheet_hbond.range_2_auth_asym_id 
_pdbx_struct_sheet_hbond.range_2_auth_seq_id 
AA1 1 2 N LEU A 46  ? N LEU A 120 O LEU A 160 ? O LEU A 234 
AA1 2 3 O SER A 163 ? O SER A 237 N ALA A 72  ? N ALA A 146 
AA1 3 4 N PHE A 75  ? N PHE A 149 O PHE A 83  ? O PHE A 157 
AA1 4 5 N ARG A 88  ? N ARG A 162 O VAL A 96  ? O VAL A 170 
AA1 5 6 N LEU A 103 ? N LEU A 177 O ASN A 106 ? O ASN A 180 
AA2 1 2 N LEU A 46  ? N LEU A 120 O LEU A 160 ? O LEU A 234 
AA2 2 3 O SER A 163 ? O SER A 237 N ALA A 72  ? N ALA A 146 
AA2 3 4 N PHE A 75  ? N PHE A 149 O PHE A 83  ? O PHE A 157 
AA2 4 5 N ARG A 88  ? N ARG A 162 O VAL A 96  ? O VAL A 170 
AA2 5 6 N CYS A 99  ? N CYS A 173 O GLU A 111 ? O GLU A 185 
AA3 1 2 O LEU A 145 ? O LEU A 219 N VAL A 137 ? N VAL A 211 
AA3 2 3 O LYS A 136 ? O LYS A 210 N LEU A 129 ? N LEU A 203 
AA3 3 4 O PHE A 124 ? O PHE A 198 N GLY A 62  ? N GLY A 136 
AA3 4 5 N THR A 63  ? N THR A 137 O ASP A 167 ? O ASP A 241 
# 
_struct_site.id                   AC1 
_struct_site.pdbx_evidence_code   Software 
_struct_site.pdbx_auth_asym_id    A 
_struct_site.pdbx_auth_comp_id    8VT 
_struct_site.pdbx_auth_seq_id     301 
_struct_site.pdbx_auth_ins_code   ? 
_struct_site.pdbx_num_residues    12 
_struct_site.details              'binding site for residue 8VT A 301' 
# 
loop_
_struct_site_gen.id 
_struct_site_gen.site_id 
_struct_site_gen.pdbx_num_res 
_struct_site_gen.label_comp_id 
_struct_site_gen.label_asym_id 
_struct_site_gen.label_seq_id 
_struct_site_gen.pdbx_auth_ins_code 
_struct_site_gen.auth_comp_id 
_struct_site_gen.auth_asym_id 
_struct_site_gen.auth_seq_id 
_struct_site_gen.label_atom_id 
_struct_site_gen.label_alt_id 
_struct_site_gen.symmetry 
_struct_site_gen.details 
1  AC1 12 ARG A 70  ? ARG A 144 . ? 1_555 ? 
2  AC1 12 HIS A 84  ? HIS A 158 . ? 1_555 ? 
3  AC1 12 ASN A 86  ? ASN A 160 . ? 1_555 ? 
4  AC1 12 ARG A 88  ? ARG A 162 . ? 1_555 ? 
5  AC1 12 GLU A 91  ? GLU A 165 . ? 1_555 ? 
6  AC1 12 ASN A 100 ? ASN A 174 . ? 1_555 ? 
7  AC1 12 GLU A 110 ? GLU A 184 . ? 1_555 ? 
8  AC1 12 ARG A 112 ? ARG A 186 . ? 1_555 ? 
9  AC1 12 HOH C .   ? HOH A 404 . ? 1_555 ? 
10 AC1 12 HOH C .   ? HOH A 440 . ? 1_555 ? 
11 AC1 12 HOH C .   ? HOH A 456 . ? 1_555 ? 
12 AC1 12 HOH C .   ? HOH A 486 . ? 1_555 ? 
# 
_pdbx_validate_close_contact.id               1 
_pdbx_validate_close_contact.PDB_model_num    1 
_pdbx_validate_close_contact.auth_atom_id_1   CE 
_pdbx_validate_close_contact.auth_asym_id_1   A 
_pdbx_validate_close_contact.auth_comp_id_1   LYS 
_pdbx_validate_close_contact.auth_seq_id_1    210 
_pdbx_validate_close_contact.PDB_ins_code_1   ? 
_pdbx_validate_close_contact.label_alt_id_1   ? 
_pdbx_validate_close_contact.auth_atom_id_2   O 
_pdbx_validate_close_contact.auth_asym_id_2   A 
_pdbx_validate_close_contact.auth_comp_id_2   HOH 
_pdbx_validate_close_contact.auth_seq_id_2    418 
_pdbx_validate_close_contact.PDB_ins_code_2   ? 
_pdbx_validate_close_contact.label_alt_id_2   ? 
_pdbx_validate_close_contact.dist             2.15 
# 
loop_
_pdbx_validate_rmsd_angle.id 
_pdbx_validate_rmsd_angle.PDB_model_num 
_pdbx_validate_rmsd_angle.auth_atom_id_1 
_pdbx_validate_rmsd_angle.auth_asym_id_1 
_pdbx_validate_rmsd_angle.auth_comp_id_1 
_pdbx_validate_rmsd_angle.auth_seq_id_1 
_pdbx_validate_rmsd_angle.PDB_ins_code_1 
_pdbx_validate_rmsd_angle.label_alt_id_1 
_pdbx_validate_rmsd_angle.auth_atom_id_2 
_pdbx_validate_rmsd_angle.auth_asym_id_2 
_pdbx_validate_rmsd_angle.auth_comp_id_2 
_pdbx_validate_rmsd_angle.auth_seq_id_2 
_pdbx_validate_rmsd_angle.PDB_ins_code_2 
_pdbx_validate_rmsd_angle.label_alt_id_2 
_pdbx_validate_rmsd_angle.auth_atom_id_3 
_pdbx_validate_rmsd_angle.auth_asym_id_3 
_pdbx_validate_rmsd_angle.auth_comp_id_3 
_pdbx_validate_rmsd_angle.auth_seq_id_3 
_pdbx_validate_rmsd_angle.PDB_ins_code_3 
_pdbx_validate_rmsd_angle.label_alt_id_3 
_pdbx_validate_rmsd_angle.angle_value 
_pdbx_validate_rmsd_angle.angle_target_value 
_pdbx_validate_rmsd_angle.angle_deviation 
_pdbx_validate_rmsd_angle.angle_standard_deviation 
_pdbx_validate_rmsd_angle.linker_flag 
1 1 NE A ARG 151 ? ? CZ A ARG 151 ? ? NH1 A ARG 151 ? ? 123.77 120.30 3.47  0.50 N 
2 1 NE A ARG 168 ? ? CZ A ARG 168 ? ? NH1 A ARG 168 ? ? 123.91 120.30 3.61  0.50 N 
3 1 NE A ARG 168 ? ? CZ A ARG 168 ? ? NH2 A ARG 168 ? ? 117.10 120.30 -3.20 0.50 N 
4 1 CB A ASP 207 ? ? CG A ASP 207 ? ? OD2 A ASP 207 ? ? 111.59 118.30 -6.71 0.90 N 
5 1 NE A ARG 224 ? ? CZ A ARG 224 ? ? NH1 A ARG 224 ? ? 123.79 120.30 3.49  0.50 N 
# 
loop_
_pdbx_validate_torsion.id 
_pdbx_validate_torsion.PDB_model_num 
_pdbx_validate_torsion.auth_comp_id 
_pdbx_validate_torsion.auth_asym_id 
_pdbx_validate_torsion.auth_seq_id 
_pdbx_validate_torsion.PDB_ins_code 
_pdbx_validate_torsion.label_alt_id 
_pdbx_validate_torsion.phi 
_pdbx_validate_torsion.psi 
1 1 ARG A 129 ? ? 88.07   0.78  
2 1 ASN A 164 ? ? -150.76 75.29 
# 
loop_
_pdbx_unobs_or_zero_occ_residues.id 
_pdbx_unobs_or_zero_occ_residues.PDB_model_num 
_pdbx_unobs_or_zero_occ_residues.polymer_flag 
_pdbx_unobs_or_zero_occ_residues.occupancy_flag 
_pdbx_unobs_or_zero_occ_residues.auth_asym_id 
_pdbx_unobs_or_zero_occ_residues.auth_comp_id 
_pdbx_unobs_or_zero_occ_residues.auth_seq_id 
_pdbx_unobs_or_zero_occ_residues.PDB_ins_code 
_pdbx_unobs_or_zero_occ_residues.label_asym_id 
_pdbx_unobs_or_zero_occ_residues.label_comp_id 
_pdbx_unobs_or_zero_occ_residues.label_seq_id 
1  1 Y 1 A MET 75  ? A MET 1  
2  1 Y 1 A GLY 76  ? A GLY 2  
3  1 Y 1 A SER 77  ? A SER 3  
4  1 Y 1 A SER 78  ? A SER 4  
5  1 Y 1 A HIS 79  ? A HIS 5  
6  1 Y 1 A ASN 80  ? A ASN 6  
7  1 Y 1 A HIS 81  ? A HIS 7  
8  1 Y 1 A ASN 82  ? A ASN 8  
9  1 Y 1 A HIS 83  ? A HIS 9  
10 1 Y 1 A ASN 84  ? A ASN 10 
11 1 Y 1 A HIS 85  ? A HIS 11 
12 1 Y 1 A ASN 86  ? A ASN 12 
13 1 Y 1 A HIS 87  ? A HIS 13 
14 1 Y 1 A ASN 88  ? A ASN 14 
15 1 Y 1 A HIS 89  ? A HIS 15 
16 1 Y 1 A ASN 90  ? A ASN 16 
17 1 Y 1 A ASP 91  ? A ASP 17 
18 1 Y 1 A TYR 92  ? A TYR 18 
19 1 Y 1 A ASP 93  ? A ASP 19 
20 1 Y 1 A ILE 94  ? A ILE 20 
21 1 Y 1 A PRO 95  ? A PRO 21 
22 1 Y 1 A THR 96  ? A THR 22 
23 1 Y 1 A THR 97  ? A THR 23 
24 1 Y 1 A GLU 98  ? A GLU 24 
25 1 Y 1 A ASN 99  ? A ASN 25 
26 1 Y 1 A LEU 100 ? A LEU 26 
27 1 Y 1 A TYR 101 ? A TYR 27 
28 1 Y 1 A PHE 102 ? A PHE 28 
29 1 Y 1 A GLN 103 ? A GLN 29 
30 1 Y 1 A GLY 104 ? A GLY 30 
31 1 Y 1 A SER 105 ? A SER 31 
32 1 Y 1 A PRO 106 ? A PRO 32 
33 1 Y 1 A TYR 107 ? A TYR 33 
34 1 Y 1 A GLY 108 ? A GLY 34 
35 1 Y 1 A ALA 109 ? A ALA 35 
36 1 Y 1 A PRO 110 ? A PRO 36 
37 1 Y 1 A ALA 111 ? A ALA 37 
38 1 Y 1 A GLY 112 ? A GLY 38 
# 
loop_
_chem_comp_atom.comp_id 
_chem_comp_atom.atom_id 
_chem_comp_atom.type_symbol 
_chem_comp_atom.pdbx_aromatic_flag 
_chem_comp_atom.pdbx_stereo_config 
_chem_comp_atom.pdbx_ordinal 
8VT O35  O N N 1   
8VT C33  C N N 2   
8VT C34  C N N 3   
8VT N1   N N N 4   
8VT C1,  C N R 5   
8VT C2,  C N R 6   
8VT N2   N N N 7   
8VT C36  C N N 8   
8VT C38  C Y N 9   
8VT C39  C Y N 10  
8VT C40  C Y N 11  
8VT C41  C Y N 12  
8VT C42  C Y N 13  
8VT O44  O N N 14  
8VT C45  C N N 15  
8VT C43  C Y N 16  
8VT O37  O N N 17  
8VT O5,  O N N 18  
8VT C5,  C N R 19  
8VT C6,  C N N 20  
8VT O6,  O N N 21  
8VT C4,  C N S 22  
8VT C3,  C N R 23  
8VT O3,  O N N 24  
8VT O1   O N N 25  
8VT C1   C N S 26  
8VT C2   C N R 27  
8VT O2   O N N 28  
8VT C3   C N S 29  
8VT C4   C N S 30  
8VT O4   O N N 31  
8VT C5   C N R 32  
8VT C6   C N N 33  
8VT O6   O N N 34  
8VT O5   O N N 35  
8VT O3   O N N 36  
8VT C24  C N N 37  
8VT C25  C Y N 38  
8VT C26  C Y N 39  
8VT C27  C Y N 40  
8VT C28  C Y N 41  
8VT C29  C Y N 42  
8VT C30  C Y N 43  
8VT O31  O N N 44  
8VT C32  C N N 45  
8VT H1   H N N 46  
8VT H2   H N N 47  
8VT H3   H N N 48  
8VT H4   H N N 49  
8VT H5   H N N 50  
8VT H6   H N N 51  
8VT H7   H N N 52  
8VT H8   H N N 53  
8VT H9   H N N 54  
8VT H10  H N N 55  
8VT H11  H N N 56  
8VT H12  H N N 57  
8VT H13  H N N 58  
8VT H14  H N N 59  
8VT H15  H N N 60  
8VT H16  H N N 61  
8VT H17  H N N 62  
8VT H18  H N N 63  
8VT H19  H N N 64  
8VT H20  H N N 65  
8VT H21  H N N 66  
8VT H22  H N N 67  
8VT H23  H N N 68  
8VT H24  H N N 69  
8VT H25  H N N 70  
8VT H26  H N N 71  
8VT H27  H N N 72  
8VT H28  H N N 73  
8VT H29  H N N 74  
8VT H30  H N N 75  
8VT H31  H N N 76  
8VT H32  H N N 77  
8VT H33  H N N 78  
8VT H34  H N N 79  
8VT H35  H N N 80  
8VT H36  H N N 81  
8VT H37  H N N 82  
8VT H38  H N N 83  
8VT H39  H N N 84  
8VT H40  H N N 85  
ALA N    N N N 86  
ALA CA   C N S 87  
ALA C    C N N 88  
ALA O    O N N 89  
ALA CB   C N N 90  
ALA OXT  O N N 91  
ALA H    H N N 92  
ALA H2   H N N 93  
ALA HA   H N N 94  
ALA HB1  H N N 95  
ALA HB2  H N N 96  
ALA HB3  H N N 97  
ALA HXT  H N N 98  
ARG N    N N N 99  
ARG CA   C N S 100 
ARG C    C N N 101 
ARG O    O N N 102 
ARG CB   C N N 103 
ARG CG   C N N 104 
ARG CD   C N N 105 
ARG NE   N N N 106 
ARG CZ   C N N 107 
ARG NH1  N N N 108 
ARG NH2  N N N 109 
ARG OXT  O N N 110 
ARG H    H N N 111 
ARG H2   H N N 112 
ARG HA   H N N 113 
ARG HB2  H N N 114 
ARG HB3  H N N 115 
ARG HG2  H N N 116 
ARG HG3  H N N 117 
ARG HD2  H N N 118 
ARG HD3  H N N 119 
ARG HE   H N N 120 
ARG HH11 H N N 121 
ARG HH12 H N N 122 
ARG HH21 H N N 123 
ARG HH22 H N N 124 
ARG HXT  H N N 125 
ASN N    N N N 126 
ASN CA   C N S 127 
ASN C    C N N 128 
ASN O    O N N 129 
ASN CB   C N N 130 
ASN CG   C N N 131 
ASN OD1  O N N 132 
ASN ND2  N N N 133 
ASN OXT  O N N 134 
ASN H    H N N 135 
ASN H2   H N N 136 
ASN HA   H N N 137 
ASN HB2  H N N 138 
ASN HB3  H N N 139 
ASN HD21 H N N 140 
ASN HD22 H N N 141 
ASN HXT  H N N 142 
ASP N    N N N 143 
ASP CA   C N S 144 
ASP C    C N N 145 
ASP O    O N N 146 
ASP CB   C N N 147 
ASP CG   C N N 148 
ASP OD1  O N N 149 
ASP OD2  O N N 150 
ASP OXT  O N N 151 
ASP H    H N N 152 
ASP H2   H N N 153 
ASP HA   H N N 154 
ASP HB2  H N N 155 
ASP HB3  H N N 156 
ASP HD2  H N N 157 
ASP HXT  H N N 158 
CYS N    N N N 159 
CYS CA   C N R 160 
CYS C    C N N 161 
CYS O    O N N 162 
CYS CB   C N N 163 
CYS SG   S N N 164 
CYS OXT  O N N 165 
CYS H    H N N 166 
CYS H2   H N N 167 
CYS HA   H N N 168 
CYS HB2  H N N 169 
CYS HB3  H N N 170 
CYS HG   H N N 171 
CYS HXT  H N N 172 
GLN N    N N N 173 
GLN CA   C N S 174 
GLN C    C N N 175 
GLN O    O N N 176 
GLN CB   C N N 177 
GLN CG   C N N 178 
GLN CD   C N N 179 
GLN OE1  O N N 180 
GLN NE2  N N N 181 
GLN OXT  O N N 182 
GLN H    H N N 183 
GLN H2   H N N 184 
GLN HA   H N N 185 
GLN HB2  H N N 186 
GLN HB3  H N N 187 
GLN HG2  H N N 188 
GLN HG3  H N N 189 
GLN HE21 H N N 190 
GLN HE22 H N N 191 
GLN HXT  H N N 192 
GLU N    N N N 193 
GLU CA   C N S 194 
GLU C    C N N 195 
GLU O    O N N 196 
GLU CB   C N N 197 
GLU CG   C N N 198 
GLU CD   C N N 199 
GLU OE1  O N N 200 
GLU OE2  O N N 201 
GLU OXT  O N N 202 
GLU H    H N N 203 
GLU H2   H N N 204 
GLU HA   H N N 205 
GLU HB2  H N N 206 
GLU HB3  H N N 207 
GLU HG2  H N N 208 
GLU HG3  H N N 209 
GLU HE2  H N N 210 
GLU HXT  H N N 211 
GLY N    N N N 212 
GLY CA   C N N 213 
GLY C    C N N 214 
GLY O    O N N 215 
GLY OXT  O N N 216 
GLY H    H N N 217 
GLY H2   H N N 218 
GLY HA2  H N N 219 
GLY HA3  H N N 220 
GLY HXT  H N N 221 
HIS N    N N N 222 
HIS CA   C N S 223 
HIS C    C N N 224 
HIS O    O N N 225 
HIS CB   C N N 226 
HIS CG   C Y N 227 
HIS ND1  N Y N 228 
HIS CD2  C Y N 229 
HIS CE1  C Y N 230 
HIS NE2  N Y N 231 
HIS OXT  O N N 232 
HIS H    H N N 233 
HIS H2   H N N 234 
HIS HA   H N N 235 
HIS HB2  H N N 236 
HIS HB3  H N N 237 
HIS HD1  H N N 238 
HIS HD2  H N N 239 
HIS HE1  H N N 240 
HIS HE2  H N N 241 
HIS HXT  H N N 242 
HOH O    O N N 243 
HOH H1   H N N 244 
HOH H2   H N N 245 
ILE N    N N N 246 
ILE CA   C N S 247 
ILE C    C N N 248 
ILE O    O N N 249 
ILE CB   C N S 250 
ILE CG1  C N N 251 
ILE CG2  C N N 252 
ILE CD1  C N N 253 
ILE OXT  O N N 254 
ILE H    H N N 255 
ILE H2   H N N 256 
ILE HA   H N N 257 
ILE HB   H N N 258 
ILE HG12 H N N 259 
ILE HG13 H N N 260 
ILE HG21 H N N 261 
ILE HG22 H N N 262 
ILE HG23 H N N 263 
ILE HD11 H N N 264 
ILE HD12 H N N 265 
ILE HD13 H N N 266 
ILE HXT  H N N 267 
LEU N    N N N 268 
LEU CA   C N S 269 
LEU C    C N N 270 
LEU O    O N N 271 
LEU CB   C N N 272 
LEU CG   C N N 273 
LEU CD1  C N N 274 
LEU CD2  C N N 275 
LEU OXT  O N N 276 
LEU H    H N N 277 
LEU H2   H N N 278 
LEU HA   H N N 279 
LEU HB2  H N N 280 
LEU HB3  H N N 281 
LEU HG   H N N 282 
LEU HD11 H N N 283 
LEU HD12 H N N 284 
LEU HD13 H N N 285 
LEU HD21 H N N 286 
LEU HD22 H N N 287 
LEU HD23 H N N 288 
LEU HXT  H N N 289 
LYS N    N N N 290 
LYS CA   C N S 291 
LYS C    C N N 292 
LYS O    O N N 293 
LYS CB   C N N 294 
LYS CG   C N N 295 
LYS CD   C N N 296 
LYS CE   C N N 297 
LYS NZ   N N N 298 
LYS OXT  O N N 299 
LYS H    H N N 300 
LYS H2   H N N 301 
LYS HA   H N N 302 
LYS HB2  H N N 303 
LYS HB3  H N N 304 
LYS HG2  H N N 305 
LYS HG3  H N N 306 
LYS HD2  H N N 307 
LYS HD3  H N N 308 
LYS HE2  H N N 309 
LYS HE3  H N N 310 
LYS HZ1  H N N 311 
LYS HZ2  H N N 312 
LYS HZ3  H N N 313 
LYS HXT  H N N 314 
MET N    N N N 315 
MET CA   C N S 316 
MET C    C N N 317 
MET O    O N N 318 
MET CB   C N N 319 
MET CG   C N N 320 
MET SD   S N N 321 
MET CE   C N N 322 
MET OXT  O N N 323 
MET H    H N N 324 
MET H2   H N N 325 
MET HA   H N N 326 
MET HB2  H N N 327 
MET HB3  H N N 328 
MET HG2  H N N 329 
MET HG3  H N N 330 
MET HE1  H N N 331 
MET HE2  H N N 332 
MET HE3  H N N 333 
MET HXT  H N N 334 
PHE N    N N N 335 
PHE CA   C N S 336 
PHE C    C N N 337 
PHE O    O N N 338 
PHE CB   C N N 339 
PHE CG   C Y N 340 
PHE CD1  C Y N 341 
PHE CD2  C Y N 342 
PHE CE1  C Y N 343 
PHE CE2  C Y N 344 
PHE CZ   C Y N 345 
PHE OXT  O N N 346 
PHE H    H N N 347 
PHE H2   H N N 348 
PHE HA   H N N 349 
PHE HB2  H N N 350 
PHE HB3  H N N 351 
PHE HD1  H N N 352 
PHE HD2  H N N 353 
PHE HE1  H N N 354 
PHE HE2  H N N 355 
PHE HZ   H N N 356 
PHE HXT  H N N 357 
PRO N    N N N 358 
PRO CA   C N S 359 
PRO C    C N N 360 
PRO O    O N N 361 
PRO CB   C N N 362 
PRO CG   C N N 363 
PRO CD   C N N 364 
PRO OXT  O N N 365 
PRO H    H N N 366 
PRO HA   H N N 367 
PRO HB2  H N N 368 
PRO HB3  H N N 369 
PRO HG2  H N N 370 
PRO HG3  H N N 371 
PRO HD2  H N N 372 
PRO HD3  H N N 373 
PRO HXT  H N N 374 
SER N    N N N 375 
SER CA   C N S 376 
SER C    C N N 377 
SER O    O N N 378 
SER CB   C N N 379 
SER OG   O N N 380 
SER OXT  O N N 381 
SER H    H N N 382 
SER H2   H N N 383 
SER HA   H N N 384 
SER HB2  H N N 385 
SER HB3  H N N 386 
SER HG   H N N 387 
SER HXT  H N N 388 
THR N    N N N 389 
THR CA   C N S 390 
THR C    C N N 391 
THR O    O N N 392 
THR CB   C N R 393 
THR OG1  O N N 394 
THR CG2  C N N 395 
THR OXT  O N N 396 
THR H    H N N 397 
THR H2   H N N 398 
THR HA   H N N 399 
THR HB   H N N 400 
THR HG1  H N N 401 
THR HG21 H N N 402 
THR HG22 H N N 403 
THR HG23 H N N 404 
THR HXT  H N N 405 
TRP N    N N N 406 
TRP CA   C N S 407 
TRP C    C N N 408 
TRP O    O N N 409 
TRP CB   C N N 410 
TRP CG   C Y N 411 
TRP CD1  C Y N 412 
TRP CD2  C Y N 413 
TRP NE1  N Y N 414 
TRP CE2  C Y N 415 
TRP CE3  C Y N 416 
TRP CZ2  C Y N 417 
TRP CZ3  C Y N 418 
TRP CH2  C Y N 419 
TRP OXT  O N N 420 
TRP H    H N N 421 
TRP H2   H N N 422 
TRP HA   H N N 423 
TRP HB2  H N N 424 
TRP HB3  H N N 425 
TRP HD1  H N N 426 
TRP HE1  H N N 427 
TRP HE3  H N N 428 
TRP HZ2  H N N 429 
TRP HZ3  H N N 430 
TRP HH2  H N N 431 
TRP HXT  H N N 432 
TYR N    N N N 433 
TYR CA   C N S 434 
TYR C    C N N 435 
TYR O    O N N 436 
TYR CB   C N N 437 
TYR CG   C Y N 438 
TYR CD1  C Y N 439 
TYR CD2  C Y N 440 
TYR CE1  C Y N 441 
TYR CE2  C Y N 442 
TYR CZ   C Y N 443 
TYR OH   O N N 444 
TYR OXT  O N N 445 
TYR H    H N N 446 
TYR H2   H N N 447 
TYR HA   H N N 448 
TYR HB2  H N N 449 
TYR HB3  H N N 450 
TYR HD1  H N N 451 
TYR HD2  H N N 452 
TYR HE1  H N N 453 
TYR HE2  H N N 454 
TYR HH   H N N 455 
TYR HXT  H N N 456 
VAL N    N N N 457 
VAL CA   C N S 458 
VAL C    C N N 459 
VAL O    O N N 460 
VAL CB   C N N 461 
VAL CG1  C N N 462 
VAL CG2  C N N 463 
VAL OXT  O N N 464 
VAL H    H N N 465 
VAL H2   H N N 466 
VAL HA   H N N 467 
VAL HB   H N N 468 
VAL HG11 H N N 469 
VAL HG12 H N N 470 
VAL HG13 H N N 471 
VAL HG21 H N N 472 
VAL HG22 H N N 473 
VAL HG23 H N N 474 
VAL HXT  H N N 475 
# 
loop_
_chem_comp_bond.comp_id 
_chem_comp_bond.atom_id_1 
_chem_comp_bond.atom_id_2 
_chem_comp_bond.value_order 
_chem_comp_bond.pdbx_aromatic_flag 
_chem_comp_bond.pdbx_stereo_config 
_chem_comp_bond.pdbx_ordinal 
8VT O6, C6,  sing N N 1   
8VT C6, C5,  sing N N 2   
8VT C26 C27  doub Y N 3   
8VT C26 C25  sing Y N 4   
8VT C27 C28  sing Y N 5   
8VT C34 C33  sing N N 6   
8VT O2  C2   sing N N 7   
8VT O5, C5,  sing N N 8   
8VT O5, C1,  sing N N 9   
8VT C5, C4,  sing N N 10  
8VT O35 C33  doub N N 11  
8VT C24 C25  sing N N 12  
8VT C24 O3   sing N N 13  
8VT C25 C30  doub Y N 14  
8VT C28 C29  doub Y N 15  
8VT C33 N1   sing N N 16  
8VT C3  O3   sing N N 17  
8VT C3  C2   sing N N 18  
8VT C3  C4   sing N N 19  
8VT C30 C29  sing Y N 20  
8VT C29 O31  sing N N 21  
8VT C1  C2   sing N N 22  
8VT C1  O1   sing N N 23  
8VT C1  O5   sing N N 24  
8VT N1  C1,  sing N N 25  
8VT C1, C2,  sing N N 26  
8VT C4, O1   sing N N 27  
8VT C4, C3,  sing N N 28  
8VT C5  C4   sing N N 29  
8VT C5  O5   sing N N 30  
8VT C5  C6   sing N N 31  
8VT C4  O4   sing N N 32  
8VT O31 C32  sing N N 33  
8VT O6  C6   sing N N 34  
8VT C2, C3,  sing N N 35  
8VT C2, N2   sing N N 36  
8VT C3, O3,  sing N N 37  
8VT N2  C36  sing N N 38  
8VT O37 C36  doub N N 39  
8VT C36 C38  sing N N 40  
8VT C38 C39  doub Y N 41  
8VT C38 C43  sing Y N 42  
8VT C39 C40  sing Y N 43  
8VT C43 C42  doub Y N 44  
8VT C40 C41  doub Y N 45  
8VT C45 O44  sing N N 46  
8VT C42 C41  sing Y N 47  
8VT C42 O44  sing N N 48  
8VT C34 H1   sing N N 49  
8VT C34 H2   sing N N 50  
8VT C34 H3   sing N N 51  
8VT N1  H4   sing N N 52  
8VT C1, H5   sing N N 53  
8VT C2, H6   sing N N 54  
8VT N2  H7   sing N N 55  
8VT C39 H8   sing N N 56  
8VT C40 H9   sing N N 57  
8VT C41 H10  sing N N 58  
8VT C45 H11  sing N N 59  
8VT C45 H12  sing N N 60  
8VT C45 H13  sing N N 61  
8VT C43 H14  sing N N 62  
8VT C5, H15  sing N N 63  
8VT C6, H16  sing N N 64  
8VT C6, H17  sing N N 65  
8VT O6, H18  sing N N 66  
8VT C4, H19  sing N N 67  
8VT C3, H20  sing N N 68  
8VT O3, H21  sing N N 69  
8VT C1  H22  sing N N 70  
8VT C2  H23  sing N N 71  
8VT O2  H24  sing N N 72  
8VT C3  H25  sing N N 73  
8VT C4  H26  sing N N 74  
8VT O4  H27  sing N N 75  
8VT C5  H28  sing N N 76  
8VT C6  H29  sing N N 77  
8VT C6  H30  sing N N 78  
8VT O6  H31  sing N N 79  
8VT C24 H32  sing N N 80  
8VT C24 H33  sing N N 81  
8VT C26 H34  sing N N 82  
8VT C27 H35  sing N N 83  
8VT C28 H36  sing N N 84  
8VT C30 H37  sing N N 85  
8VT C32 H38  sing N N 86  
8VT C32 H39  sing N N 87  
8VT C32 H40  sing N N 88  
ALA N   CA   sing N N 89  
ALA N   H    sing N N 90  
ALA N   H2   sing N N 91  
ALA CA  C    sing N N 92  
ALA CA  CB   sing N N 93  
ALA CA  HA   sing N N 94  
ALA C   O    doub N N 95  
ALA C   OXT  sing N N 96  
ALA CB  HB1  sing N N 97  
ALA CB  HB2  sing N N 98  
ALA CB  HB3  sing N N 99  
ALA OXT HXT  sing N N 100 
ARG N   CA   sing N N 101 
ARG N   H    sing N N 102 
ARG N   H2   sing N N 103 
ARG CA  C    sing N N 104 
ARG CA  CB   sing N N 105 
ARG CA  HA   sing N N 106 
ARG C   O    doub N N 107 
ARG C   OXT  sing N N 108 
ARG CB  CG   sing N N 109 
ARG CB  HB2  sing N N 110 
ARG CB  HB3  sing N N 111 
ARG CG  CD   sing N N 112 
ARG CG  HG2  sing N N 113 
ARG CG  HG3  sing N N 114 
ARG CD  NE   sing N N 115 
ARG CD  HD2  sing N N 116 
ARG CD  HD3  sing N N 117 
ARG NE  CZ   sing N N 118 
ARG NE  HE   sing N N 119 
ARG CZ  NH1  sing N N 120 
ARG CZ  NH2  doub N N 121 
ARG NH1 HH11 sing N N 122 
ARG NH1 HH12 sing N N 123 
ARG NH2 HH21 sing N N 124 
ARG NH2 HH22 sing N N 125 
ARG OXT HXT  sing N N 126 
ASN N   CA   sing N N 127 
ASN N   H    sing N N 128 
ASN N   H2   sing N N 129 
ASN CA  C    sing N N 130 
ASN CA  CB   sing N N 131 
ASN CA  HA   sing N N 132 
ASN C   O    doub N N 133 
ASN C   OXT  sing N N 134 
ASN CB  CG   sing N N 135 
ASN CB  HB2  sing N N 136 
ASN CB  HB3  sing N N 137 
ASN CG  OD1  doub N N 138 
ASN CG  ND2  sing N N 139 
ASN ND2 HD21 sing N N 140 
ASN ND2 HD22 sing N N 141 
ASN OXT HXT  sing N N 142 
ASP N   CA   sing N N 143 
ASP N   H    sing N N 144 
ASP N   H2   sing N N 145 
ASP CA  C    sing N N 146 
ASP CA  CB   sing N N 147 
ASP CA  HA   sing N N 148 
ASP C   O    doub N N 149 
ASP C   OXT  sing N N 150 
ASP CB  CG   sing N N 151 
ASP CB  HB2  sing N N 152 
ASP CB  HB3  sing N N 153 
ASP CG  OD1  doub N N 154 
ASP CG  OD2  sing N N 155 
ASP OD2 HD2  sing N N 156 
ASP OXT HXT  sing N N 157 
CYS N   CA   sing N N 158 
CYS N   H    sing N N 159 
CYS N   H2   sing N N 160 
CYS CA  C    sing N N 161 
CYS CA  CB   sing N N 162 
CYS CA  HA   sing N N 163 
CYS C   O    doub N N 164 
CYS C   OXT  sing N N 165 
CYS CB  SG   sing N N 166 
CYS CB  HB2  sing N N 167 
CYS CB  HB3  sing N N 168 
CYS SG  HG   sing N N 169 
CYS OXT HXT  sing N N 170 
GLN N   CA   sing N N 171 
GLN N   H    sing N N 172 
GLN N   H2   sing N N 173 
GLN CA  C    sing N N 174 
GLN CA  CB   sing N N 175 
GLN CA  HA   sing N N 176 
GLN C   O    doub N N 177 
GLN C   OXT  sing N N 178 
GLN CB  CG   sing N N 179 
GLN CB  HB2  sing N N 180 
GLN CB  HB3  sing N N 181 
GLN CG  CD   sing N N 182 
GLN CG  HG2  sing N N 183 
GLN CG  HG3  sing N N 184 
GLN CD  OE1  doub N N 185 
GLN CD  NE2  sing N N 186 
GLN NE2 HE21 sing N N 187 
GLN NE2 HE22 sing N N 188 
GLN OXT HXT  sing N N 189 
GLU N   CA   sing N N 190 
GLU N   H    sing N N 191 
GLU N   H2   sing N N 192 
GLU CA  C    sing N N 193 
GLU CA  CB   sing N N 194 
GLU CA  HA   sing N N 195 
GLU C   O    doub N N 196 
GLU C   OXT  sing N N 197 
GLU CB  CG   sing N N 198 
GLU CB  HB2  sing N N 199 
GLU CB  HB3  sing N N 200 
GLU CG  CD   sing N N 201 
GLU CG  HG2  sing N N 202 
GLU CG  HG3  sing N N 203 
GLU CD  OE1  doub N N 204 
GLU CD  OE2  sing N N 205 
GLU OE2 HE2  sing N N 206 
GLU OXT HXT  sing N N 207 
GLY N   CA   sing N N 208 
GLY N   H    sing N N 209 
GLY N   H2   sing N N 210 
GLY CA  C    sing N N 211 
GLY CA  HA2  sing N N 212 
GLY CA  HA3  sing N N 213 
GLY C   O    doub N N 214 
GLY C   OXT  sing N N 215 
GLY OXT HXT  sing N N 216 
HIS N   CA   sing N N 217 
HIS N   H    sing N N 218 
HIS N   H2   sing N N 219 
HIS CA  C    sing N N 220 
HIS CA  CB   sing N N 221 
HIS CA  HA   sing N N 222 
HIS C   O    doub N N 223 
HIS C   OXT  sing N N 224 
HIS CB  CG   sing N N 225 
HIS CB  HB2  sing N N 226 
HIS CB  HB3  sing N N 227 
HIS CG  ND1  sing Y N 228 
HIS CG  CD2  doub Y N 229 
HIS ND1 CE1  doub Y N 230 
HIS ND1 HD1  sing N N 231 
HIS CD2 NE2  sing Y N 232 
HIS CD2 HD2  sing N N 233 
HIS CE1 NE2  sing Y N 234 
HIS CE1 HE1  sing N N 235 
HIS NE2 HE2  sing N N 236 
HIS OXT HXT  sing N N 237 
HOH O   H1   sing N N 238 
HOH O   H2   sing N N 239 
ILE N   CA   sing N N 240 
ILE N   H    sing N N 241 
ILE N   H2   sing N N 242 
ILE CA  C    sing N N 243 
ILE CA  CB   sing N N 244 
ILE CA  HA   sing N N 245 
ILE C   O    doub N N 246 
ILE C   OXT  sing N N 247 
ILE CB  CG1  sing N N 248 
ILE CB  CG2  sing N N 249 
ILE CB  HB   sing N N 250 
ILE CG1 CD1  sing N N 251 
ILE CG1 HG12 sing N N 252 
ILE CG1 HG13 sing N N 253 
ILE CG2 HG21 sing N N 254 
ILE CG2 HG22 sing N N 255 
ILE CG2 HG23 sing N N 256 
ILE CD1 HD11 sing N N 257 
ILE CD1 HD12 sing N N 258 
ILE CD1 HD13 sing N N 259 
ILE OXT HXT  sing N N 260 
LEU N   CA   sing N N 261 
LEU N   H    sing N N 262 
LEU N   H2   sing N N 263 
LEU CA  C    sing N N 264 
LEU CA  CB   sing N N 265 
LEU CA  HA   sing N N 266 
LEU C   O    doub N N 267 
LEU C   OXT  sing N N 268 
LEU CB  CG   sing N N 269 
LEU CB  HB2  sing N N 270 
LEU CB  HB3  sing N N 271 
LEU CG  CD1  sing N N 272 
LEU CG  CD2  sing N N 273 
LEU CG  HG   sing N N 274 
LEU CD1 HD11 sing N N 275 
LEU CD1 HD12 sing N N 276 
LEU CD1 HD13 sing N N 277 
LEU CD2 HD21 sing N N 278 
LEU CD2 HD22 sing N N 279 
LEU CD2 HD23 sing N N 280 
LEU OXT HXT  sing N N 281 
LYS N   CA   sing N N 282 
LYS N   H    sing N N 283 
LYS N   H2   sing N N 284 
LYS CA  C    sing N N 285 
LYS CA  CB   sing N N 286 
LYS CA  HA   sing N N 287 
LYS C   O    doub N N 288 
LYS C   OXT  sing N N 289 
LYS CB  CG   sing N N 290 
LYS CB  HB2  sing N N 291 
LYS CB  HB3  sing N N 292 
LYS CG  CD   sing N N 293 
LYS CG  HG2  sing N N 294 
LYS CG  HG3  sing N N 295 
LYS CD  CE   sing N N 296 
LYS CD  HD2  sing N N 297 
LYS CD  HD3  sing N N 298 
LYS CE  NZ   sing N N 299 
LYS CE  HE2  sing N N 300 
LYS CE  HE3  sing N N 301 
LYS NZ  HZ1  sing N N 302 
LYS NZ  HZ2  sing N N 303 
LYS NZ  HZ3  sing N N 304 
LYS OXT HXT  sing N N 305 
MET N   CA   sing N N 306 
MET N   H    sing N N 307 
MET N   H2   sing N N 308 
MET CA  C    sing N N 309 
MET CA  CB   sing N N 310 
MET CA  HA   sing N N 311 
MET C   O    doub N N 312 
MET C   OXT  sing N N 313 
MET CB  CG   sing N N 314 
MET CB  HB2  sing N N 315 
MET CB  HB3  sing N N 316 
MET CG  SD   sing N N 317 
MET CG  HG2  sing N N 318 
MET CG  HG3  sing N N 319 
MET SD  CE   sing N N 320 
MET CE  HE1  sing N N 321 
MET CE  HE2  sing N N 322 
MET CE  HE3  sing N N 323 
MET OXT HXT  sing N N 324 
PHE N   CA   sing N N 325 
PHE N   H    sing N N 326 
PHE N   H2   sing N N 327 
PHE CA  C    sing N N 328 
PHE CA  CB   sing N N 329 
PHE CA  HA   sing N N 330 
PHE C   O    doub N N 331 
PHE C   OXT  sing N N 332 
PHE CB  CG   sing N N 333 
PHE CB  HB2  sing N N 334 
PHE CB  HB3  sing N N 335 
PHE CG  CD1  doub Y N 336 
PHE CG  CD2  sing Y N 337 
PHE CD1 CE1  sing Y N 338 
PHE CD1 HD1  sing N N 339 
PHE CD2 CE2  doub Y N 340 
PHE CD2 HD2  sing N N 341 
PHE CE1 CZ   doub Y N 342 
PHE CE1 HE1  sing N N 343 
PHE CE2 CZ   sing Y N 344 
PHE CE2 HE2  sing N N 345 
PHE CZ  HZ   sing N N 346 
PHE OXT HXT  sing N N 347 
PRO N   CA   sing N N 348 
PRO N   CD   sing N N 349 
PRO N   H    sing N N 350 
PRO CA  C    sing N N 351 
PRO CA  CB   sing N N 352 
PRO CA  HA   sing N N 353 
PRO C   O    doub N N 354 
PRO C   OXT  sing N N 355 
PRO CB  CG   sing N N 356 
PRO CB  HB2  sing N N 357 
PRO CB  HB3  sing N N 358 
PRO CG  CD   sing N N 359 
PRO CG  HG2  sing N N 360 
PRO CG  HG3  sing N N 361 
PRO CD  HD2  sing N N 362 
PRO CD  HD3  sing N N 363 
PRO OXT HXT  sing N N 364 
SER N   CA   sing N N 365 
SER N   H    sing N N 366 
SER N   H2   sing N N 367 
SER CA  C    sing N N 368 
SER CA  CB   sing N N 369 
SER CA  HA   sing N N 370 
SER C   O    doub N N 371 
SER C   OXT  sing N N 372 
SER CB  OG   sing N N 373 
SER CB  HB2  sing N N 374 
SER CB  HB3  sing N N 375 
SER OG  HG   sing N N 376 
SER OXT HXT  sing N N 377 
THR N   CA   sing N N 378 
THR N   H    sing N N 379 
THR N   H2   sing N N 380 
THR CA  C    sing N N 381 
THR CA  CB   sing N N 382 
THR CA  HA   sing N N 383 
THR C   O    doub N N 384 
THR C   OXT  sing N N 385 
THR CB  OG1  sing N N 386 
THR CB  CG2  sing N N 387 
THR CB  HB   sing N N 388 
THR OG1 HG1  sing N N 389 
THR CG2 HG21 sing N N 390 
THR CG2 HG22 sing N N 391 
THR CG2 HG23 sing N N 392 
THR OXT HXT  sing N N 393 
TRP N   CA   sing N N 394 
TRP N   H    sing N N 395 
TRP N   H2   sing N N 396 
TRP CA  C    sing N N 397 
TRP CA  CB   sing N N 398 
TRP CA  HA   sing N N 399 
TRP C   O    doub N N 400 
TRP C   OXT  sing N N 401 
TRP CB  CG   sing N N 402 
TRP CB  HB2  sing N N 403 
TRP CB  HB3  sing N N 404 
TRP CG  CD1  doub Y N 405 
TRP CG  CD2  sing Y N 406 
TRP CD1 NE1  sing Y N 407 
TRP CD1 HD1  sing N N 408 
TRP CD2 CE2  doub Y N 409 
TRP CD2 CE3  sing Y N 410 
TRP NE1 CE2  sing Y N 411 
TRP NE1 HE1  sing N N 412 
TRP CE2 CZ2  sing Y N 413 
TRP CE3 CZ3  doub Y N 414 
TRP CE3 HE3  sing N N 415 
TRP CZ2 CH2  doub Y N 416 
TRP CZ2 HZ2  sing N N 417 
TRP CZ3 CH2  sing Y N 418 
TRP CZ3 HZ3  sing N N 419 
TRP CH2 HH2  sing N N 420 
TRP OXT HXT  sing N N 421 
TYR N   CA   sing N N 422 
TYR N   H    sing N N 423 
TYR N   H2   sing N N 424 
TYR CA  C    sing N N 425 
TYR CA  CB   sing N N 426 
TYR CA  HA   sing N N 427 
TYR C   O    doub N N 428 
TYR C   OXT  sing N N 429 
TYR CB  CG   sing N N 430 
TYR CB  HB2  sing N N 431 
TYR CB  HB3  sing N N 432 
TYR CG  CD1  doub Y N 433 
TYR CG  CD2  sing Y N 434 
TYR CD1 CE1  sing Y N 435 
TYR CD1 HD1  sing N N 436 
TYR CD2 CE2  doub Y N 437 
TYR CD2 HD2  sing N N 438 
TYR CE1 CZ   doub Y N 439 
TYR CE1 HE1  sing N N 440 
TYR CE2 CZ   sing Y N 441 
TYR CE2 HE2  sing N N 442 
TYR CZ  OH   sing N N 443 
TYR OH  HH   sing N N 444 
TYR OXT HXT  sing N N 445 
VAL N   CA   sing N N 446 
VAL N   H    sing N N 447 
VAL N   H2   sing N N 448 
VAL CA  C    sing N N 449 
VAL CA  CB   sing N N 450 
VAL CA  HA   sing N N 451 
VAL C   O    doub N N 452 
VAL C   OXT  sing N N 453 
VAL CB  CG1  sing N N 454 
VAL CB  CG2  sing N N 455 
VAL CB  HB   sing N N 456 
VAL CG1 HG11 sing N N 457 
VAL CG1 HG12 sing N N 458 
VAL CG1 HG13 sing N N 459 
VAL CG2 HG21 sing N N 460 
VAL CG2 HG22 sing N N 461 
VAL CG2 HG23 sing N N 462 
VAL OXT HXT  sing N N 463 
# 
_pdbx_initial_refinement_model.id               1 
_pdbx_initial_refinement_model.entity_id_list   ? 
_pdbx_initial_refinement_model.type             'experimental model' 
_pdbx_initial_refinement_model.source_name      PDB 
_pdbx_initial_refinement_model.accession_code   3ZSL 
_pdbx_initial_refinement_model.details          ? 
# 
_atom_sites.entry_id                    5NFB 
_atom_sites.fract_transf_matrix[1][1]   -0.00182821 
_atom_sites.fract_transf_matrix[1][2]   0.02737302 
_atom_sites.fract_transf_matrix[1][3]   0.00296723 
_atom_sites.fract_transf_matrix[2][1]   -0.01562280 
_atom_sites.fract_transf_matrix[2][2]   -0.00024955 
_atom_sites.fract_transf_matrix[2][3]   -0.00732362 
_atom_sites.fract_transf_matrix[3][1]   -0.00670291 
_atom_sites.fract_transf_matrix[3][2]   -0.00200506 
_atom_sites.fract_transf_matrix[3][3]   0.01436702 
_atom_sites.fract_transf_vector[1]      0.332959 
_atom_sites.fract_transf_vector[2]      0.013211 
_atom_sites.fract_transf_vector[3]      0.104608 
# 
loop_
_atom_type.symbol 
C 
N 
O 
S 
# 
loop_
_atom_site.group_PDB 
_atom_site.id 
_atom_site.type_symbol 
_atom_site.label_atom_id 
_atom_site.label_alt_id 
_atom_site.label_comp_id 
_atom_site.label_asym_id 
_atom_site.label_entity_id 
_atom_site.label_seq_id 
_atom_site.pdbx_PDB_ins_code 
_atom_site.Cartn_x 
_atom_site.Cartn_y 
_atom_site.Cartn_z 
_atom_site.occupancy 
_atom_site.B_iso_or_equiv 
_atom_site.pdbx_formal_charge 
_atom_site.auth_seq_id 
_atom_site.auth_comp_id 
_atom_site.auth_asym_id 
_atom_site.auth_atom_id 
_atom_site.pdbx_PDB_model_num 
ATOM   1    N N   . PRO A 1 39  ? 5.987   -17.536 4.051   1.00 40.29 ? 113 PRO A N   1 
ATOM   2    C CA  . PRO A 1 39  ? 5.564   -18.331 2.942   1.00 38.19 ? 113 PRO A CA  1 
ATOM   3    C C   . PRO A 1 39  ? 5.402   -17.562 1.599   1.00 34.68 ? 113 PRO A C   1 
ATOM   4    O O   . PRO A 1 39  ? 5.267   -18.257 0.637   1.00 28.67 ? 113 PRO A O   1 
ATOM   5    C CB  . PRO A 1 39  ? 4.194   -18.847 3.387   1.00 35.65 ? 113 PRO A CB  1 
ATOM   6    C CG  . PRO A 1 39  ? 3.637   -17.684 4.078   1.00 41.12 ? 113 PRO A CG  1 
ATOM   7    C CD  . PRO A 1 39  ? 4.831   -17.203 4.899   1.00 41.69 ? 113 PRO A CD  1 
ATOM   8    N N   . LEU A 1 40  ? 5.339   -16.215 1.506   1.00 30.17 ? 114 LEU A N   1 
ATOM   9    C CA  . LEU A 1 40  ? 5.463   -15.519 0.147   1.00 26.68 ? 114 LEU A CA  1 
ATOM   10   C C   . LEU A 1 40  ? 6.804   -14.839 0.000   1.00 25.98 ? 114 LEU A C   1 
ATOM   11   O O   . LEU A 1 40  ? 7.376   -14.418 0.978   1.00 31.82 ? 114 LEU A O   1 
ATOM   12   C CB  . LEU A 1 40  ? 4.331   -14.528 -0.171  1.00 26.22 ? 114 LEU A CB  1 
ATOM   13   C CG  . LEU A 1 40  ? 2.903   -15.054 -0.223  1.00 27.30 ? 114 LEU A CG  1 
ATOM   14   C CD1 . LEU A 1 40  ? 1.833   -13.999 -0.480  1.00 29.31 ? 114 LEU A CD1 1 
ATOM   15   C CD2 . LEU A 1 40  ? 2.782   -16.150 -1.316  1.00 29.18 ? 114 LEU A CD2 1 
ATOM   16   N N   . ILE A 1 41  ? 7.317   -14.727 -1.208  1.00 21.50 ? 115 ILE A N   1 
ATOM   17   C CA  . ILE A 1 41  ? 8.616   -14.105 -1.407  1.00 22.66 ? 115 ILE A CA  1 
ATOM   18   C C   . ILE A 1 41  ? 8.405   -12.564 -1.597  1.00 20.22 ? 115 ILE A C   1 
ATOM   19   O O   . ILE A 1 41  ? 7.648   -12.150 -2.476  1.00 21.60 ? 115 ILE A O   1 
ATOM   20   C CB  . ILE A 1 41  ? 9.285   -14.609 -2.690  1.00 27.24 ? 115 ILE A CB  1 
ATOM   21   C CG1 . ILE A 1 41  ? 9.661   -16.109 -2.558  1.00 30.20 ? 115 ILE A CG1 1 
ATOM   22   C CG2 . ILE A 1 41  ? 10.520  -13.751 -3.039  1.00 28.04 ? 115 ILE A CG2 1 
ATOM   23   C CD1 . ILE A 1 41  ? 11.158  -16.378 -2.371  1.00 34.53 ? 115 ILE A CD1 1 
ATOM   24   N N   . VAL A 1 42  ? 9.199   -11.786 -0.922  1.00 18.62 ? 116 VAL A N   1 
ATOM   25   C CA  . VAL A 1 42  ? 9.175   -10.316 -1.098  1.00 18.75 ? 116 VAL A CA  1 
ATOM   26   C C   . VAL A 1 42  ? 10.450  -9.875  -1.849  1.00 17.74 ? 116 VAL A C   1 
ATOM   27   O O   . VAL A 1 42  ? 11.587  -10.273 -1.504  1.00 18.35 ? 116 VAL A O   1 
ATOM   28   C CB  . VAL A 1 42  ? 9.102   -9.768  0.330   1.00 22.08 ? 116 VAL A CB  1 
ATOM   29   C CG1 . VAL A 1 42  ? 9.226   -8.247  0.397   1.00 23.03 ? 116 VAL A CG1 1 
ATOM   30   C CG2 . VAL A 1 42  ? 7.815   -10.239 1.014   1.00 22.68 ? 116 VAL A CG2 1 
ATOM   31   N N   . PRO A 1 43  ? 10.381  -8.998  -2.841  1.00 18.61 ? 117 PRO A N   1 
ATOM   32   C CA  . PRO A 1 43  ? 9.168   -8.334  -3.226  1.00 15.83 ? 117 PRO A CA  1 
ATOM   33   C C   . PRO A 1 43  ? 8.171   -9.230  -3.935  1.00 16.50 ? 117 PRO A C   1 
ATOM   34   O O   . PRO A 1 43  ? 8.591   -10.213 -4.576  1.00 19.84 ? 117 PRO A O   1 
ATOM   35   C CB  . PRO A 1 43  ? 9.653   -7.247  -4.190  1.00 17.13 ? 117 PRO A CB  1 
ATOM   36   C CG  . PRO A 1 43  ? 11.064  -7.211  -4.160  1.00 21.64 ? 117 PRO A CG  1 
ATOM   37   C CD  . PRO A 1 43  ? 11.587  -8.395  -3.428  1.00 17.77 ? 117 PRO A CD  1 
ATOM   38   N N   . TYR A 1 44  ? 6.873   -8.979  -3.794  1.00 15.15 ? 118 TYR A N   1 
ATOM   39   C CA  . TYR A 1 44  ? 5.864   -9.810  -4.305  1.00 15.61 ? 118 TYR A CA  1 
ATOM   40   C C   . TYR A 1 44  ? 4.992   -8.980  -5.211  1.00 16.54 ? 118 TYR A C   1 
ATOM   41   O O   . TYR A 1 44  ? 4.615   -7.864  -4.910  1.00 16.73 ? 118 TYR A O   1 
ATOM   42   C CB  . TYR A 1 44  ? 4.976   -10.391 -3.207  1.00 14.89 ? 118 TYR A CB  1 
ATOM   43   C CG  . TYR A 1 44  ? 3.927   -11.337 -3.575  1.00 17.07 ? 118 TYR A CG  1 
ATOM   44   C CD1 . TYR A 1 44  ? 4.239   -12.686 -3.753  1.00 20.54 ? 118 TYR A CD1 1 
ATOM   45   C CD2 . TYR A 1 44  ? 2.628   -10.953 -3.768  1.00 18.25 ? 118 TYR A CD2 1 
ATOM   46   C CE1 . TYR A 1 44  ? 3.251   -13.595 -4.102  1.00 22.62 ? 118 TYR A CE1 1 
ATOM   47   C CE2 . TYR A 1 44  ? 1.644   -11.855 -4.118  1.00 21.52 ? 118 TYR A CE2 1 
ATOM   48   C CZ  . TYR A 1 44  ? 1.978   -13.201 -4.278  1.00 24.38 ? 118 TYR A CZ  1 
ATOM   49   O OH  . TYR A 1 44  ? 1.006   -14.110 -4.639  1.00 25.65 ? 118 TYR A OH  1 
ATOM   50   N N   . ASN A 1 45  ? 4.640   -9.528  -6.345  1.00 16.15 ? 119 ASN A N   1 
ATOM   51   C CA  . ASN A 1 45  ? 3.710   -8.912  -7.238  1.00 16.48 ? 119 ASN A CA  1 
ATOM   52   C C   . ASN A 1 45  ? 2.389   -9.660  -7.272  1.00 15.84 ? 119 ASN A C   1 
ATOM   53   O O   . ASN A 1 45  ? 2.302   -10.927 -7.535  1.00 17.60 ? 119 ASN A O   1 
ATOM   54   C CB  . ASN A 1 45  ? 4.215   -8.965  -8.663  1.00 18.79 ? 119 ASN A CB  1 
ATOM   55   C CG  . ASN A 1 45  ? 3.184   -8.356  -9.660  1.00 26.65 ? 119 ASN A CG  1 
ATOM   56   O OD1 . ASN A 1 45  ? 2.874   -7.169  -9.558  1.00 30.62 ? 119 ASN A OD1 1 
ATOM   57   N ND2 . ASN A 1 45  ? 2.584   -9.198  -10.589 1.00 33.17 ? 119 ASN A ND2 1 
ATOM   58   N N   . LEU A 1 46  ? 1.345   -8.916  -6.996  1.00 13.50 ? 120 LEU A N   1 
ATOM   59   C CA  . LEU A 1 46  ? -0.002  -9.400  -7.013  1.00 13.25 ? 120 LEU A CA  1 
ATOM   60   C C   . LEU A 1 46  ? -0.704  -8.788  -8.233  1.00 13.90 ? 120 LEU A C   1 
ATOM   61   O O   . LEU A 1 46  ? -0.998  -7.598  -8.284  1.00 12.19 ? 120 LEU A O   1 
ATOM   62   C CB  . LEU A 1 46  ? -0.741  -8.997  -5.799  1.00 15.60 ? 120 LEU A CB  1 
ATOM   63   C CG  . LEU A 1 46  ? -2.185  -9.428  -5.657  1.00 17.42 ? 120 LEU A CG  1 
ATOM   64   C CD1 . LEU A 1 46  ? -2.358  -10.948 -5.527  1.00 19.78 ? 120 LEU A CD1 1 
ATOM   65   C CD2 . LEU A 1 46  ? -2.946  -8.708  -4.553  1.00 18.91 ? 120 LEU A CD2 1 
ATOM   66   N N   . PRO A 1 47  ? -1.030  -9.604  -9.261  1.00 13.50 ? 121 PRO A N   1 
ATOM   67   C CA  . PRO A 1 47  ? -1.805  -9.096  -10.377 1.00 13.74 ? 121 PRO A CA  1 
ATOM   68   C C   . PRO A 1 47  ? -3.143  -8.718  -9.983  1.00 12.83 ? 121 PRO A C   1 
ATOM   69   O O   . PRO A 1 47  ? -3.732  -9.380  -9.108  1.00 12.94 ? 121 PRO A O   1 
ATOM   70   C CB  . PRO A 1 47  ? -1.919  -10.348 -11.285 1.00 14.70 ? 121 PRO A CB  1 
ATOM   71   C CG  . PRO A 1 47  ? -0.853  -11.245 -10.884 1.00 16.90 ? 121 PRO A CG  1 
ATOM   72   C CD  . PRO A 1 47  ? -0.679  -11.029 -9.395  1.00 16.27 ? 121 PRO A CD  1 
ATOM   73   N N   . LEU A 1 48  ? -3.665  -7.635  -10.541 1.00 10.37 ? 122 LEU A N   1 
ATOM   74   C CA  . LEU A 1 48  ? -5.023  -7.118  -10.325 1.00 10.80 ? 122 LEU A CA  1 
ATOM   75   C C   . LEU A 1 48  ? -5.704  -7.162  -11.681 1.00 12.09 ? 122 LEU A C   1 
ATOM   76   O O   . LEU A 1 48  ? -5.683  -6.205  -12.435 1.00 13.79 ? 122 LEU A O   1 
ATOM   77   C CB  . LEU A 1 48  ? -4.976  -5.725  -9.773  1.00 11.12 ? 122 LEU A CB  1 
ATOM   78   C CG  . LEU A 1 48  ? -4.094  -5.548  -8.479  1.00 12.83 ? 122 LEU A CG  1 
ATOM   79   C CD1 . LEU A 1 48  ? -4.101  -4.070  -8.056  1.00 12.90 ? 122 LEU A CD1 1 
ATOM   80   C CD2 . LEU A 1 48  ? -4.580  -6.369  -7.282  1.00 14.30 ? 122 LEU A CD2 1 
ATOM   81   N N   . PRO A 1 49  ? -6.379  -8.278  -11.949 1.00 12.67 ? 123 PRO A N   1 
ATOM   82   C CA  . PRO A 1 49  ? -6.808  -8.489  -13.379 1.00 13.29 ? 123 PRO A CA  1 
ATOM   83   C C   . PRO A 1 49  ? -7.861  -7.455  -13.784 1.00 13.16 ? 123 PRO A C   1 
ATOM   84   O O   . PRO A 1 49  ? -8.868  -7.329  -13.202 1.00 13.13 ? 123 PRO A O   1 
ATOM   85   C CB  . PRO A 1 49  ? -7.395  -9.917  -13.327 1.00 13.57 ? 123 PRO A CB  1 
ATOM   86   C CG  . PRO A 1 49  ? -6.697  -10.571 -12.181 1.00 13.70 ? 123 PRO A CG  1 
ATOM   87   C CD  . PRO A 1 49  ? -6.545  -9.502  -11.156 1.00 12.70 ? 123 PRO A CD  1 
ATOM   88   N N   . GLY A 1 50  ? -7.680  -6.752  -14.890 1.00 12.03 ? 124 GLY A N   1 
ATOM   89   C CA  . GLY A 1 50  ? -8.649  -5.710  -15.254 1.00 11.58 ? 124 GLY A CA  1 
ATOM   90   C C   . GLY A 1 50  ? -8.601  -4.437  -14.440 1.00 11.27 ? 124 GLY A C   1 
ATOM   91   O O   . GLY A 1 50  ? -9.476  -3.656  -14.482 1.00 12.81 ? 124 GLY A O   1 
ATOM   92   N N   . GLY A 1 51  ? -7.559  -4.313  -13.577 1.00 11.82 ? 125 GLY A N   1 
ATOM   93   C CA  . GLY A 1 51  ? -7.399  -3.140  -12.740 1.00 12.08 ? 125 GLY A CA  1 
ATOM   94   C C   . GLY A 1 51  ? -8.184  -3.181  -11.502 1.00 13.91 ? 125 GLY A C   1 
ATOM   95   O O   . GLY A 1 51  ? -8.701  -4.234  -11.134 1.00 13.41 ? 125 GLY A O   1 
ATOM   96   N N   . VAL A 1 52  ? -8.286  -2.052  -10.892 1.00 13.60 ? 126 VAL A N   1 
ATOM   97   C CA  . VAL A 1 52  ? -9.069  -1.882  -9.687  1.00 12.34 ? 126 VAL A CA  1 
ATOM   98   C C   . VAL A 1 52  ? -10.364 -1.225  -10.049 1.00 14.38 ? 126 VAL A C   1 
ATOM   99   O O   . VAL A 1 52  ? -10.586 -0.654  -11.181 1.00 13.12 ? 126 VAL A O   1 
ATOM   100  C CB  . VAL A 1 52  ? -8.335  -1.178  -8.563  1.00 14.46 ? 126 VAL A CB  1 
ATOM   101  C CG1 . VAL A 1 52  ? -7.045  -1.914  -8.246  1.00 14.87 ? 126 VAL A CG1 1 
ATOM   102  C CG2 . VAL A 1 52  ? -8.078  0.290   -8.835  1.00 13.91 ? 126 VAL A CG2 1 
ATOM   103  N N   . VAL A 1 53  ? -11.305 -1.301  -9.138  1.00 15.87 ? 127 VAL A N   1 
ATOM   104  C CA  . VAL A 1 53  ? -12.646 -0.805  -9.357  1.00 16.03 ? 127 VAL A CA  1 
ATOM   105  C C   . VAL A 1 53  ? -13.170 -0.518  -7.944  1.00 17.67 ? 127 VAL A C   1 
ATOM   106  O O   . VAL A 1 53  ? -12.794 -1.247  -7.011  1.00 14.92 ? 127 VAL A O   1 
ATOM   107  C CB  . VAL A 1 53  ? -13.508 -1.864  -10.104 1.00 18.89 ? 127 VAL A CB  1 
ATOM   108  C CG1 . VAL A 1 53  ? -13.657 -3.134  -9.300  1.00 19.45 ? 127 VAL A CG1 1 
ATOM   109  C CG2 . VAL A 1 53  ? -14.807 -1.246  -10.595 1.00 19.96 ? 127 VAL A CG2 1 
ATOM   110  N N   . PRO A 1 54  ? -14.108 0.439   -7.817  1.00 15.59 ? 128 PRO A N   1 
ATOM   111  C CA  . PRO A 1 54  ? -14.656 0.620   -6.495  1.00 17.00 ? 128 PRO A CA  1 
ATOM   112  C C   . PRO A 1 54  ? -15.390 -0.722  -6.055  1.00 15.93 ? 128 PRO A C   1 
ATOM   113  O O   . PRO A 1 54  ? -15.921 -1.554  -6.868  1.00 18.40 ? 128 PRO A O   1 
ATOM   114  C CB  . PRO A 1 54  ? -15.554 1.857   -6.632  1.00 18.19 ? 128 PRO A CB  1 
ATOM   115  C CG  . PRO A 1 54  ? -14.985 2.604   -7.824  1.00 17.30 ? 128 PRO A CG  1 
ATOM   116  C CD  . PRO A 1 54  ? -14.553 1.522   -8.737  1.00 16.02 ? 128 PRO A CD  1 
ATOM   117  N N   . ARG A 1 55  ? -15.260 -0.978  -4.748  1.00 17.38 ? 129 ARG A N   1 
ATOM   118  C CA  . ARG A 1 55  ? -15.655 -2.179  -4.001  1.00 17.68 ? 129 ARG A CA  1 
ATOM   119  C C   . ARG A 1 55  ? -14.643 -3.268  -3.932  1.00 16.37 ? 129 ARG A C   1 
ATOM   120  O O   . ARG A 1 55  ? -14.866 -4.304  -3.267  1.00 18.20 ? 129 ARG A O   1 
ATOM   121  C CB  . ARG A 1 55  ? -17.022 -2.750  -4.437  1.00 20.73 ? 129 ARG A CB  1 
ATOM   122  C CG  . ARG A 1 55  ? -18.026 -1.630  -4.415  1.00 23.93 ? 129 ARG A CG  1 
ATOM   123  C CD  . ARG A 1 55  ? -19.468 -2.093  -4.476  1.00 30.73 ? 129 ARG A CD  1 
ATOM   124  N NE  . ARG A 1 55  ? -19.770 -2.778  -3.220  1.00 34.18 ? 129 ARG A NE  1 
ATOM   125  C CZ  . ARG A 1 55  ? -19.940 -2.158  -2.043  1.00 37.87 ? 129 ARG A CZ  1 
ATOM   126  N NH1 . ARG A 1 55  ? -19.911 -0.842  -1.974  1.00 34.61 ? 129 ARG A NH1 1 
ATOM   127  N NH2 . ARG A 1 55  ? -20.144 -2.858  -0.928  1.00 39.24 ? 129 ARG A NH2 1 
ATOM   128  N N   . MET A 1 56  ? -13.475 -3.061  -4.530  1.00 12.55 ? 130 MET A N   1 
ATOM   129  C CA  . MET A 1 56  ? -12.436 -4.038  -4.458  1.00 13.90 ? 130 MET A CA  1 
ATOM   130  C C   . MET A 1 56  ? -11.642 -3.776  -3.186  1.00 13.41 ? 130 MET A C   1 
ATOM   131  O O   . MET A 1 56  ? -11.227 -2.657  -2.951  1.00 14.01 ? 130 MET A O   1 
ATOM   132  C CB  . MET A 1 56  ? -11.536 -3.977  -5.683  1.00 14.06 ? 130 MET A CB  1 
ATOM   133  C CG  . MET A 1 56  ? -10.516 -5.056  -5.798  1.00 15.39 ? 130 MET A CG  1 
ATOM   134  S SD  . MET A 1 56  ? -9.693  -4.878  -7.460  1.00 18.98 ? 130 MET A SD  1 
ATOM   135  C CE  . MET A 1 56  ? -8.551  -6.229  -7.502  1.00 20.63 ? 130 MET A CE  1 
ATOM   136  N N   . LEU A 1 57  ? -11.491 -4.839  -2.403  1.00 13.81 ? 131 LEU A N   1 
ATOM   137  C CA  . LEU A 1 57  ? -10.798 -4.825  -1.133  1.00 13.71 ? 131 LEU A CA  1 
ATOM   138  C C   . LEU A 1 57  ? -9.569  -5.690  -1.240  1.00 12.98 ? 131 LEU A C   1 
ATOM   139  O O   . LEU A 1 57  ? -9.679  -6.872  -1.514  1.00 14.81 ? 131 LEU A O   1 
ATOM   140  C CB  . LEU A 1 57  ? -11.774 -5.295  -0.028  1.00 15.32 ? 131 LEU A CB  1 
ATOM   141  C CG  . LEU A 1 57  ? -11.146 -5.372  1.373   1.00 17.16 ? 131 LEU A CG  1 
ATOM   142  C CD1 . LEU A 1 57  ? -10.911 -3.973  1.922   1.00 17.79 ? 131 LEU A CD1 1 
ATOM   143  C CD2 . LEU A 1 57  ? -12.072 -6.181  2.249   1.00 19.02 ? 131 LEU A CD2 1 
ATOM   144  N N   . ILE A 1 58  ? -8.361  -5.117  -1.036  1.00 11.58 ? 132 ILE A N   1 
ATOM   145  C CA  . ILE A 1 58  ? -7.128  -5.793  -1.102  1.00 13.24 ? 132 ILE A CA  1 
ATOM   146  C C   . ILE A 1 58  ? -6.716  -5.998  0.351   1.00 13.45 ? 132 ILE A C   1 
ATOM   147  O O   . ILE A 1 58  ? -6.682  -5.034  1.117   1.00 15.19 ? 132 ILE A O   1 
ATOM   148  C CB  . ILE A 1 58  ? -6.102  -5.026  -1.908  1.00 15.85 ? 132 ILE A CB  1 
ATOM   149  C CG1 . ILE A 1 58  ? -6.562  -4.893  -3.430  1.00 17.97 ? 132 ILE A CG1 1 
ATOM   150  C CG2 . ILE A 1 58  ? -4.786  -5.733  -1.835  1.00 19.19 ? 132 ILE A CG2 1 
ATOM   151  C CD1 . ILE A 1 58  ? -7.174  -3.562  -3.819  1.00 21.82 ? 132 ILE A CD1 1 
ATOM   152  N N   . THR A 1 59  ? -6.378  -7.229  0.728   1.00 13.47 ? 133 THR A N   1 
ATOM   153  C CA  . THR A 1 59  ? -5.919  -7.531  2.105   1.00 14.71 ? 133 THR A CA  1 
ATOM   154  C C   . THR A 1 59  ? -4.531  -8.080  2.091   1.00 14.07 ? 133 THR A C   1 
ATOM   155  O O   . THR A 1 59  ? -4.254  -9.093  1.412   1.00 15.01 ? 133 THR A O   1 
ATOM   156  C CB  . THR A 1 59  ? -6.855  -8.597  2.777   1.00 14.93 ? 133 THR A CB  1 
ATOM   157  O OG1 . THR A 1 59  ? -8.174  -8.031  2.810   1.00 15.53 ? 133 THR A OG1 1 
ATOM   158  C CG2 . THR A 1 59  ? -6.380  -8.885  4.266   1.00 15.04 ? 133 THR A CG2 1 
ATOM   159  N N   . ILE A 1 60  ? -3.642  -7.509  2.895   1.00 12.87 ? 134 ILE A N   1 
ATOM   160  C CA  . ILE A 1 60  ? -2.218  -7.920  2.958   1.00 11.75 ? 134 ILE A CA  1 
ATOM   161  C C   . ILE A 1 60  ? -1.957  -8.302  4.422   1.00 13.07 ? 134 ILE A C   1 
ATOM   162  O O   . ILE A 1 60  ? -2.200  -7.525  5.313   1.00 13.56 ? 134 ILE A O   1 
ATOM   163  C CB  . ILE A 1 60  ? -1.187  -6.851  2.520   1.00 13.15 ? 134 ILE A CB  1 
ATOM   164  C CG1 . ILE A 1 60  ? -1.369  -6.457  1.074   1.00 17.54 ? 134 ILE A CG1 1 
ATOM   165  C CG2 . ILE A 1 60  ? 0.236   -7.266  2.732   1.00 14.19 ? 134 ILE A CG2 1 
ATOM   166  C CD1 . ILE A 1 60  ? -2.016  -5.136  0.925   1.00 20.83 ? 134 ILE A CD1 1 
ATOM   167  N N   . LEU A 1 61  ? -1.509  -9.516  4.656   1.00 12.85 ? 135 LEU A N   1 
ATOM   168  C CA  . LEU A 1 61  ? -1.140  -10.005 6.026   1.00 12.01 ? 135 LEU A CA  1 
ATOM   169  C C   . LEU A 1 61  ? 0.321   -10.292 6.057   1.00 11.63 ? 135 LEU A C   1 
ATOM   170  O O   . LEU A 1 61  ? 0.910   -10.922 5.173   1.00 12.38 ? 135 LEU A O   1 
ATOM   171  C CB  . LEU A 1 61  ? -1.883  -11.309 6.408   1.00 14.33 ? 135 LEU A CB  1 
ATOM   172  C CG  . LEU A 1 61  ? -3.385  -11.198 6.500   1.00 16.09 ? 135 LEU A CG  1 
ATOM   173  C CD1 . LEU A 1 61  ? -4.016  -12.558 6.535   1.00 20.75 ? 135 LEU A CD1 1 
ATOM   174  C CD2 . LEU A 1 61  ? -3.756  -10.404 7.729   1.00 19.77 ? 135 LEU A CD2 1 
ATOM   175  N N   . GLY A 1 62  ? 1.012   -9.797  7.094   1.00 11.41 ? 136 GLY A N   1 
ATOM   176  C CA  . GLY A 1 62  ? 2.450   -10.104 7.185   1.00 12.69 ? 136 GLY A CA  1 
ATOM   177  C C   . GLY A 1 62  ? 2.926   -9.721  8.585   1.00 12.53 ? 136 GLY A C   1 
ATOM   178  O O   . GLY A 1 62  ? 2.106   -9.340  9.446   1.00 13.63 ? 136 GLY A O   1 
ATOM   179  N N   . THR A 1 63  ? 4.228   -9.788  8.736   1.00 12.52 ? 137 THR A N   1 
ATOM   180  C CA  . THR A 1 63  ? 4.857   -9.384  10.009  1.00 11.81 ? 137 THR A CA  1 
ATOM   181  C C   . THR A 1 63  ? 5.984   -8.489  9.671   1.00 11.55 ? 137 THR A C   1 
ATOM   182  O O   . THR A 1 63  ? 6.812   -8.745  8.766   1.00 12.07 ? 137 THR A O   1 
ATOM   183  C CB  . THR A 1 63  ? 5.317   -10.666 10.781  1.00 13.27 ? 137 THR A CB  1 
ATOM   184  O OG1 . THR A 1 63  ? 4.203   -11.520 11.064  1.00 17.77 ? 137 THR A OG1 1 
ATOM   185  C CG2 . THR A 1 63  ? 5.925   -10.303 12.141  1.00 14.55 ? 137 THR A CG2 1 
ATOM   186  N N   . VAL A 1 64  ? 6.188   -7.438  10.457  1.00 10.66 ? 138 VAL A N   1 
ATOM   187  C CA  . VAL A 1 64  ? 7.305   -6.538  10.227  1.00 11.21 ? 138 VAL A CA  1 
ATOM   188  C C   . VAL A 1 64  ? 8.529   -7.163  10.816  1.00 13.67 ? 138 VAL A C   1 
ATOM   189  O O   . VAL A 1 64  ? 8.424   -7.715  11.935  1.00 15.72 ? 138 VAL A O   1 
ATOM   190  C CB  . VAL A 1 64  ? 7.043   -5.185  10.926  1.00 12.80 ? 138 VAL A CB  1 
ATOM   191  C CG1 . VAL A 1 64  ? 8.210   -4.238  10.647  1.00 13.85 ? 138 VAL A CG1 1 
ATOM   192  C CG2 . VAL A 1 64  ? 5.782   -4.521  10.381  1.00 13.27 ? 138 VAL A CG2 1 
ATOM   193  N N   . LYS A 1 65  ? 9.633   -7.115  10.068  1.00 14.37 ? 139 LYS A N   1 
ATOM   194  C CA  . LYS A 1 65  ? 10.921  -7.654  10.559  1.00 15.77 ? 139 LYS A CA  1 
ATOM   195  C C   . LYS A 1 65  ? 11.406  -6.846  11.756  1.00 17.55 ? 139 LYS A C   1 
ATOM   196  O O   . LYS A 1 65  ? 11.081  -5.698  11.927  1.00 16.03 ? 139 LYS A O   1 
ATOM   197  C CB  . LYS A 1 65  ? 11.913  -7.597  9.427   1.00 18.71 ? 139 LYS A CB  1 
ATOM   198  C CG  . LYS A 1 65  ? 11.604  -8.634  8.389   1.00 21.18 ? 139 LYS A CG  1 
ATOM   199  C CD  . LYS A 1 65  ? 12.635  -8.619  7.293   1.00 28.40 ? 139 LYS A CD  1 
ATOM   200  C CE  . LYS A 1 65  ? 12.568  -9.907  6.509   1.00 35.98 ? 139 LYS A CE  1 
ATOM   201  N NZ  . LYS A 1 65  ? 13.318  -9.705  5.266   1.00 43.29 ? 139 LYS A NZ  1 
ATOM   202  N N   . PRO A 1 66  ? 12.274  -7.468  12.558  1.00 20.59 ? 140 PRO A N   1 
ATOM   203  C CA  . PRO A 1 66  ? 13.016  -6.692  13.525  1.00 20.51 ? 140 PRO A CA  1 
ATOM   204  C C   . PRO A 1 66  ? 13.847  -5.592  12.856  1.00 19.96 ? 140 PRO A C   1 
ATOM   205  O O   . PRO A 1 66  ? 14.366  -5.728  11.740  1.00 28.07 ? 140 PRO A O   1 
ATOM   206  C CB  . PRO A 1 66  ? 13.929  -7.767  14.161  1.00 24.76 ? 140 PRO A CB  1 
ATOM   207  C CG  . PRO A 1 66  ? 13.179  -9.045  13.959  1.00 26.99 ? 140 PRO A CG  1 
ATOM   208  C CD  . PRO A 1 66  ? 12.555  -8.898  12.619  1.00 24.32 ? 140 PRO A CD  1 
ATOM   209  N N   . ASN A 1 67  ? 13.947  -4.472  13.541  1.00 23.89 ? 141 ASN A N   1 
ATOM   210  C CA  . ASN A 1 67  ? 14.730  -3.349  13.040  1.00 25.73 ? 141 ASN A CA  1 
ATOM   211  C C   . ASN A 1 67  ? 14.353  -2.952  11.587  1.00 23.47 ? 141 ASN A C   1 
ATOM   212  O O   . ASN A 1 67  ? 15.180  -2.603  10.761  1.00 22.18 ? 141 ASN A O   1 
ATOM   213  C CB  . ASN A 1 67  ? 16.262  -3.665  13.091  1.00 26.94 ? 141 ASN A CB  1 
ATOM   214  C CG  . ASN A 1 67  ? 16.696  -4.217  14.456  1.00 29.86 ? 141 ASN A CG  1 
ATOM   215  O OD1 . ASN A 1 67  ? 17.127  -5.350  14.545  1.00 38.28 ? 141 ASN A OD1 1 
ATOM   216  N ND2 . ASN A 1 67  ? 16.503  -3.464  15.505  1.00 33.11 ? 141 ASN A ND2 1 
ATOM   217  N N   . ALA A 1 68  ? 13.065  -3.030  11.287  1.00 21.46 ? 142 ALA A N   1 
ATOM   218  C CA  . ALA A 1 68  ? 12.640  -2.554  9.995   1.00 18.27 ? 142 ALA A CA  1 
ATOM   219  C C   . ALA A 1 68  ? 12.985  -1.110  9.742   1.00 15.21 ? 142 ALA A C   1 
ATOM   220  O O   . ALA A 1 68  ? 13.011  -0.246  10.634  1.00 17.87 ? 142 ALA A O   1 
ATOM   221  C CB  . ALA A 1 68  ? 11.110  -2.749  9.882   1.00 17.09 ? 142 ALA A CB  1 
ATOM   222  N N   . ASN A 1 69  ? 13.232  -0.811  8.441   1.00 15.79 ? 143 ASN A N   1 
ATOM   223  C CA  A ASN A 1 69  ? 13.377  0.563   8.030   0.50 15.99 ? 143 ASN A CA  1 
ATOM   224  C CA  B ASN A 1 69  ? 13.412  0.551   7.967   0.50 16.08 ? 143 ASN A CA  1 
ATOM   225  C C   . ASN A 1 69  ? 12.196  1.042   7.178   1.00 14.72 ? 143 ASN A C   1 
ATOM   226  O O   . ASN A 1 69  ? 11.856  2.166   7.248   1.00 15.00 ? 143 ASN A O   1 
ATOM   227  C CB  A ASN A 1 69  ? 14.708  0.678   7.307   0.50 17.23 ? 143 ASN A CB  1 
ATOM   228  C CB  B ASN A 1 69  ? 14.648  0.592   7.063   0.50 17.45 ? 143 ASN A CB  1 
ATOM   229  C CG  A ASN A 1 69  ? 15.046  2.098   6.918   0.50 18.45 ? 143 ASN A CG  1 
ATOM   230  C CG  B ASN A 1 69  ? 15.939  0.397   7.817   0.50 19.55 ? 143 ASN A CG  1 
ATOM   231  O OD1 A ASN A 1 69  ? 15.052  2.415   5.736   0.50 23.05 ? 143 ASN A OD1 1 
ATOM   232  O OD1 B ASN A 1 69  ? 16.139  1.010   8.851   0.50 20.17 ? 143 ASN A OD1 1 
ATOM   233  N ND2 A ASN A 1 69  ? 15.292  2.958   7.890   0.50 21.67 ? 143 ASN A ND2 1 
ATOM   234  N ND2 B ASN A 1 69  ? 16.836  -0.457  7.286   0.50 20.37 ? 143 ASN A ND2 1 
ATOM   235  N N   . ARG A 1 70  ? 11.659  0.174   6.329   1.00 14.92 ? 144 ARG A N   1 
ATOM   236  C CA  . ARG A 1 70  ? 10.571  0.603   5.442   1.00 14.68 ? 144 ARG A CA  1 
ATOM   237  C C   . ARG A 1 70  ? 9.661   -0.541  5.006   1.00 14.88 ? 144 ARG A C   1 
ATOM   238  O O   . ARG A 1 70  ? 10.027  -1.711  5.012   1.00 15.57 ? 144 ARG A O   1 
ATOM   239  C CB  . ARG A 1 70  ? 11.120  1.281   4.204   1.00 16.76 ? 144 ARG A CB  1 
ATOM   240  C CG  . ARG A 1 70  ? 11.880  0.274   3.290   1.00 17.17 ? 144 ARG A CG  1 
ATOM   241  C CD  . ARG A 1 70  ? 12.530  0.991   2.149   1.00 20.24 ? 144 ARG A CD  1 
ATOM   242  N NE  . ARG A 1 70  ? 11.594  1.656   1.197   1.00 18.03 ? 144 ARG A NE  1 
ATOM   243  C CZ  . ARG A 1 70  ? 11.048  1.086   0.123   1.00 17.78 ? 144 ARG A CZ  1 
ATOM   244  N NH1 . ARG A 1 70  ? 11.184  -0.213  -0.095  1.00 22.16 ? 144 ARG A NH1 1 
ATOM   245  N NH2 . ARG A 1 70  ? 10.313  1.808   -0.701  1.00 17.20 ? 144 ARG A NH2 1 
ATOM   246  N N   . ILE A 1 71  ? 8.448   -0.203  4.628   1.00 12.85 ? 145 ILE A N   1 
ATOM   247  C CA  . ILE A 1 71  ? 7.535   -1.096  3.899   1.00 13.62 ? 145 ILE A CA  1 
ATOM   248  C C   . ILE A 1 71  ? 7.031   -0.296  2.717   1.00 12.22 ? 145 ILE A C   1 
ATOM   249  O O   . ILE A 1 71  ? 6.874   0.938   2.833   1.00 10.81 ? 145 ILE A O   1 
ATOM   250  C CB  . ILE A 1 71  ? 6.294   -1.390  4.789   1.00 15.47 ? 145 ILE A CB  1 
ATOM   251  C CG1 . ILE A 1 71  ? 6.759   -2.134  6.038   1.00 18.07 ? 145 ILE A CG1 1 
ATOM   252  C CG2 . ILE A 1 71  ? 5.226   -2.180  4.040   1.00 15.56 ? 145 ILE A CG2 1 
ATOM   253  C CD1 . ILE A 1 71  ? 5.728   -2.190  7.084   1.00 17.98 ? 145 ILE A CD1 1 
ATOM   254  N N   . ALA A 1 72  ? 6.663   -0.988  1.619   1.00 12.54 ? 146 ALA A N   1 
ATOM   255  C CA  . ALA A 1 72  ? 6.020   -0.272  0.539   1.00 12.30 ? 146 ALA A CA  1 
ATOM   256  C C   . ALA A 1 72  ? 4.997   -1.103  -0.151  1.00 12.20 ? 146 ALA A C   1 
ATOM   257  O O   . ALA A 1 72  ? 5.165   -2.310  -0.452  1.00 12.47 ? 146 ALA A O   1 
ATOM   258  C CB  . ALA A 1 72  ? 7.027   0.245   -0.478  1.00 12.29 ? 146 ALA A CB  1 
ATOM   259  N N   . LEU A 1 73  ? 3.892   -0.440  -0.448  1.00 9.61  ? 147 LEU A N   1 
ATOM   260  C CA  . LEU A 1 73  ? 2.876   -0.955  -1.364  1.00 10.69 ? 147 LEU A CA  1 
ATOM   261  C C   . LEU A 1 73  ? 2.860   -0.032  -2.547  1.00 12.67 ? 147 LEU A C   1 
ATOM   262  O O   . LEU A 1 73  ? 2.770   1.205   -2.422  1.00 13.35 ? 147 LEU A O   1 
ATOM   263  C CB  . LEU A 1 73  ? 1.462   -1.034  -0.807  1.00 11.80 ? 147 LEU A CB  1 
ATOM   264  C CG  . LEU A 1 73  ? 1.152   -1.764  0.456   1.00 16.38 ? 147 LEU A CG  1 
ATOM   265  C CD1 . LEU A 1 73  ? -0.341  -1.779  0.742   1.00 16.46 ? 147 LEU A CD1 1 
ATOM   266  C CD2 . LEU A 1 73  ? 1.757   -3.074  0.460   1.00 19.14 ? 147 LEU A CD2 1 
ATOM   267  N N   . ASP A 1 74  ? 2.915   -0.600  -3.758  1.00 10.20 ? 148 ASP A N   1 
ATOM   268  C CA  . ASP A 1 74  ? 2.929   0.187   -5.019  1.00 10.26 ? 148 ASP A CA  1 
ATOM   269  C C   . ASP A 1 74  ? 1.881   -0.370  -5.979  1.00 9.31  ? 148 ASP A C   1 
ATOM   270  O O   . ASP A 1 74  ? 2.008   -1.454  -6.591  1.00 9.29  ? 148 ASP A O   1 
ATOM   271  C CB  . ASP A 1 74  ? 4.291   0.141   -5.690  1.00 10.59 ? 148 ASP A CB  1 
ATOM   272  C CG  . ASP A 1 74  ? 5.339   0.895   -4.858  1.00 14.05 ? 148 ASP A CG  1 
ATOM   273  O OD1 . ASP A 1 74  ? 5.393   2.102   -5.078  1.00 17.52 ? 148 ASP A OD1 1 
ATOM   274  O OD2 . ASP A 1 74  ? 6.131   0.240   -4.079  1.00 17.40 ? 148 ASP A OD2 1 
ATOM   275  N N   . PHE A 1 75  ? 0.796   0.406   -6.077  1.00 8.59  ? 149 PHE A N   1 
ATOM   276  C CA  . PHE A 1 75  ? -0.264  0.092   -7.075  1.00 9.32  ? 149 PHE A CA  1 
ATOM   277  C C   . PHE A 1 75  ? 0.144   0.705   -8.406  1.00 10.01 ? 149 PHE A C   1 
ATOM   278  O O   . PHE A 1 75  ? 0.268   1.949   -8.442  1.00 9.46  ? 149 PHE A O   1 
ATOM   279  C CB  . PHE A 1 75  ? -1.588  0.685   -6.607  1.00 9.50  ? 149 PHE A CB  1 
ATOM   280  C CG  . PHE A 1 75  ? -2.261  -0.010  -5.468  1.00 10.63 ? 149 PHE A CG  1 
ATOM   281  C CD1 . PHE A 1 75  ? -3.159  -1.053  -5.712  1.00 12.59 ? 149 PHE A CD1 1 
ATOM   282  C CD2 . PHE A 1 75  ? -1.964  0.290   -4.160  1.00 11.08 ? 149 PHE A CD2 1 
ATOM   283  C CE1 . PHE A 1 75  ? -3.835  -1.700  -4.675  1.00 12.56 ? 149 PHE A CE1 1 
ATOM   284  C CE2 . PHE A 1 75  ? -2.556  -0.403  -3.111  1.00 11.95 ? 149 PHE A CE2 1 
ATOM   285  C CZ  . PHE A 1 75  ? -3.487  -1.403  -3.371  1.00 11.69 ? 149 PHE A CZ  1 
ATOM   286  N N   . GLN A 1 76  ? 0.428   -0.147  -9.413  1.00 8.87  ? 150 GLN A N   1 
ATOM   287  C CA  . GLN A 1 76  ? 1.059   0.286   -10.631 1.00 10.19 ? 150 GLN A CA  1 
ATOM   288  C C   . GLN A 1 76  ? 0.111   0.307   -11.791 1.00 10.06 ? 150 GLN A C   1 
ATOM   289  O O   . GLN A 1 76  ? -0.710  -0.578  -11.959 1.00 10.41 ? 150 GLN A O   1 
ATOM   290  C CB  . GLN A 1 76  ? 2.189   -0.652  -11.001 1.00 12.83 ? 150 GLN A CB  1 
ATOM   291  C CG  A GLN A 1 76  ? 3.291   -0.995  -10.023 0.50 15.32 ? 150 GLN A CG  1 
ATOM   292  C CG  B GLN A 1 76  ? 3.286   -0.444  -9.948  0.50 14.34 ? 150 GLN A CG  1 
ATOM   293  C CD  A GLN A 1 76  ? 4.555   -0.134  -10.113 0.50 16.52 ? 150 GLN A CD  1 
ATOM   294  C CD  B GLN A 1 76  ? 3.989   -1.738  -9.425  0.50 15.26 ? 150 GLN A CD  1 
ATOM   295  O OE1 A GLN A 1 76  ? 5.287   -0.103  -9.123  0.50 18.75 ? 150 GLN A OE1 1 
ATOM   296  O OE1 B GLN A 1 76  ? 3.472   -2.854  -9.346  0.50 18.31 ? 150 GLN A OE1 1 
ATOM   297  N NE2 A GLN A 1 76  ? 4.825   0.547   -11.239 0.50 15.88 ? 150 GLN A NE2 1 
ATOM   298  N NE2 B GLN A 1 76  ? 5.223   -1.525  -9.021  0.50 16.39 ? 150 GLN A NE2 1 
ATOM   299  N N   . ARG A 1 77  ? 0.305   1.348   -12.602 1.00 9.06  ? 151 ARG A N   1 
ATOM   300  C CA  . ARG A 1 77  ? -0.283  1.377   -13.940 1.00 9.35  ? 151 ARG A CA  1 
ATOM   301  C C   . ARG A 1 77  ? 0.888   1.397   -14.932 1.00 9.38  ? 151 ARG A C   1 
ATOM   302  O O   . ARG A 1 77  ? 1.484   2.427   -15.193 1.00 9.94  ? 151 ARG A O   1 
ATOM   303  C CB  . ARG A 1 77  ? -1.079  2.627   -14.120 1.00 9.90  ? 151 ARG A CB  1 
ATOM   304  C CG  . ARG A 1 77  ? -1.644  2.883   -15.538 1.00 10.12 ? 151 ARG A CG  1 
ATOM   305  C CD  . ARG A 1 77  ? -2.595  4.059   -15.641 1.00 11.83 ? 151 ARG A CD  1 
ATOM   306  N NE  . ARG A 1 77  ? -2.936  4.291   -17.058 1.00 11.56 ? 151 ARG A NE  1 
ATOM   307  C CZ  . ARG A 1 77  ? -2.471  5.267   -17.853 1.00 13.81 ? 151 ARG A CZ  1 
ATOM   308  N NH1 . ARG A 1 77  ? -1.645  6.231   -17.440 1.00 14.78 ? 151 ARG A NH1 1 
ATOM   309  N NH2 . ARG A 1 77  ? -2.799  5.223   -19.152 1.00 14.39 ? 151 ARG A NH2 1 
ATOM   310  N N   . GLY A 1 78  ? 1.254   0.234   -15.412 1.00 9.21  ? 152 GLY A N   1 
ATOM   311  C CA  . GLY A 1 78  ? 2.501   0.150   -16.147 1.00 9.03  ? 152 GLY A CA  1 
ATOM   312  C C   . GLY A 1 78  ? 3.683   0.631   -15.298 1.00 10.13 ? 152 GLY A C   1 
ATOM   313  O O   . GLY A 1 78  ? 3.842   0.205   -14.175 1.00 12.27 ? 152 GLY A O   1 
ATOM   314  N N   . ASN A 1 79  ? 4.511   1.485   -15.839 1.00 9.48  ? 153 ASN A N   1 
ATOM   315  C CA  . ASN A 1 79  ? 5.637   2.045   -15.074 1.00 10.80 ? 153 ASN A CA  1 
ATOM   316  C C   . ASN A 1 79  ? 5.239   3.134   -14.078 1.00 11.38 ? 153 ASN A C   1 
ATOM   317  O O   . ASN A 1 79  ? 6.056   3.501   -13.214 1.00 13.44 ? 153 ASN A O   1 
ATOM   318  C CB  . ASN A 1 79  ? 6.672   2.643   -16.051 1.00 11.35 ? 153 ASN A CB  1 
ATOM   319  C CG  . ASN A 1 79  ? 7.908   3.143   -15.359 1.00 13.03 ? 153 ASN A CG  1 
ATOM   320  O OD1 . ASN A 1 79  ? 8.593   2.311   -14.702 1.00 15.46 ? 153 ASN A OD1 1 
ATOM   321  N ND2 . ASN A 1 79  ? 8.143   4.435   -15.438 1.00 14.84 ? 153 ASN A ND2 1 
ATOM   322  N N   . ASP A 1 80  ? 4.039   3.699   -14.220 1.00 10.24 ? 154 ASP A N   1 
ATOM   323  C CA  . ASP A 1 80  ? 3.474   4.627   -13.273 1.00 10.17 ? 154 ASP A CA  1 
ATOM   324  C C   . ASP A 1 80  ? 3.058   3.973   -12.000 1.00 10.79 ? 154 ASP A C   1 
ATOM   325  O O   . ASP A 1 80  ? 2.644   2.811   -11.981 1.00 10.99 ? 154 ASP A O   1 
ATOM   326  C CB  . ASP A 1 80  ? 2.350   5.417   -13.873 1.00 10.64 ? 154 ASP A CB  1 
ATOM   327  C CG  . ASP A 1 80  ? 2.853   6.496   -14.868 1.00 12.49 ? 154 ASP A CG  1 
ATOM   328  O OD1 . ASP A 1 80  ? 4.080   6.693   -15.057 1.00 14.25 ? 154 ASP A OD1 1 
ATOM   329  O OD2 . ASP A 1 80  ? 1.972   7.189   -15.427 1.00 15.12 ? 154 ASP A OD2 1 
ATOM   330  N N   . VAL A 1 81  ? 3.193   4.729   -10.900 1.00 9.74  ? 155 VAL A N   1 
ATOM   331  C CA  . VAL A 1 81  ? 2.759   4.304   -9.583  1.00 9.94  ? 155 VAL A CA  1 
ATOM   332  C C   . VAL A 1 81  ? 1.569   5.110   -9.197  1.00 10.76 ? 155 VAL A C   1 
ATOM   333  O O   . VAL A 1 81  ? 1.714   6.283   -8.871  1.00 10.45 ? 155 VAL A O   1 
ATOM   334  C CB  . VAL A 1 81  ? 3.828   4.345   -8.478  1.00 10.33 ? 155 VAL A CB  1 
ATOM   335  C CG1 . VAL A 1 81  ? 3.250   3.787   -7.202  1.00 11.14 ? 155 VAL A CG1 1 
ATOM   336  C CG2 . VAL A 1 81  ? 5.000   3.507   -8.868  1.00 11.73 ? 155 VAL A CG2 1 
ATOM   337  N N   . ALA A 1 82  ? 0.380   4.535   -9.289  1.00 8.93  ? 156 ALA A N   1 
ATOM   338  C CA  . ALA A 1 82  ? -0.820  5.235   -8.951  1.00 8.61  ? 156 ALA A CA  1 
ATOM   339  C C   . ALA A 1 82  ? -0.929  5.595   -7.513  1.00 8.98  ? 156 ALA A C   1 
ATOM   340  O O   . ALA A 1 82  ? -1.398  6.696   -7.152  1.00 8.83  ? 156 ALA A O   1 
ATOM   341  C CB  . ALA A 1 82  ? -2.048  4.401   -9.370  1.00 9.31  ? 156 ALA A CB  1 
ATOM   342  N N   . PHE A 1 83  ? -0.492  4.675   -6.668  1.00 8.08  ? 157 PHE A N   1 
ATOM   343  C CA  . PHE A 1 83  ? -0.572  4.847   -5.187  1.00 7.97  ? 157 PHE A CA  1 
ATOM   344  C C   . PHE A 1 83  ? 0.577   4.080   -4.633  1.00 9.12  ? 157 PHE A C   1 
ATOM   345  O O   . PHE A 1 83  ? 0.571   2.849   -4.637  1.00 8.59  ? 157 PHE A O   1 
ATOM   346  C CB  . PHE A 1 83  ? -1.949  4.350   -4.645  1.00 8.42  ? 157 PHE A CB  1 
ATOM   347  C CG  . PHE A 1 83  ? -2.109  4.403   -3.182  1.00 8.37  ? 157 PHE A CG  1 
ATOM   348  C CD1 . PHE A 1 83  ? -1.597  5.431   -2.427  1.00 8.12  ? 157 PHE A CD1 1 
ATOM   349  C CD2 . PHE A 1 83  ? -2.867  3.444   -2.574  1.00 7.58  ? 157 PHE A CD2 1 
ATOM   350  C CE1 . PHE A 1 83  ? -1.762  5.389   -1.060  1.00 8.22  ? 157 PHE A CE1 1 
ATOM   351  C CE2 . PHE A 1 83  ? -3.053  3.437   -1.224  1.00 8.31  ? 157 PHE A CE2 1 
ATOM   352  C CZ  . PHE A 1 83  ? -2.535  4.432   -0.439  1.00 8.29  ? 157 PHE A CZ  1 
ATOM   353  N N   . HIS A 1 84  ? 1.498   4.865   -4.053  1.00 8.31  ? 158 HIS A N   1 
ATOM   354  C CA  . HIS A 1 84  ? 2.609   4.372   -3.281  1.00 8.70  ? 158 HIS A CA  1 
ATOM   355  C C   . HIS A 1 84  ? 2.270   4.645   -1.850  1.00 9.89  ? 158 HIS A C   1 
ATOM   356  O O   . HIS A 1 84  ? 1.996   5.838   -1.531  1.00 9.55  ? 158 HIS A O   1 
ATOM   357  C CB  . HIS A 1 84  ? 3.850   5.179   -3.706  1.00 9.45  ? 158 HIS A CB  1 
ATOM   358  C CG  . HIS A 1 84  ? 5.109   5.000   -2.939  1.00 9.32  ? 158 HIS A CG  1 
ATOM   359  N ND1 . HIS A 1 84  ? 5.920   3.900   -3.054  1.00 11.53 ? 158 HIS A ND1 1 
ATOM   360  C CD2 . HIS A 1 84  ? 5.834   5.909   -2.225  1.00 11.43 ? 158 HIS A CD2 1 
ATOM   361  C CE1 . HIS A 1 84  ? 7.048   4.092   -2.365  1.00 13.00 ? 158 HIS A CE1 1 
ATOM   362  N NE2 . HIS A 1 84  ? 7.030   5.314   -1.887  1.00 12.79 ? 158 HIS A NE2 1 
ATOM   363  N N   . PHE A 1 85  ? 2.302   3.607   -1.003  1.00 8.82  ? 159 PHE A N   1 
ATOM   364  C CA  . PHE A 1 85  ? 2.028   3.699   0.446   1.00 8.27  ? 159 PHE A CA  1 
ATOM   365  C C   . PHE A 1 85  ? 3.280   3.181   1.153   1.00 9.36  ? 159 PHE A C   1 
ATOM   366  O O   . PHE A 1 85  ? 3.652   2.040   1.050   1.00 9.65  ? 159 PHE A O   1 
ATOM   367  C CB  . PHE A 1 85  ? 0.809   2.838   0.748   1.00 8.73  ? 159 PHE A CB  1 
ATOM   368  C CG  . PHE A 1 85  ? 0.512   2.619   2.229   1.00 8.81  ? 159 PHE A CG  1 
ATOM   369  C CD1 . PHE A 1 85  ? -0.278  3.500   2.921   1.00 9.61  ? 159 PHE A CD1 1 
ATOM   370  C CD2 . PHE A 1 85  ? 1.023   1.493   2.909   1.00 9.49  ? 159 PHE A CD2 1 
ATOM   371  C CE1 . PHE A 1 85  ? -0.519  3.279   4.262   1.00 9.08  ? 159 PHE A CE1 1 
ATOM   372  C CE2 . PHE A 1 85  ? 0.777   1.300   4.262   1.00 9.31  ? 159 PHE A CE2 1 
ATOM   373  C CZ  . PHE A 1 85  ? -0.001  2.183   4.931   1.00 8.38  ? 159 PHE A CZ  1 
ATOM   374  N N   . ASN A 1 86  ? 3.988   4.112   1.842   1.00 9.41  ? 160 ASN A N   1 
ATOM   375  C CA  . ASN A 1 86  ? 5.401   3.847   2.267   1.00 9.24  ? 160 ASN A CA  1 
ATOM   376  C C   . ASN A 1 86  ? 5.609   4.234   3.752   1.00 11.31 ? 160 ASN A C   1 
ATOM   377  O O   . ASN A 1 86  ? 6.086   5.325   4.036   1.00 11.26 ? 160 ASN A O   1 
ATOM   378  C CB  . ASN A 1 86  ? 6.348   4.633   1.368   1.00 10.83 ? 160 ASN A CB  1 
ATOM   379  C CG  . ASN A 1 86  ? 7.795   4.525   1.731   1.00 10.41 ? 160 ASN A CG  1 
ATOM   380  O OD1 . ASN A 1 86  ? 8.237   3.493   2.246   1.00 14.56 ? 160 ASN A OD1 1 
ATOM   381  N ND2 . ASN A 1 86  ? 8.514   5.471   1.396   1.00 10.55 ? 160 ASN A ND2 1 
ATOM   382  N N   . PRO A 1 87  ? 5.297   3.324   4.640   1.00 11.01 ? 161 PRO A N   1 
ATOM   383  C CA  . PRO A 1 87  ? 5.774   3.461   6.052   1.00 10.89 ? 161 PRO A CA  1 
ATOM   384  C C   . PRO A 1 87  ? 7.272   3.512   6.135   1.00 10.75 ? 161 PRO A C   1 
ATOM   385  O O   . PRO A 1 87  ? 7.939   2.657   5.612   1.00 11.85 ? 161 PRO A O   1 
ATOM   386  C CB  . PRO A 1 87  ? 5.201   2.198   6.761   1.00 11.42 ? 161 PRO A CB  1 
ATOM   387  C CG  . PRO A 1 87  ? 3.969   1.850   5.949   1.00 10.99 ? 161 PRO A CG  1 
ATOM   388  C CD  . PRO A 1 87  ? 4.413   2.112   4.519   1.00 11.70 ? 161 PRO A CD  1 
ATOM   389  N N   . ARG A 1 88  ? 7.792   4.542   6.827   1.00 11.24 ? 162 ARG A N   1 
ATOM   390  C CA  . ARG A 1 88  ? 9.209   4.755   7.049   1.00 12.36 ? 162 ARG A CA  1 
ATOM   391  C C   . ARG A 1 88  ? 9.433   4.749   8.563   1.00 12.19 ? 162 ARG A C   1 
ATOM   392  O O   . ARG A 1 88  ? 8.844   5.534   9.278   1.00 13.11 ? 162 ARG A O   1 
ATOM   393  C CB  . ARG A 1 88  ? 9.566   6.076   6.493   1.00 12.79 ? 162 ARG A CB  1 
ATOM   394  C CG  . ARG A 1 88  ? 9.452   6.144   4.999   1.00 11.98 ? 162 ARG A CG  1 
ATOM   395  C CD  . ARG A 1 88  ? 9.975   7.465   4.453   1.00 13.59 ? 162 ARG A CD  1 
ATOM   396  N NE  . ARG A 1 88  ? 9.708   7.512   3.011   1.00 14.07 ? 162 ARG A NE  1 
ATOM   397  C CZ  . ARG A 1 88  ? 10.008  8.533   2.261   1.00 13.90 ? 162 ARG A CZ  1 
ATOM   398  N NH1 . ARG A 1 88  ? 10.525  9.636   2.776   1.00 15.78 ? 162 ARG A NH1 1 
ATOM   399  N NH2 . ARG A 1 88  ? 9.679   8.509   0.972   1.00 13.91 ? 162 ARG A NH2 1 
ATOM   400  N N   . PHE A 1 89  ? 10.288  3.851   9.007   1.00 13.53 ? 163 PHE A N   1 
ATOM   401  C CA  . PHE A 1 89  ? 10.521  3.607   10.457  1.00 14.52 ? 163 PHE A CA  1 
ATOM   402  C C   . PHE A 1 89  ? 11.550  4.549   11.076  1.00 15.23 ? 163 PHE A C   1 
ATOM   403  O O   . PHE A 1 89  ? 11.561  4.757   12.294  1.00 15.07 ? 163 PHE A O   1 
ATOM   404  C CB  . PHE A 1 89  ? 10.891  2.153   10.708  1.00 12.78 ? 163 PHE A CB  1 
ATOM   405  C CG  . PHE A 1 89  ? 9.744   1.210   10.563  1.00 14.63 ? 163 PHE A CG  1 
ATOM   406  C CD1 . PHE A 1 89  ? 9.303   0.861   9.334   1.00 12.78 ? 163 PHE A CD1 1 
ATOM   407  C CD2 . PHE A 1 89  ? 9.064   0.692   11.654  1.00 14.12 ? 163 PHE A CD2 1 
ATOM   408  C CE1 . PHE A 1 89  ? 8.206   0.019   9.172   1.00 13.90 ? 163 PHE A CE1 1 
ATOM   409  C CE2 . PHE A 1 89  ? 7.959   -0.153  11.491  1.00 14.19 ? 163 PHE A CE2 1 
ATOM   410  C CZ  . PHE A 1 89  ? 7.553   -0.496  10.240  1.00 15.29 ? 163 PHE A CZ  1 
ATOM   411  N N   . ASN A 1 90  ? 12.393  5.156   10.265  1.00 15.03 ? 164 ASN A N   1 
ATOM   412  C CA  . ASN A 1 90  ? 13.407  6.131   10.747  1.00 16.90 ? 164 ASN A CA  1 
ATOM   413  C C   . ASN A 1 90  ? 13.768  7.182   9.733   1.00 15.97 ? 164 ASN A C   1 
ATOM   414  O O   . ASN A 1 90  ? 14.753  7.021   8.994   1.00 19.53 ? 164 ASN A O   1 
ATOM   415  C CB  . ASN A 1 90  ? 14.606  5.372   11.266  1.00 17.86 ? 164 ASN A CB  1 
ATOM   416  C CG  . ASN A 1 90  ? 15.663  6.328   11.867  1.00 21.23 ? 164 ASN A CG  1 
ATOM   417  O OD1 . ASN A 1 90  ? 15.552  7.540   11.774  1.00 24.04 ? 164 ASN A OD1 1 
ATOM   418  N ND2 . ASN A 1 90  ? 16.720  5.770   12.364  1.00 30.19 ? 164 ASN A ND2 1 
ATOM   419  N N   . GLU A 1 91  ? 12.900  8.141   9.529   1.00 15.41 ? 165 GLU A N   1 
ATOM   420  C CA  . GLU A 1 91  ? 13.192  9.329   8.782   1.00 16.64 ? 165 GLU A CA  1 
ATOM   421  C C   . GLU A 1 91  ? 13.547  10.435  9.757   1.00 18.63 ? 165 GLU A C   1 
ATOM   422  O O   . GLU A 1 91  ? 12.705  11.039  10.370  1.00 19.53 ? 165 GLU A O   1 
ATOM   423  C CB  . GLU A 1 91  ? 11.978  9.747   7.933   1.00 17.30 ? 165 GLU A CB  1 
ATOM   424  C CG  . GLU A 1 91  ? 12.347  10.761  6.903   1.00 20.22 ? 165 GLU A CG  1 
ATOM   425  C CD  . GLU A 1 91  ? 11.161  11.375  6.229   1.00 19.62 ? 165 GLU A CD  1 
ATOM   426  O OE1 . GLU A 1 91  ? 10.249  11.916  6.918   1.00 21.19 ? 165 GLU A OE1 1 
ATOM   427  O OE2 . GLU A 1 91  ? 11.169  11.282  4.983   1.00 21.36 ? 165 GLU A OE2 1 
ATOM   428  N N   . ASN A 1 92  ? 14.831  10.729  9.863   1.00 17.76 ? 166 ASN A N   1 
ATOM   429  C CA  . ASN A 1 92  ? 15.277  11.712  10.852  1.00 19.14 ? 166 ASN A CA  1 
ATOM   430  C C   . ASN A 1 92  ? 14.709  11.366  12.289  1.00 15.05 ? 166 ASN A C   1 
ATOM   431  O O   . ASN A 1 92  ? 14.325  12.295  13.039  1.00 14.87 ? 166 ASN A O   1 
ATOM   432  C CB  . ASN A 1 92  ? 14.948  13.169  10.433  1.00 23.53 ? 166 ASN A CB  1 
ATOM   433  C CG  . ASN A 1 92  ? 15.588  13.535  9.056   1.00 27.93 ? 166 ASN A CG  1 
ATOM   434  O OD1 . ASN A 1 92  ? 16.779  13.248  8.788   1.00 33.26 ? 166 ASN A OD1 1 
ATOM   435  N ND2 . ASN A 1 92  ? 14.790  14.126  8.162   1.00 39.81 ? 166 ASN A ND2 1 
ATOM   436  N N   . ASN A 1 93  ? 14.755  10.066  12.613  1.00 15.89 ? 167 ASN A N   1 
ATOM   437  C CA  . ASN A 1 93  ? 14.348  9.539   13.911  1.00 16.64 ? 167 ASN A CA  1 
ATOM   438  C C   . ASN A 1 93  ? 12.902  9.757   14.196  1.00 17.25 ? 167 ASN A C   1 
ATOM   439  O O   . ASN A 1 93  ? 12.526  9.762   15.356  1.00 18.07 ? 167 ASN A O   1 
ATOM   440  C CB  . ASN A 1 93  ? 15.270  10.142  15.000  1.00 17.77 ? 167 ASN A CB  1 
ATOM   441  C CG  . ASN A 1 93  ? 16.736  9.804   14.757  1.00 17.51 ? 167 ASN A CG  1 
ATOM   442  O OD1 . ASN A 1 93  ? 17.591  10.694  14.682  1.00 22.70 ? 167 ASN A OD1 1 
ATOM   443  N ND2 . ASN A 1 93  ? 17.021  8.583   14.700  1.00 17.70 ? 167 ASN A ND2 1 
ATOM   444  N N   . ARG A 1 94  ? 12.083  9.821   13.124  1.00 16.40 ? 168 ARG A N   1 
ATOM   445  C CA  . ARG A 1 94  ? 10.644  9.893   13.250  1.00 16.80 ? 168 ARG A CA  1 
ATOM   446  C C   . ARG A 1 94  ? 10.098  8.716   12.395  1.00 17.20 ? 168 ARG A C   1 
ATOM   447  O O   . ARG A 1 94  ? 10.739  8.273   11.445  1.00 15.67 ? 168 ARG A O   1 
ATOM   448  C CB  . ARG A 1 94  ? 10.067  11.200  12.705  1.00 17.65 ? 168 ARG A CB  1 
ATOM   449  C CG  . ARG A 1 94  ? 10.789  12.443  13.159  1.00 22.05 ? 168 ARG A CG  1 
ATOM   450  C CD  . ARG A 1 94  ? 10.245  12.933  14.430  1.00 28.69 ? 168 ARG A CD  1 
ATOM   451  N NE  . ARG A 1 94  ? 11.022  14.061  14.960  1.00 32.98 ? 168 ARG A NE  1 
ATOM   452  C CZ  . ARG A 1 94  ? 10.797  15.366  14.767  1.00 32.75 ? 168 ARG A CZ  1 
ATOM   453  N NH1 . ARG A 1 94  ? 9.824   15.845  13.996  1.00 32.39 ? 168 ARG A NH1 1 
ATOM   454  N NH2 . ARG A 1 94  ? 11.611  16.222  15.389  1.00 37.67 ? 168 ARG A NH2 1 
ATOM   455  N N   . ARG A 1 95  ? 8.914   8.232   12.773  1.00 16.16 ? 169 ARG A N   1 
ATOM   456  C CA  . ARG A 1 95  ? 8.153   7.205   11.975  1.00 13.04 ? 169 ARG A CA  1 
ATOM   457  C C   . ARG A 1 95  ? 7.082   7.951   11.277  1.00 13.17 ? 169 ARG A C   1 
ATOM   458  O O   . ARG A 1 95  ? 6.401   8.740   11.872  1.00 13.19 ? 169 ARG A O   1 
ATOM   459  C CB  . ARG A 1 95  ? 7.584   6.177   12.912  1.00 13.34 ? 169 ARG A CB  1 
ATOM   460  C CG  . ARG A 1 95  ? 8.678   5.571   13.768  1.00 15.65 ? 169 ARG A CG  1 
ATOM   461  C CD  . ARG A 1 95  ? 8.326   4.342   14.553  1.00 20.59 ? 169 ARG A CD  1 
ATOM   462  N NE  . ARG A 1 95  ? 7.057   4.438   15.306  1.00 20.15 ? 169 ARG A NE  1 
ATOM   463  C CZ  . ARG A 1 95  ? 6.479   3.391   15.897  1.00 24.80 ? 169 ARG A CZ  1 
ATOM   464  N NH1 . ARG A 1 95  ? 7.036   2.162   15.811  1.00 28.48 ? 169 ARG A NH1 1 
ATOM   465  N NH2 . ARG A 1 95  ? 5.374   3.553   16.568  1.00 24.98 ? 169 ARG A NH2 1 
ATOM   466  N N   . VAL A 1 96  ? 6.940   7.760   9.955   1.00 12.59 ? 170 VAL A N   1 
ATOM   467  C CA  . VAL A 1 96  ? 6.010   8.523   9.163   1.00 12.45 ? 170 VAL A CA  1 
ATOM   468  C C   . VAL A 1 96  ? 5.526   7.532   8.048   1.00 13.18 ? 170 VAL A C   1 
ATOM   469  O O   . VAL A 1 96  ? 6.239   6.696   7.629   1.00 13.98 ? 170 VAL A O   1 
ATOM   470  C CB  . VAL A 1 96  ? 6.636   9.792   8.529   1.00 15.49 ? 170 VAL A CB  1 
ATOM   471  C CG1 . VAL A 1 96  ? 7.854   9.451   7.684   1.00 15.64 ? 170 VAL A CG1 1 
ATOM   472  C CG2 . VAL A 1 96  ? 5.607   10.682  7.868   1.00 19.86 ? 170 VAL A CG2 1 
ATOM   473  N N   . ILE A 1 97  ? 4.309   7.798   7.568   1.00 13.80 ? 171 ILE A N   1 
ATOM   474  C CA  . ILE A 1 97  ? 3.835   7.117   6.374   1.00 13.96 ? 171 ILE A CA  1 
ATOM   475  C C   . ILE A 1 97  ? 3.765   8.125   5.235   1.00 12.13 ? 171 ILE A C   1 
ATOM   476  O O   . ILE A 1 97  ? 3.158   9.223   5.384   1.00 12.76 ? 171 ILE A O   1 
ATOM   477  C CB  . ILE A 1 97  ? 2.441   6.484   6.632   1.00 15.21 ? 171 ILE A CB  1 
ATOM   478  C CG1 . ILE A 1 97  ? 2.668   5.392   7.748   1.00 18.13 ? 171 ILE A CG1 1 
ATOM   479  C CG2 . ILE A 1 97  ? 1.903   5.926   5.301   1.00 14.04 ? 171 ILE A CG2 1 
ATOM   480  C CD1 . ILE A 1 97  ? 1.481   4.598   8.089   1.00 21.27 ? 171 ILE A CD1 1 
ATOM   481  N N   . VAL A 1 98  ? 4.483   7.822   4.144   1.00 11.07 ? 172 VAL A N   1 
ATOM   482  C CA  . VAL A 1 98  ? 4.545   8.696   3.025   1.00 11.92 ? 172 VAL A CA  1 
ATOM   483  C C   . VAL A 1 98  ? 3.685   8.100   1.902   1.00 12.52 ? 172 VAL A C   1 
ATOM   484  O O   . VAL A 1 98  ? 3.895   6.918   1.572   1.00 11.49 ? 172 VAL A O   1 
ATOM   485  C CB  . VAL A 1 98  ? 5.972   8.934   2.545   1.00 13.75 ? 172 VAL A CB  1 
ATOM   486  C CG1 . VAL A 1 98  ? 5.973   9.735   1.282   1.00 14.28 ? 172 VAL A CG1 1 
ATOM   487  C CG2 . VAL A 1 98  ? 6.790   9.561   3.664   1.00 13.72 ? 172 VAL A CG2 1 
ATOM   488  N N   . CYS A 1 99  ? 2.784   8.882   1.298   1.00 11.44 ? 173 CYS A N   1 
ATOM   489  C CA  . CYS A 1 99  ? 2.009   8.414   0.128   1.00 11.05 ? 173 CYS A CA  1 
ATOM   490  C C   . CYS A 1 99  ? 2.230   9.310   -1.039  1.00 11.55 ? 173 CYS A C   1 
ATOM   491  O O   . CYS A 1 99  ? 2.404   10.549  -0.891  1.00 11.30 ? 173 CYS A O   1 
ATOM   492  C CB  . CYS A 1 99  ? 0.549   8.384   0.432   1.00 11.70 ? 173 CYS A CB  1 
ATOM   493  S SG  . CYS A 1 99  ? 0.094   7.153   1.745   1.00 12.92 ? 173 CYS A SG  1 
ATOM   494  N N   . ASN A 1 100 ? 2.323   8.797   -2.228  1.00 9.29  ? 174 ASN A N   1 
ATOM   495  C CA  . ASN A 1 100 ? 2.575   9.562   -3.444  1.00 9.55  ? 174 ASN A CA  1 
ATOM   496  C C   . ASN A 1 100 ? 2.205   8.771   -4.686  1.00 10.49 ? 174 ASN A C   1 
ATOM   497  O O   . ASN A 1 100 ? 1.726   7.639   -4.596  1.00 10.61 ? 174 ASN A O   1 
ATOM   498  C CB  . ASN A 1 100 ? 4.068   10.031  -3.459  1.00 10.52 ? 174 ASN A CB  1 
ATOM   499  C CG  . ASN A 1 100 ? 4.296   11.329  -4.228  1.00 10.77 ? 174 ASN A CG  1 
ATOM   500  O OD1 . ASN A 1 100 ? 3.446   11.851  -4.903  1.00 12.05 ? 174 ASN A OD1 1 
ATOM   501  N ND2 . ASN A 1 100 ? 5.504   11.842  -4.035  1.00 12.34 ? 174 ASN A ND2 1 
ATOM   502  N N   . THR A 1 101 ? 2.365   9.437   -5.845  1.00 9.94  ? 175 THR A N   1 
ATOM   503  C CA  . THR A 1 101 ? 2.128   8.943   -7.173  1.00 9.23  ? 175 THR A CA  1 
ATOM   504  C C   . THR A 1 101 ? 3.373   9.236   -7.988  1.00 10.80 ? 175 THR A C   1 
ATOM   505  O O   . THR A 1 101 ? 3.964   10.353  -7.853  1.00 12.15 ? 175 THR A O   1 
ATOM   506  C CB  . THR A 1 101 ? 0.904   9.670   -7.777  1.00 9.39  ? 175 THR A CB  1 
ATOM   507  O OG1 . THR A 1 101 ? -0.254  9.242   -7.041  1.00 9.90  ? 175 THR A OG1 1 
ATOM   508  C CG2 . THR A 1 101 ? 0.642   9.401   -9.239  1.00 9.83  ? 175 THR A CG2 1 
ATOM   509  N N   . LYS A 1 102 ? 3.720   8.304   -8.871  1.00 9.86  ? 176 LYS A N   1 
ATOM   510  C CA  . LYS A 1 102 ? 4.872   8.493   -9.780  1.00 10.36 ? 176 LYS A CA  1 
ATOM   511  C C   . LYS A 1 102 ? 4.370   8.461   -11.189 1.00 11.30 ? 176 LYS A C   1 
ATOM   512  O O   . LYS A 1 102 ? 3.779   7.460   -11.583 1.00 12.30 ? 176 LYS A O   1 
ATOM   513  C CB  . LYS A 1 102 ? 5.922   7.466   -9.497  1.00 11.67 ? 176 LYS A CB  1 
ATOM   514  C CG  . LYS A 1 102 ? 7.256   7.856   -10.156 1.00 13.33 ? 176 LYS A CG  1 
ATOM   515  C CD  . LYS A 1 102 ? 8.369   6.884   -9.830  1.00 16.93 ? 176 LYS A CD  1 
ATOM   516  C CE  . LYS A 1 102 ? 8.168   5.572   -10.552 1.00 20.24 ? 176 LYS A CE  1 
ATOM   517  N NZ  . LYS A 1 102 ? 9.327   4.596   -10.293 1.00 25.13 ? 176 LYS A NZ  1 
ATOM   518  N N   . LEU A 1 103 ? 4.557   9.563   -11.932 1.00 12.51 ? 177 LEU A N   1 
ATOM   519  C CA  . LEU A 1 103 ? 4.100   9.714   -13.342 1.00 13.16 ? 177 LEU A CA  1 
ATOM   520  C C   . LEU A 1 103 ? 5.322   10.024  -14.200 1.00 13.54 ? 177 LEU A C   1 
ATOM   521  O O   . LEU A 1 103 ? 6.108   10.926  -13.878 1.00 14.24 ? 177 LEU A O   1 
ATOM   522  C CB  . LEU A 1 103 ? 3.118   10.825  -13.458 1.00 13.88 ? 177 LEU A CB  1 
ATOM   523  C CG  . LEU A 1 103 ? 1.885   10.732  -12.631 1.00 14.51 ? 177 LEU A CG  1 
ATOM   524  C CD1 . LEU A 1 103 ? 1.049   11.964  -12.803 1.00 17.96 ? 177 LEU A CD1 1 
ATOM   525  C CD2 . LEU A 1 103 ? 1.127   9.491   -13.020 1.00 15.69 ? 177 LEU A CD2 1 
ATOM   526  N N   . ASP A 1 104 ? 5.494   9.233   -15.275 1.00 15.21 ? 178 ASP A N   1 
ATOM   527  C CA  . ASP A 1 104 ? 6.643   9.398   -16.182 1.00 19.99 ? 178 ASP A CA  1 
ATOM   528  C C   . ASP A 1 104 ? 7.982   9.490   -15.363 1.00 19.01 ? 178 ASP A C   1 
ATOM   529  O O   . ASP A 1 104 ? 8.874   10.292  -15.663 1.00 18.76 ? 178 ASP A O   1 
ATOM   530  C CB  . ASP A 1 104 ? 6.446   10.600  -17.108 1.00 21.07 ? 178 ASP A CB  1 
ATOM   531  C CG  . ASP A 1 104 ? 5.290   10.457  -18.067 1.00 24.49 ? 178 ASP A CG  1 
ATOM   532  O OD1 . ASP A 1 104 ? 4.919   9.301   -18.409 1.00 27.40 ? 178 ASP A OD1 1 
ATOM   533  O OD2 . ASP A 1 104 ? 4.752   11.459  -18.559 1.00 30.15 ? 178 ASP A OD2 1 
ATOM   534  N N   . ASN A 1 105 ? 8.165   8.622   -14.345 1.00 17.22 ? 179 ASN A N   1 
ATOM   535  C CA  . ASN A 1 105 ? 9.349   8.571   -13.497 1.00 19.82 ? 179 ASN A CA  1 
ATOM   536  C C   . ASN A 1 105 ? 9.540   9.721   -12.496 1.00 20.50 ? 179 ASN A C   1 
ATOM   537  O O   . ASN A 1 105 ? 10.525  9.760   -11.829 1.00 26.96 ? 179 ASN A O   1 
ATOM   538  C CB  . ASN A 1 105 ? 10.618  8.322   -14.347 1.00 21.17 ? 179 ASN A CB  1 
ATOM   539  C CG  . ASN A 1 105 ? 11.195  6.932   -14.156 1.00 24.60 ? 179 ASN A CG  1 
ATOM   540  O OD1 . ASN A 1 105 ? 10.478  5.938   -13.828 1.00 24.64 ? 179 ASN A OD1 1 
ATOM   541  N ND2 . ASN A 1 105 ? 12.511  6.810   -14.399 1.00 22.86 ? 179 ASN A ND2 1 
ATOM   542  N N   . ASN A 1 106 ? 8.556   10.593  -12.365 1.00 17.22 ? 180 ASN A N   1 
ATOM   543  C CA  . ASN A 1 106 ? 8.589   11.743  -11.444 1.00 18.41 ? 180 ASN A CA  1 
ATOM   544  C C   . ASN A 1 106 ? 7.587   11.561  -10.298 1.00 16.67 ? 180 ASN A C   1 
ATOM   545  O O   . ASN A 1 106 ? 6.384   11.456  -10.515 1.00 16.97 ? 180 ASN A O   1 
ATOM   546  C CB  . ASN A 1 106 ? 8.172   13.024  -12.130 1.00 22.82 ? 180 ASN A CB  1 
ATOM   547  C CG  . ASN A 1 106 ? 9.025   13.356  -13.332 1.00 29.22 ? 180 ASN A CG  1 
ATOM   548  O OD1 . ASN A 1 106 ? 8.513   13.712  -14.405 1.00 36.82 ? 180 ASN A OD1 1 
ATOM   549  N ND2 . ASN A 1 106 ? 10.297  13.174  -13.187 1.00 29.03 ? 180 ASN A ND2 1 
ATOM   550  N N   . TRP A 1 107 ? 8.126   11.673  -9.081  1.00 16.46 ? 181 TRP A N   1 
ATOM   551  C CA  . TRP A 1 107 ? 7.281   11.739  -7.893  1.00 15.16 ? 181 TRP A CA  1 
ATOM   552  C C   . TRP A 1 107 ? 6.577   13.051  -7.772  1.00 18.55 ? 181 TRP A C   1 
ATOM   553  O O   . TRP A 1 107 ? 7.140   14.129  -8.081  1.00 16.81 ? 181 TRP A O   1 
ATOM   554  C CB  . TRP A 1 107 ? 8.074   11.436  -6.627  1.00 15.99 ? 181 TRP A CB  1 
ATOM   555  C CG  . TRP A 1 107 ? 8.548   10.044  -6.538  1.00 12.49 ? 181 TRP A CG  1 
ATOM   556  C CD1 . TRP A 1 107 ? 9.800   9.591   -6.716  1.00 15.06 ? 181 TRP A CD1 1 
ATOM   557  C CD2 . TRP A 1 107 ? 7.720   8.835   -6.288  1.00 12.08 ? 181 TRP A CD2 1 
ATOM   558  N NE1 . TRP A 1 107 ? 9.827   8.210   -6.569  1.00 14.45 ? 181 TRP A NE1 1 
ATOM   559  C CE2 . TRP A 1 107 ? 8.547   7.734   -6.322  1.00 12.79 ? 181 TRP A CE2 1 
ATOM   560  C CE3 . TRP A 1 107 ? 6.356   8.641   -5.997  1.00 13.19 ? 181 TRP A CE3 1 
ATOM   561  C CZ2 . TRP A 1 107 ? 8.062   6.430   -6.089  1.00 13.47 ? 181 TRP A CZ2 1 
ATOM   562  C CZ3 . TRP A 1 107 ? 5.877   7.362   -5.821  1.00 12.20 ? 181 TRP A CZ3 1 
ATOM   563  C CH2 . TRP A 1 107 ? 6.690   6.273   -5.860  1.00 13.01 ? 181 TRP A CH2 1 
ATOM   564  N N   . GLY A 1 108 ? 5.318   13.015  -7.371  1.00 15.15 ? 182 GLY A N   1 
ATOM   565  C CA  . GLY A 1 108 ? 4.533   14.215  -7.142  1.00 16.47 ? 182 GLY A CA  1 
ATOM   566  C C   . GLY A 1 108 ? 4.585   14.720  -5.736  1.00 12.28 ? 182 GLY A C   1 
ATOM   567  O O   . GLY A 1 108 ? 5.552   14.514  -5.041  1.00 17.14 ? 182 GLY A O   1 
ATOM   568  N N   . ARG A 1 109 ? 3.488   15.337  -5.377  1.00 16.91 ? 183 ARG A N   1 
ATOM   569  C CA  . ARG A 1 109 ? 3.369   15.951  -3.997  1.00 19.28 ? 183 ARG A CA  1 
ATOM   570  C C   . ARG A 1 109 ? 3.117   14.867  -2.989  1.00 16.43 ? 183 ARG A C   1 
ATOM   571  O O   . ARG A 1 109 ? 2.158   14.110  -3.116  1.00 17.79 ? 183 ARG A O   1 
ATOM   572  C CB  . ARG A 1 109 ? 2.228   16.949  -3.916  1.00 23.66 ? 183 ARG A CB  1 
ATOM   573  C CG  . ARG A 1 109 ? 1.881   17.531  -2.554  1.00 32.40 ? 183 ARG A CG  1 
ATOM   574  C CD  . ARG A 1 109 ? 0.635   18.462  -2.640  1.00 42.59 ? 183 ARG A CD  1 
ATOM   575  N NE  . ARG A 1 109 ? -0.493  17.816  -3.360  1.00 46.23 ? 183 ARG A NE  1 
ATOM   576  C CZ  . ARG A 1 109 ? -1.367  16.929  -2.833  1.00 55.00 ? 183 ARG A CZ  1 
ATOM   577  N NH1 . ARG A 1 109 ? -1.300  16.551  -1.550  1.00 58.64 ? 183 ARG A NH1 1 
ATOM   578  N NH2 . ARG A 1 109 ? -2.318  16.390  -3.602  1.00 54.48 ? 183 ARG A NH2 1 
ATOM   579  N N   . GLU A 1 110 ? 3.951   14.770  -1.978  1.00 15.34 ? 184 GLU A N   1 
ATOM   580  C CA  . GLU A 1 110 ? 3.798   13.728  -0.951  1.00 15.09 ? 184 GLU A CA  1 
ATOM   581  C C   . GLU A 1 110 ? 2.663   14.069  -0.018  1.00 15.39 ? 184 GLU A C   1 
ATOM   582  O O   . GLU A 1 110 ? 2.393   15.295  0.256   1.00 17.10 ? 184 GLU A O   1 
ATOM   583  C CB  . GLU A 1 110 ? 5.017   13.545  -0.091  1.00 15.51 ? 184 GLU A CB  1 
ATOM   584  C CG  . GLU A 1 110 ? 6.238   13.055  -0.820  1.00 16.68 ? 184 GLU A CG  1 
ATOM   585  C CD  . GLU A 1 110 ? 7.526   12.814  -0.015  1.00 17.08 ? 184 GLU A CD  1 
ATOM   586  O OE1 . GLU A 1 110 ? 7.642   13.351  1.113   1.00 20.73 ? 184 GLU A OE1 1 
ATOM   587  O OE2 . GLU A 1 110 ? 8.403   12.086  -0.509  1.00 18.06 ? 184 GLU A OE2 1 
ATOM   588  N N   . GLU A 1 111 ? 1.915   13.032  0.374   1.00 13.06 ? 185 GLU A N   1 
ATOM   589  C CA  . GLU A 1 111 ? 0.906   13.138  1.455   1.00 13.34 ? 185 GLU A CA  1 
ATOM   590  C C   . GLU A 1 111 ? 1.434   12.386  2.649   1.00 13.93 ? 185 GLU A C   1 
ATOM   591  O O   . GLU A 1 111 ? 1.741   11.194  2.574   1.00 14.67 ? 185 GLU A O   1 
ATOM   592  C CB  . GLU A 1 111 ? -0.432  12.648  1.023   1.00 14.35 ? 185 GLU A CB  1 
ATOM   593  C CG  . GLU A 1 111 ? -1.003  13.443  -0.127  1.00 15.91 ? 185 GLU A CG  1 
ATOM   594  C CD  . GLU A 1 111 ? -2.382  13.031  -0.593  1.00 17.45 ? 185 GLU A CD  1 
ATOM   595  O OE1 . GLU A 1 111 ? -3.223  12.463  0.154   1.00 19.35 ? 185 GLU A OE1 1 
ATOM   596  O OE2 . GLU A 1 111 ? -2.650  13.302  -1.794  1.00 18.77 ? 185 GLU A OE2 1 
ATOM   597  N N   . ARG A 1 112 ? 1.647   13.061  3.802   1.00 12.72 ? 186 ARG A N   1 
ATOM   598  C CA  . ARG A 1 112 ? 2.297   12.474  4.935   1.00 13.78 ? 186 ARG A CA  1 
ATOM   599  C C   . ARG A 1 112 ? 1.314   12.319  6.122   1.00 18.52 ? 186 ARG A C   1 
ATOM   600  O O   . ARG A 1 112 ? 0.471   13.144  6.315   1.00 21.61 ? 186 ARG A O   1 
ATOM   601  C CB  . ARG A 1 112 ? 3.505   13.324  5.369   1.00 16.04 ? 186 ARG A CB  1 
ATOM   602  C CG  . ARG A 1 112 ? 4.678   13.108  4.432   1.00 15.54 ? 186 ARG A CG  1 
ATOM   603  C CD  . ARG A 1 112 ? 5.775   14.164  4.496   1.00 15.17 ? 186 ARG A CD  1 
ATOM   604  N NE  . ARG A 1 112 ? 6.969   13.639  3.792   1.00 16.56 ? 186 ARG A NE  1 
ATOM   605  C CZ  . ARG A 1 112 ? 7.989   13.027  4.351   1.00 14.32 ? 186 ARG A CZ  1 
ATOM   606  N NH1 . ARG A 1 112 ? 8.151   12.941  5.690   1.00 16.98 ? 186 ARG A NH1 1 
ATOM   607  N NH2 . ARG A 1 112 ? 8.957   12.576  3.613   1.00 15.68 ? 186 ARG A NH2 1 
ATOM   608  N N   . GLN A 1 113 ? 1.454   11.212  6.826   1.00 18.72 ? 187 GLN A N   1 
ATOM   609  C CA  . GLN A 1 113 ? 0.605   10.872  7.969   1.00 21.18 ? 187 GLN A CA  1 
ATOM   610  C C   . GLN A 1 113 ? 1.619   10.448  9.074   1.00 18.48 ? 187 GLN A C   1 
ATOM   611  O O   . GLN A 1 113 ? 2.381   9.472   8.938   1.00 20.01 ? 187 GLN A O   1 
ATOM   612  C CB  . GLN A 1 113 ? -0.392  9.761   7.552   1.00 22.31 ? 187 GLN A CB  1 
ATOM   613  C CG  . GLN A 1 113 ? -1.074  8.906   8.587   1.00 23.97 ? 187 GLN A CG  1 
ATOM   614  C CD  . GLN A 1 113 ? -1.998  9.737   9.409   1.00 25.71 ? 187 GLN A CD  1 
ATOM   615  O OE1 . GLN A 1 113 ? -1.589  10.613  10.167  1.00 29.13 ? 187 GLN A OE1 1 
ATOM   616  N NE2 . GLN A 1 113 ? -3.270  9.479   9.263   1.00 33.64 ? 187 GLN A NE2 1 
ATOM   617  N N   . SER A 1 114 ? 1.489   11.092  10.248  1.00 20.21 ? 188 SER A N   1 
ATOM   618  C CA  . SER A 1 114 ? 2.286   10.701  11.376  1.00 19.82 ? 188 SER A CA  1 
ATOM   619  C C   . SER A 1 114 ? 1.591   9.629   12.303  1.00 16.38 ? 188 SER A C   1 
ATOM   620  O O   . SER A 1 114 ? 2.263   9.039   13.096  1.00 18.26 ? 188 SER A O   1 
ATOM   621  C CB  . SER A 1 114 ? 2.539   11.878  12.262  1.00 22.45 ? 188 SER A CB  1 
ATOM   622  O OG  . SER A 1 114 ? 1.243   12.395  12.700  1.00 27.89 ? 188 SER A OG  1 
ATOM   623  N N   . VAL A 1 115 ? 0.322   9.329   12.119  1.00 17.17 ? 189 VAL A N   1 
ATOM   624  C CA  . VAL A 1 115 ? -0.227  8.146   12.757  1.00 15.81 ? 189 VAL A CA  1 
ATOM   625  C C   . VAL A 1 115 ? 0.429   6.918   12.145  1.00 14.94 ? 189 VAL A C   1 
ATOM   626  O O   . VAL A 1 115 ? 0.436   6.750   10.909  1.00 15.45 ? 189 VAL A O   1 
ATOM   627  C CB  . VAL A 1 115 ? -1.770  8.097   12.668  1.00 17.71 ? 189 VAL A CB  1 
ATOM   628  C CG1 . VAL A 1 115 ? -2.365  6.780   13.181  1.00 20.13 ? 189 VAL A CG1 1 
ATOM   629  C CG2 . VAL A 1 115 ? -2.395  9.296   13.410  1.00 20.19 ? 189 VAL A CG2 1 
ATOM   630  N N   . PHE A 1 116 ? 1.035   6.127   13.019  1.00 14.02 ? 190 PHE A N   1 
ATOM   631  C CA  . PHE A 1 116 ? 1.953   5.075   12.574  1.00 13.93 ? 190 PHE A CA  1 
ATOM   632  C C   . PHE A 1 116 ? 1.630   3.820   13.312  1.00 14.41 ? 190 PHE A C   1 
ATOM   633  O O   . PHE A 1 116 ? 2.149   3.559   14.408  1.00 17.55 ? 190 PHE A O   1 
ATOM   634  C CB  . PHE A 1 116 ? 3.381   5.457   12.829  1.00 12.83 ? 190 PHE A CB  1 
ATOM   635  C CG  . PHE A 1 116 ? 4.349   4.620   12.074  1.00 10.76 ? 190 PHE A CG  1 
ATOM   636  C CD1 . PHE A 1 116 ? 4.748   4.983   10.774  1.00 10.97 ? 190 PHE A CD1 1 
ATOM   637  C CD2 . PHE A 1 116 ? 4.878   3.478   12.585  1.00 11.21 ? 190 PHE A CD2 1 
ATOM   638  C CE1 . PHE A 1 116 ? 5.706   4.214   10.086  1.00 11.10 ? 190 PHE A CE1 1 
ATOM   639  C CE2 . PHE A 1 116 ? 5.832   2.714   11.943  1.00 12.57 ? 190 PHE A CE2 1 
ATOM   640  C CZ  . PHE A 1 116 ? 6.221   3.061   10.674  1.00 11.89 ? 190 PHE A CZ  1 
ATOM   641  N N   . PRO A 1 117 ? 0.789   2.932   12.724  1.00 13.37 ? 191 PRO A N   1 
ATOM   642  C CA  . PRO A 1 117 ? 0.315   1.795   13.480  1.00 14.51 ? 191 PRO A CA  1 
ATOM   643  C C   . PRO A 1 117 ? 1.207   0.552   13.521  1.00 15.46 ? 191 PRO A C   1 
ATOM   644  O O   . PRO A 1 117 ? 0.927   -0.417  14.292  1.00 22.01 ? 191 PRO A O   1 
ATOM   645  C CB  . PRO A 1 117 ? -1.052  1.426   12.762  1.00 15.19 ? 191 PRO A CB  1 
ATOM   646  C CG  . PRO A 1 117 ? -0.857  1.928   11.399  1.00 15.66 ? 191 PRO A CG  1 
ATOM   647  C CD  . PRO A 1 117 ? -0.062  3.208   11.555  1.00 15.26 ? 191 PRO A CD  1 
ATOM   648  N N   . PHE A 1 118 ? 2.254   0.552   12.733  1.00 12.13 ? 192 PHE A N   1 
ATOM   649  C CA  . PHE A 1 118 ? 3.169   -0.575  12.565  1.00 12.66 ? 192 PHE A CA  1 
ATOM   650  C C   . PHE A 1 118 ? 4.173   -0.559  13.649  1.00 13.11 ? 192 PHE A C   1 
ATOM   651  O O   . PHE A 1 118 ? 4.527   0.494   14.197  1.00 14.77 ? 192 PHE A O   1 
ATOM   652  C CB  . PHE A 1 118 ? 3.888   -0.560  11.217  1.00 13.48 ? 192 PHE A CB  1 
ATOM   653  C CG  . PHE A 1 118 ? 2.970   -0.551  10.046  1.00 13.08 ? 192 PHE A CG  1 
ATOM   654  C CD1 . PHE A 1 118 ? 2.398   -1.741  9.588   1.00 12.68 ? 192 PHE A CD1 1 
ATOM   655  C CD2 . PHE A 1 118 ? 2.561   0.649   9.413   1.00 12.34 ? 192 PHE A CD2 1 
ATOM   656  C CE1 . PHE A 1 118 ? 1.558   -1.746  8.466   1.00 10.95 ? 192 PHE A CE1 1 
ATOM   657  C CE2 . PHE A 1 118 ? 1.701   0.641   8.366   1.00 11.69 ? 192 PHE A CE2 1 
ATOM   658  C CZ  . PHE A 1 118 ? 1.161   -0.540  7.878   1.00 11.26 ? 192 PHE A CZ  1 
ATOM   659  N N   . GLU A 1 119 ? 4.631   -1.740  14.021  1.00 13.96 ? 193 GLU A N   1 
ATOM   660  C CA  . GLU A 1 119 ? 5.732   -1.891  14.990  1.00 14.53 ? 193 GLU A CA  1 
ATOM   661  C C   . GLU A 1 119 ? 6.650   -3.024  14.555  1.00 14.67 ? 193 GLU A C   1 
ATOM   662  O O   . GLU A 1 119 ? 6.201   -4.108  14.131  1.00 13.68 ? 193 GLU A O   1 
ATOM   663  C CB  . GLU A 1 119 ? 5.166   -2.222  16.395  1.00 16.76 ? 193 GLU A CB  1 
ATOM   664  C CG  . GLU A 1 119 ? 4.343   -1.160  17.105  1.00 20.30 ? 193 GLU A CG  1 
ATOM   665  C CD  . GLU A 1 119 ? 5.189   -0.012  17.719  1.00 24.71 ? 193 GLU A CD  1 
ATOM   666  O OE1 . GLU A 1 119 ? 6.475   -0.137  17.804  1.00 27.92 ? 193 GLU A OE1 1 
ATOM   667  O OE2 . GLU A 1 119 ? 4.573   1.031   18.086  1.00 26.85 ? 193 GLU A OE2 1 
ATOM   668  N N   . SER A 1 120 ? 7.939   -2.807  14.654  1.00 14.29 ? 194 SER A N   1 
ATOM   669  C CA  A SER A 1 120 ? 8.929   -3.785  14.336  0.50 14.99 ? 194 SER A CA  1 
ATOM   670  C CA  B SER A 1 120 ? 8.924   -3.790  14.344  0.50 16.53 ? 194 SER A CA  1 
ATOM   671  C C   . SER A 1 120 ? 8.667   -5.083  15.131  1.00 16.07 ? 194 SER A C   1 
ATOM   672  O O   . SER A 1 120 ? 8.413   -5.053  16.348  1.00 17.57 ? 194 SER A O   1 
ATOM   673  C CB  A SER A 1 120 ? 10.348  -3.256  14.574  0.50 15.65 ? 194 SER A CB  1 
ATOM   674  C CB  B SER A 1 120 ? 10.332  -3.248  14.576  0.50 19.16 ? 194 SER A CB  1 
ATOM   675  O OG  A SER A 1 120 ? 10.881  -2.497  13.496  0.50 14.11 ? 194 SER A OG  1 
ATOM   676  O OG  B SER A 1 120 ? 11.210  -4.263  15.049  0.50 22.59 ? 194 SER A OG  1 
ATOM   677  N N   . GLY A 1 121 ? 8.708   -6.185  14.431  1.00 13.18 ? 195 GLY A N   1 
ATOM   678  C CA  . GLY A 1 121 ? 8.476   -7.493  14.957  1.00 13.09 ? 195 GLY A CA  1 
ATOM   679  C C   . GLY A 1 121 ? 7.070   -7.941  14.999  1.00 13.96 ? 195 GLY A C   1 
ATOM   680  O O   . GLY A 1 121 ? 6.840   -9.086  15.373  1.00 14.93 ? 195 GLY A O   1 
ATOM   681  N N   . LYS A 1 122 ? 6.084   -7.075  14.670  1.00 10.33 ? 196 LYS A N   1 
ATOM   682  C CA  . LYS A 1 122 ? 4.719   -7.455  14.980  1.00 10.68 ? 196 LYS A CA  1 
ATOM   683  C C   . LYS A 1 122 ? 3.849   -7.729  13.707  1.00 10.88 ? 196 LYS A C   1 
ATOM   684  O O   . LYS A 1 122 ? 4.100   -7.180  12.653  1.00 11.13 ? 196 LYS A O   1 
ATOM   685  C CB  . LYS A 1 122 ? 3.967   -6.441  15.789  1.00 12.67 ? 196 LYS A CB  1 
ATOM   686  C CG  . LYS A 1 122 ? 4.572   -6.038  17.131  1.00 12.03 ? 196 LYS A CG  1 
ATOM   687  C CD  . LYS A 1 122 ? 3.549   -5.335  18.021  1.00 14.26 ? 196 LYS A CD  1 
ATOM   688  C CE  . LYS A 1 122 ? 4.196   -4.664  19.211  1.00 15.52 ? 196 LYS A CE  1 
ATOM   689  N NZ  . LYS A 1 122 ? 3.172   -4.144  20.118  1.00 17.65 ? 196 LYS A NZ  1 
ATOM   690  N N   . PRO A 1 123 ? 2.938   -8.678  13.833  1.00 10.59 ? 197 PRO A N   1 
ATOM   691  C CA  . PRO A 1 123 ? 2.030   -8.997  12.694  1.00 11.24 ? 197 PRO A CA  1 
ATOM   692  C C   . PRO A 1 123 ? 1.056   -7.855  12.440  1.00 10.28 ? 197 PRO A C   1 
ATOM   693  O O   . PRO A 1 123 ? 0.564   -7.192  13.366  1.00 10.46 ? 197 PRO A O   1 
ATOM   694  C CB  . PRO A 1 123 ? 1.247   -10.209 13.183  1.00 12.79 ? 197 PRO A CB  1 
ATOM   695  C CG  . PRO A 1 123 ? 1.450   -10.205 14.638  1.00 13.62 ? 197 PRO A CG  1 
ATOM   696  C CD  . PRO A 1 123 ? 2.635   -9.479  15.034  1.00 11.67 ? 197 PRO A CD  1 
ATOM   697  N N   . PHE A 1 124 ? 0.749   -7.663  11.161  1.00 10.56 ? 198 PHE A N   1 
ATOM   698  C CA  . PHE A 1 124 ? -0.141  -6.591  10.764  1.00 10.19 ? 198 PHE A CA  1 
ATOM   699  C C   . PHE A 1 124 ? -1.130  -7.129  9.690   1.00 9.33  ? 198 PHE A C   1 
ATOM   700  O O   . PHE A 1 124 ? -0.865  -8.118  8.980   1.00 9.33  ? 198 PHE A O   1 
ATOM   701  C CB  . PHE A 1 124 ? 0.618   -5.400  10.152  1.00 9.90  ? 198 PHE A CB  1 
ATOM   702  C CG  . PHE A 1 124 ? 1.398   -5.712  8.944   1.00 11.17 ? 198 PHE A CG  1 
ATOM   703  C CD1 . PHE A 1 124 ? 0.787   -5.691  7.696   1.00 11.57 ? 198 PHE A CD1 1 
ATOM   704  C CD2 . PHE A 1 124 ? 2.737   -6.068  9.001   1.00 14.37 ? 198 PHE A CD2 1 
ATOM   705  C CE1 . PHE A 1 124 ? 1.456   -6.059  6.563   1.00 13.41 ? 198 PHE A CE1 1 
ATOM   706  C CE2 . PHE A 1 124 ? 3.454   -6.386  7.820   1.00 14.86 ? 198 PHE A CE2 1 
ATOM   707  C CZ  . PHE A 1 124 ? 2.820   -6.404  6.619   1.00 13.64 ? 198 PHE A CZ  1 
ATOM   708  N N   . LYS A 1 125 ? -2.146  -6.345  9.506   1.00 9.60  ? 199 LYS A N   1 
ATOM   709  C CA  . LYS A 1 125 ? -3.099  -6.527  8.373   1.00 11.46 ? 199 LYS A CA  1 
ATOM   710  C C   . LYS A 1 125 ? -3.306  -5.123  7.793   1.00 10.59 ? 199 LYS A C   1 
ATOM   711  O O   . LYS A 1 125 ? -3.632  -4.172  8.497   1.00 11.06 ? 199 LYS A O   1 
ATOM   712  C CB  . LYS A 1 125 ? -4.414  -7.051  8.858   1.00 12.25 ? 199 LYS A CB  1 
ATOM   713  C CG  . LYS A 1 125 ? -5.452  -7.194  7.751   1.00 12.85 ? 199 LYS A CG  1 
ATOM   714  C CD  . LYS A 1 125 ? -6.692  -7.944  8.271   1.00 14.09 ? 199 LYS A CD  1 
ATOM   715  C CE  . LYS A 1 125 ? -7.511  -7.056  9.173   1.00 16.02 ? 199 LYS A CE  1 
ATOM   716  N NZ  . LYS A 1 125 ? -8.737  -7.739  9.668   1.00 19.19 ? 199 LYS A NZ  1 
ATOM   717  N N   . ILE A 1 126 ? -3.041  -5.011  6.458   1.00 9.07  ? 200 ILE A N   1 
ATOM   718  C CA  . ILE A 1 126 ? -3.346  -3.810  5.766   1.00 9.32  ? 200 ILE A CA  1 
ATOM   719  C C   . ILE A 1 126 ? -4.530  -4.107  4.857   1.00 9.53  ? 200 ILE A C   1 
ATOM   720  O O   . ILE A 1 126 ? -4.476  -5.104  4.093   1.00 11.21 ? 200 ILE A O   1 
ATOM   721  C CB  . ILE A 1 126 ? -2.187  -3.287  4.913   1.00 10.86 ? 200 ILE A CB  1 
ATOM   722  C CG1 . ILE A 1 126 ? -0.918  -3.023  5.727   1.00 11.95 ? 200 ILE A CG1 1 
ATOM   723  C CG2 . ILE A 1 126 ? -2.615  -2.080  4.126   1.00 11.01 ? 200 ILE A CG2 1 
ATOM   724  C CD1 . ILE A 1 126 ? 0.376   -2.827  4.961   1.00 13.33 ? 200 ILE A CD1 1 
ATOM   725  N N   . GLN A 1 127 ? -5.591  -3.311  4.908   1.00 9.20  ? 201 GLN A N   1 
ATOM   726  C CA  . GLN A 1 127 ? -6.710  -3.464  3.990   1.00 11.45 ? 201 GLN A CA  1 
ATOM   727  C C   . GLN A 1 127 ? -6.797  -2.147  3.188   1.00 9.96  ? 201 GLN A C   1 
ATOM   728  O O   . GLN A 1 127 ? -6.751  -1.040  3.733   1.00 12.39 ? 201 GLN A O   1 
ATOM   729  C CB  . GLN A 1 127 ? -8.006  -3.691  4.723   1.00 13.99 ? 201 GLN A CB  1 
ATOM   730  C CG  . GLN A 1 127 ? -8.087  -5.024  5.409   1.00 16.41 ? 201 GLN A CG  1 
ATOM   731  C CD  . GLN A 1 127 ? -9.183  -5.073  6.411   1.00 19.32 ? 201 GLN A CD  1 
ATOM   732  O OE1 . GLN A 1 127 ? -9.332  -4.206  7.330   1.00 22.84 ? 201 GLN A OE1 1 
ATOM   733  N NE2 . GLN A 1 127 ? -10.047 -6.028  6.176   1.00 25.19 ? 201 GLN A NE2 1 
ATOM   734  N N   . VAL A 1 128 ? -6.843  -2.300  1.874   1.00 9.32  ? 202 VAL A N   1 
ATOM   735  C CA  . VAL A 1 128 ? -7.006  -1.134  1.037   1.00 8.66  ? 202 VAL A CA  1 
ATOM   736  C C   . VAL A 1 128 ? -8.303  -1.327  0.213   1.00 8.43  ? 202 VAL A C   1 
ATOM   737  O O   . VAL A 1 128 ? -8.452  -2.340  -0.497  1.00 10.05 ? 202 VAL A O   1 
ATOM   738  C CB  . VAL A 1 128 ? -5.875  -1.018  0.004   1.00 8.77  ? 202 VAL A CB  1 
ATOM   739  C CG1 . VAL A 1 128 ? -5.987  0.165   -0.852  1.00 10.03 ? 202 VAL A CG1 1 
ATOM   740  C CG2 . VAL A 1 128 ? -4.467  -1.045  0.584   1.00 9.31  ? 202 VAL A CG2 1 
ATOM   741  N N   . LEU A 1 129 ? -9.227  -0.436  0.488   1.00 9.24  ? 203 LEU A N   1 
ATOM   742  C CA  . LEU A 1 129 ? -10.567 -0.517  -0.146  1.00 10.85 ? 203 LEU A CA  1 
ATOM   743  C C   . LEU A 1 129 ? -10.608 0.565   -1.189  1.00 12.09 ? 203 LEU A C   1 
ATOM   744  O O   . LEU A 1 129 ? -10.344 1.712   -0.948  1.00 11.67 ? 203 LEU A O   1 
ATOM   745  C CB  . LEU A 1 129 ? -11.668 -0.319  0.891   1.00 13.04 ? 203 LEU A CB  1 
ATOM   746  C CG  . LEU A 1 129 ? -13.094 -0.391  0.309   1.00 15.20 ? 203 LEU A CG  1 
ATOM   747  C CD1 . LEU A 1 129 ? -13.396 -1.607  -0.504  1.00 16.25 ? 203 LEU A CD1 1 
ATOM   748  C CD2 . LEU A 1 129 ? -14.076 -0.212  1.477   1.00 17.09 ? 203 LEU A CD2 1 
ATOM   749  N N   . VAL A 1 130 ? -10.914 0.155   -2.435  1.00 10.66 ? 204 VAL A N   1 
ATOM   750  C CA  . VAL A 1 130 ? -11.057 1.159   -3.469  1.00 12.56 ? 204 VAL A CA  1 
ATOM   751  C C   . VAL A 1 130 ? -12.463 1.761   -3.397  1.00 12.16 ? 204 VAL A C   1 
ATOM   752  O O   . VAL A 1 130 ? -13.432 1.065   -3.451  1.00 12.66 ? 204 VAL A O   1 
ATOM   753  C CB  . VAL A 1 130 ? -10.814 0.521   -4.819  1.00 13.51 ? 204 VAL A CB  1 
ATOM   754  C CG1 . VAL A 1 130 ? -10.881 1.560   -5.949  1.00 12.74 ? 204 VAL A CG1 1 
ATOM   755  C CG2 . VAL A 1 130 ? -9.435  -0.163  -4.846  1.00 14.92 ? 204 VAL A CG2 1 
ATOM   756  N N   . GLU A 1 131 ? -12.498 3.058   -3.250  1.00 11.60 ? 205 GLU A N   1 
ATOM   757  C CA  A GLU A 1 131 ? -13.768 3.794   -3.262  0.50 12.90 ? 205 GLU A CA  1 
ATOM   758  C CA  B GLU A 1 131 ? -13.753 3.836   -3.234  0.50 13.28 ? 205 GLU A CA  1 
ATOM   759  C C   . GLU A 1 131 ? -13.786 4.697   -4.520  1.00 14.04 ? 205 GLU A C   1 
ATOM   760  O O   . GLU A 1 131 ? -12.801 4.827   -5.265  1.00 14.33 ? 205 GLU A O   1 
ATOM   761  C CB  A GLU A 1 131 ? -13.933 4.560   -1.935  0.50 14.22 ? 205 GLU A CB  1 
ATOM   762  C CB  B GLU A 1 131 ? -13.827 4.746   -1.981  0.50 14.89 ? 205 GLU A CB  1 
ATOM   763  C CG  A GLU A 1 131 ? -14.072 3.611   -0.760  0.50 14.77 ? 205 GLU A CG  1 
ATOM   764  C CG  B GLU A 1 131 ? -13.907 4.026   -0.641  0.50 16.13 ? 205 GLU A CG  1 
ATOM   765  C CD  A GLU A 1 131 ? -14.460 4.305   0.553   0.50 16.76 ? 205 GLU A CD  1 
ATOM   766  C CD  B GLU A 1 131 ? -15.284 3.426   -0.312  0.50 18.37 ? 205 GLU A CD  1 
ATOM   767  O OE1 A GLU A 1 131 ? -14.142 5.449   0.756   0.50 19.54 ? 205 GLU A OE1 1 
ATOM   768  O OE1 B GLU A 1 131 ? -15.528 3.068   0.913   0.50 19.07 ? 205 GLU A OE1 1 
ATOM   769  O OE2 A GLU A 1 131 ? -15.096 3.700   1.413   0.50 16.22 ? 205 GLU A OE2 1 
ATOM   770  O OE2 B GLU A 1 131 ? -16.100 3.215   -1.243  0.50 20.80 ? 205 GLU A OE2 1 
ATOM   771  N N   . PRO A 1 132 ? -14.906 5.312   -4.807  1.00 15.40 ? 206 PRO A N   1 
ATOM   772  C CA  . PRO A 1 132 ? -14.955 6.107   -6.022  1.00 14.89 ? 206 PRO A CA  1 
ATOM   773  C C   . PRO A 1 132 ? -13.940 7.248   -6.155  1.00 14.84 ? 206 PRO A C   1 
ATOM   774  O O   . PRO A 1 132 ? -13.410 7.454   -7.320  1.00 16.20 ? 206 PRO A O   1 
ATOM   775  C CB  . PRO A 1 132 ? -16.417 6.637   -6.017  1.00 15.55 ? 206 PRO A CB  1 
ATOM   776  C CG  . PRO A 1 132 ? -17.162 5.500   -5.332  1.00 16.73 ? 206 PRO A CG  1 
ATOM   777  C CD  . PRO A 1 132 ? -16.257 5.129   -4.178  1.00 15.26 ? 206 PRO A CD  1 
ATOM   778  N N   . ASP A 1 133 ? -13.591 7.881   -5.072  1.00 14.46 ? 207 ASP A N   1 
ATOM   779  C CA  . ASP A 1 133 ? -12.735 9.058   -5.140  1.00 13.85 ? 207 ASP A CA  1 
ATOM   780  C C   . ASP A 1 133 ? -11.346 8.860   -4.546  1.00 11.25 ? 207 ASP A C   1 
ATOM   781  O O   . ASP A 1 133 ? -10.502 9.749   -4.656  1.00 12.05 ? 207 ASP A O   1 
ATOM   782  C CB  . ASP A 1 133 ? -13.389 10.293  -4.557  1.00 19.46 ? 207 ASP A CB  1 
ATOM   783  C CG  . ASP A 1 133 ? -14.371 10.971  -5.544  1.00 24.73 ? 207 ASP A CG  1 
ATOM   784  O OD1 . ASP A 1 133 ? -14.401 10.585  -6.797  1.00 25.66 ? 207 ASP A OD1 1 
ATOM   785  O OD2 . ASP A 1 133 ? -15.141 11.862  -4.933  1.00 29.68 ? 207 ASP A OD2 1 
ATOM   786  N N   . HIS A 1 134 ? -11.210 7.716   -3.848  1.00 11.35 ? 208 HIS A N   1 
ATOM   787  C CA  . HIS A 1 134 ? -9.964  7.486   -3.100  1.00 11.88 ? 208 HIS A CA  1 
ATOM   788  C C   . HIS A 1 134 ? -9.736  6.026   -2.815  1.00 10.31 ? 208 HIS A C   1 
ATOM   789  O O   . HIS A 1 134 ? -10.622 5.157   -2.848  1.00 10.10 ? 208 HIS A O   1 
ATOM   790  C CB  . HIS A 1 134 ? -9.908  8.263   -1.795  1.00 14.84 ? 208 HIS A CB  1 
ATOM   791  C CG  . HIS A 1 134 ? -11.132 8.170   -0.965  1.00 18.59 ? 208 HIS A CG  1 
ATOM   792  N ND1 . HIS A 1 134 ? -11.414 7.130   -0.099  1.00 21.65 ? 208 HIS A ND1 1 
ATOM   793  C CD2 . HIS A 1 134 ? -12.173 9.048   -0.860  1.00 19.85 ? 208 HIS A CD2 1 
ATOM   794  C CE1 . HIS A 1 134 ? -12.596 7.342   0.478   1.00 22.61 ? 208 HIS A CE1 1 
ATOM   795  N NE2 . HIS A 1 134 ? -13.070 8.492   0.026   1.00 24.65 ? 208 HIS A NE2 1 
ATOM   796  N N   . PHE A 1 135 ? -8.465  5.735   -2.521  1.00 10.05 ? 209 PHE A N   1 
ATOM   797  C CA  . PHE A 1 135 ? -8.153  4.505   -1.791  1.00 10.19 ? 209 PHE A CA  1 
ATOM   798  C C   . PHE A 1 135 ? -8.347  4.754   -0.306  1.00 9.73  ? 209 PHE A C   1 
ATOM   799  O O   . PHE A 1 135 ? -7.853  5.745   0.200   1.00 11.90 ? 209 PHE A O   1 
ATOM   800  C CB  . PHE A 1 135 ? -6.696  4.113   -2.016  1.00 11.73 ? 209 PHE A CB  1 
ATOM   801  C CG  . PHE A 1 135 ? -6.355  3.760   -3.426  1.00 10.71 ? 209 PHE A CG  1 
ATOM   802  C CD1 . PHE A 1 135 ? -6.574  2.467   -3.917  1.00 11.92 ? 209 PHE A CD1 1 
ATOM   803  C CD2 . PHE A 1 135 ? -5.775  4.734   -4.259  1.00 10.60 ? 209 PHE A CD2 1 
ATOM   804  C CE1 . PHE A 1 135 ? -6.193  2.147   -5.237  1.00 12.49 ? 209 PHE A CE1 1 
ATOM   805  C CE2 . PHE A 1 135 ? -5.491  4.406   -5.549  1.00 10.75 ? 209 PHE A CE2 1 
ATOM   806  C CZ  . PHE A 1 135 ? -5.688  3.186   -6.013  1.00 11.49 ? 209 PHE A CZ  1 
ATOM   807  N N   . LYS A 1 136 ? -8.936  3.782   0.401   1.00 10.20 ? 210 LYS A N   1 
ATOM   808  C CA  . LYS A 1 136 ? -9.131  3.899   1.826   1.00 12.13 ? 210 LYS A CA  1 
ATOM   809  C C   . LYS A 1 136 ? -8.274  2.821   2.477   1.00 11.54 ? 210 LYS A C   1 
ATOM   810  O O   . LYS A 1 136 ? -8.482  1.670   2.174   1.00 12.22 ? 210 LYS A O   1 
ATOM   811  C CB  . LYS A 1 136 ? -10.600 3.744   2.161   1.00 14.53 ? 210 LYS A CB  1 
ATOM   812  C CG  . LYS A 1 136 ? -10.919 4.156   3.604   1.00 18.23 ? 210 LYS A CG  1 
ATOM   813  C CD  . LYS A 1 136 ? -12.437 4.103   3.862   1.00 19.77 ? 210 LYS A CD  1 
ATOM   814  C CE  . LYS A 1 136 ? -12.982 2.708   3.705   1.00 23.50 ? 210 LYS A CE  1 
ATOM   815  N NZ  . LYS A 1 136 ? -12.400 1.727   4.587   1.00 31.10 ? 210 LYS A NZ  1 
ATOM   816  N N   . VAL A 1 137 ? -7.438  3.198   3.406   1.00 9.60  ? 211 VAL A N   1 
ATOM   817  C CA  . VAL A 1 137 ? -6.512  2.263   4.057   1.00 9.37  ? 211 VAL A CA  1 
ATOM   818  C C   . VAL A 1 137 ? -6.844  2.120   5.527   1.00 9.28  ? 211 VAL A C   1 
ATOM   819  O O   . VAL A 1 137 ? -6.890  3.110   6.244   1.00 10.53 ? 211 VAL A O   1 
ATOM   820  C CB  . VAL A 1 137 ? -5.042  2.682   3.880   1.00 10.40 ? 211 VAL A CB  1 
ATOM   821  C CG1 . VAL A 1 137 ? -4.085  1.645   4.433   1.00 11.20 ? 211 VAL A CG1 1 
ATOM   822  C CG2 . VAL A 1 137 ? -4.695  2.928   2.416   1.00 11.60 ? 211 VAL A CG2 1 
ATOM   823  N N   . ALA A 1 138 ? -6.985  0.859   5.925   1.00 9.52  ? 212 ALA A N   1 
ATOM   824  C CA  . ALA A 1 138 ? -7.052  0.515   7.358   1.00 8.44  ? 212 ALA A CA  1 
ATOM   825  C C   . ALA A 1 138 ? -5.937  -0.415  7.730   1.00 9.27  ? 212 ALA A C   1 
ATOM   826  O O   . ALA A 1 138 ? -5.637  -1.343  6.975   1.00 9.59  ? 212 ALA A O   1 
ATOM   827  C CB  . ALA A 1 138 ? -8.428  -0.118  7.675   1.00 10.31 ? 212 ALA A CB  1 
ATOM   828  N N   . VAL A 1 139 ? -5.384  -0.284  8.924   1.00 8.97  ? 213 VAL A N   1 
ATOM   829  C CA  . VAL A 1 139 ? -4.393  -1.199  9.437   1.00 9.38  ? 213 VAL A CA  1 
ATOM   830  C C   . VAL A 1 139 ? -4.884  -1.793  10.758  1.00 9.44  ? 213 VAL A C   1 
ATOM   831  O O   . VAL A 1 139 ? -5.366  -1.070  11.661  1.00 10.38 ? 213 VAL A O   1 
ATOM   832  C CB  . VAL A 1 139 ? -3.053  -0.493  9.588   1.00 11.01 ? 213 VAL A CB  1 
ATOM   833  C CG1 . VAL A 1 139 ? -1.969  -1.439  10.140  1.00 11.13 ? 213 VAL A CG1 1 
ATOM   834  C CG2 . VAL A 1 139 ? -2.553  0.026   8.241   1.00 10.35 ? 213 VAL A CG2 1 
ATOM   835  N N   . ASN A 1 140 ? -4.857  -3.094  10.833  1.00 10.26 ? 214 ASN A N   1 
ATOM   836  C CA  . ASN A 1 140 ? -5.328  -3.804  12.086  1.00 10.32 ? 214 ASN A CA  1 
ATOM   837  C C   . ASN A 1 140 ? -6.682  -3.363  12.444  1.00 12.45 ? 214 ASN A C   1 
ATOM   838  O O   . ASN A 1 140 ? -6.977  -3.124  13.644  1.00 13.55 ? 214 ASN A O   1 
ATOM   839  C CB  . ASN A 1 140 ? -4.332  -3.645  13.233  1.00 10.06 ? 214 ASN A CB  1 
ATOM   840  C CG  . ASN A 1 140 ? -2.915  -4.142  12.844  1.00 9.41  ? 214 ASN A CG  1 
ATOM   841  O OD1 . ASN A 1 140 ? -2.710  -4.887  11.887  1.00 10.61 ? 214 ASN A OD1 1 
ATOM   842  N ND2 . ASN A 1 140 ? -1.920  -3.630  13.554  1.00 11.66 ? 214 ASN A ND2 1 
ATOM   843  N N   . ASP A 1 141 ? -7.532  -3.268  11.409  1.00 13.30 ? 215 ASP A N   1 
ATOM   844  C CA  . ASP A 1 141 ? -8.991  -2.956  11.503  1.00 16.11 ? 215 ASP A CA  1 
ATOM   845  C C   . ASP A 1 141 ? -9.308  -1.548  11.898  1.00 14.59 ? 215 ASP A C   1 
ATOM   846  O O   . ASP A 1 141 ? -10.487 -1.178  12.042  1.00 18.07 ? 215 ASP A O   1 
ATOM   847  C CB  . ASP A 1 141 ? -9.729  -3.915  12.449  1.00 16.32 ? 215 ASP A CB  1 
ATOM   848  C CG  . ASP A 1 141 ? -9.831  -5.237  11.910  1.00 22.40 ? 215 ASP A CG  1 
ATOM   849  O OD1 . ASP A 1 141 ? -10.151 -5.369  10.687  1.00 23.26 ? 215 ASP A OD1 1 
ATOM   850  O OD2 . ASP A 1 141 ? -9.512  -6.198  12.667  1.00 28.96 ? 215 ASP A OD2 1 
ATOM   851  N N   . ALA A 1 142 ? -8.287  -0.678  11.976  1.00 11.77 ? 216 ALA A N   1 
ATOM   852  C CA  . ALA A 1 142 ? -8.451  0.689   12.288  1.00 12.49 ? 216 ALA A CA  1 
ATOM   853  C C   . ALA A 1 142 ? -8.172  1.547   11.055  1.00 12.09 ? 216 ALA A C   1 
ATOM   854  O O   . ALA A 1 142 ? -7.065  1.530   10.492  1.00 12.40 ? 216 ALA A O   1 
ATOM   855  C CB  . ALA A 1 142 ? -7.614  1.219   13.444  1.00 13.52 ? 216 ALA A CB  1 
ATOM   856  N N   . HIS A 1 143 ? -9.087  2.465   10.757  1.00 13.15 ? 217 HIS A N   1 
ATOM   857  C CA  . HIS A 1 143 ? -8.881  3.404   9.652   1.00 14.12 ? 217 HIS A CA  1 
ATOM   858  C C   . HIS A 1 143 ? -7.642  4.177   9.822   1.00 12.00 ? 217 HIS A C   1 
ATOM   859  O O   . HIS A 1 143 ? -7.364  4.740   10.896  1.00 14.80 ? 217 HIS A O   1 
ATOM   860  C CB  . HIS A 1 143 ? -10.078 4.373   9.500   1.00 13.06 ? 217 HIS A CB  1 
ATOM   861  C CG  . HIS A 1 143 ? -9.853  5.427   8.455   1.00 14.47 ? 217 HIS A CG  1 
ATOM   862  N ND1 . HIS A 1 143 ? -9.793  5.098   7.124   1.00 17.09 ? 217 HIS A ND1 1 
ATOM   863  C CD2 . HIS A 1 143 ? -9.538  6.745   8.530   1.00 17.52 ? 217 HIS A CD2 1 
ATOM   864  C CE1 . HIS A 1 143 ? -9.536  6.188   6.406   1.00 17.12 ? 217 HIS A CE1 1 
ATOM   865  N NE2 . HIS A 1 143 ? -9.354  7.197   7.231   1.00 19.54 ? 217 HIS A NE2 1 
ATOM   866  N N   . LEU A 1 144 ? -6.841  4.287   8.752   1.00 10.36 ? 218 LEU A N   1 
ATOM   867  C CA  . LEU A 1 144 ? -5.598  5.025   8.801   1.00 10.30 ? 218 LEU A CA  1 
ATOM   868  C C   . LEU A 1 144 ? -5.627  6.267   7.964   1.00 11.82 ? 218 LEU A C   1 
ATOM   869  O O   . LEU A 1 144 ? -5.267  7.358   8.430   1.00 13.31 ? 218 LEU A O   1 
ATOM   870  C CB  . LEU A 1 144 ? -4.454  4.123   8.337   1.00 10.70 ? 218 LEU A CB  1 
ATOM   871  C CG  . LEU A 1 144 ? -3.064  4.707   8.342   1.00 11.53 ? 218 LEU A CG  1 
ATOM   872  C CD1 . LEU A 1 144 ? -2.649  5.293   9.697   1.00 11.91 ? 218 LEU A CD1 1 
ATOM   873  C CD2 . LEU A 1 144 ? -2.065  3.747   7.785   1.00 12.91 ? 218 LEU A CD2 1 
ATOM   874  N N   . LEU A 1 145 ? -5.921  6.114   6.681   1.00 10.36 ? 219 LEU A N   1 
ATOM   875  C CA  . LEU A 1 145 ? -5.800  7.250   5.737   1.00 9.95  ? 219 LEU A CA  1 
ATOM   876  C C   . LEU A 1 145 ? -6.622  6.999   4.500   1.00 9.98  ? 219 LEU A C   1 
ATOM   877  O O   . LEU A 1 145 ? -7.017  5.883   4.196   1.00 11.30 ? 219 LEU A O   1 
ATOM   878  C CB  . LEU A 1 145 ? -4.361  7.634   5.405   1.00 11.03 ? 219 LEU A CB  1 
ATOM   879  C CG  . LEU A 1 145 ? -3.520  6.603   4.644   1.00 11.19 ? 219 LEU A CG  1 
ATOM   880  C CD1 . LEU A 1 145 ? -3.742  6.615   3.139   1.00 11.77 ? 219 LEU A CD1 1 
ATOM   881  C CD2 . LEU A 1 145 ? -2.050  6.870   4.888   1.00 12.57 ? 219 LEU A CD2 1 
ATOM   882  N N   . GLN A 1 146 ? -6.871  8.072   3.756   1.00 12.14 ? 220 GLN A N   1 
ATOM   883  C CA  . GLN A 1 146 ? -7.421  8.000   2.418   1.00 12.27 ? 220 GLN A CA  1 
ATOM   884  C C   . GLN A 1 146 ? -6.497  8.717   1.481   1.00 12.27 ? 220 GLN A C   1 
ATOM   885  O O   . GLN A 1 146 ? -5.817  9.703   1.876   1.00 13.31 ? 220 GLN A O   1 
ATOM   886  C CB  . GLN A 1 146 ? -8.825  8.616   2.275   1.00 17.20 ? 220 GLN A CB  1 
ATOM   887  C CG  . GLN A 1 146 ? -9.856  8.035   3.158   1.00 22.63 ? 220 GLN A CG  1 
ATOM   888  C CD  . GLN A 1 146 ? -11.143 8.820   3.227   1.00 26.31 ? 220 GLN A CD  1 
ATOM   889  O OE1 . GLN A 1 146 ? -11.272 9.972   2.739   1.00 26.86 ? 220 GLN A OE1 1 
ATOM   890  N NE2 . GLN A 1 146 ? -12.130 8.155   3.807   1.00 29.89 ? 220 GLN A NE2 1 
ATOM   891  N N   . TYR A 1 147 ? -6.466  8.260   0.235   1.00 10.53 ? 221 TYR A N   1 
ATOM   892  C CA  . TYR A 1 147 ? -5.604  8.846   -0.824  1.00 11.05 ? 221 TYR A CA  1 
ATOM   893  C C   . TYR A 1 147 ? -6.447  9.028   -2.087  1.00 10.26 ? 221 TYR A C   1 
ATOM   894  O O   . TYR A 1 147 ? -6.882  8.111   -2.695  1.00 10.35 ? 221 TYR A O   1 
ATOM   895  C CB  . TYR A 1 147 ? -4.421  7.925   -1.117  1.00 9.98  ? 221 TYR A CB  1 
ATOM   896  C CG  . TYR A 1 147 ? -3.359  8.525   -2.034  1.00 10.35 ? 221 TYR A CG  1 
ATOM   897  C CD1 . TYR A 1 147 ? -2.313  9.287   -1.525  1.00 9.75  ? 221 TYR A CD1 1 
ATOM   898  C CD2 . TYR A 1 147 ? -3.422  8.267   -3.381  1.00 10.20 ? 221 TYR A CD2 1 
ATOM   899  C CE1 . TYR A 1 147 ? -1.380  9.821   -2.351  1.00 11.08 ? 221 TYR A CE1 1 
ATOM   900  C CE2 . TYR A 1 147 ? -2.463  8.799   -4.247  1.00 10.58 ? 221 TYR A CE2 1 
ATOM   901  C CZ  . TYR A 1 147 ? -1.436  9.541   -3.697  1.00 9.96  ? 221 TYR A CZ  1 
ATOM   902  O OH  . TYR A 1 147 ? -0.420  10.080  -4.496  1.00 10.13 ? 221 TYR A OH  1 
ATOM   903  N N   . ASN A 1 148 ? -6.683  10.299  -2.360  1.00 11.06 ? 222 ASN A N   1 
ATOM   904  C CA  A ASN A 1 148 ? -7.484  10.715  -3.554  0.50 11.72 ? 222 ASN A CA  1 
ATOM   905  C CA  B ASN A 1 148 ? -7.499  10.663  -3.490  0.50 11.59 ? 222 ASN A CA  1 
ATOM   906  C C   . ASN A 1 148 ? -6.876  10.168  -4.814  1.00 11.42 ? 222 ASN A C   1 
ATOM   907  O O   . ASN A 1 148 ? -5.673  10.235  -5.014  1.00 12.18 ? 222 ASN A O   1 
ATOM   908  C CB  A ASN A 1 148 ? -7.546  12.282  -3.747  0.50 12.17 ? 222 ASN A CB  1 
ATOM   909  C CB  B ASN A 1 148 ? -7.660  12.210  -3.487  0.50 11.67 ? 222 ASN A CB  1 
ATOM   910  C CG  A ASN A 1 148 ? -8.685  12.762  -4.755  0.50 13.35 ? 222 ASN A CG  1 
ATOM   911  C CG  B ASN A 1 148 ? -8.579  12.723  -2.367  0.50 13.96 ? 222 ASN A CG  1 
ATOM   912  O OD1 A ASN A 1 148 ? -9.863  12.758  -4.343  0.50 16.90 ? 222 ASN A OD1 1 
ATOM   913  O OD1 B ASN A 1 148 ? -9.462  12.008  -1.910  0.50 15.75 ? 222 ASN A OD1 1 
ATOM   914  N ND2 A ASN A 1 148 ? -8.357  13.214  -6.031  0.50 15.44 ? 222 ASN A ND2 1 
ATOM   915  N ND2 B ASN A 1 148 ? -8.379  13.953  -1.959  0.50 15.54 ? 222 ASN A ND2 1 
ATOM   916  N N   . HIS A 1 149 ? -7.735  9.647   -5.721  1.00 10.95 ? 223 HIS A N   1 
ATOM   917  C CA  . HIS A 1 149 ? -7.262  9.150   -7.048  1.00 10.94 ? 223 HIS A CA  1 
ATOM   918  C C   . HIS A 1 149 ? -6.632  10.228  -7.880  1.00 12.39 ? 223 HIS A C   1 
ATOM   919  O O   . HIS A 1 149 ? -7.292  11.218  -8.249  1.00 15.35 ? 223 HIS A O   1 
ATOM   920  C CB  . HIS A 1 149 ? -8.338  8.490   -7.845  1.00 11.78 ? 223 HIS A CB  1 
ATOM   921  C CG  . HIS A 1 149 ? -8.904  7.262   -7.214  1.00 11.86 ? 223 HIS A CG  1 
ATOM   922  N ND1 . HIS A 1 149 ? -8.120  6.216   -6.800  1.00 11.50 ? 223 HIS A ND1 1 
ATOM   923  C CD2 . HIS A 1 149 ? -10.169 6.930   -6.834  1.00 13.11 ? 223 HIS A CD2 1 
ATOM   924  C CE1 . HIS A 1 149 ? -8.860  5.268   -6.266  1.00 11.89 ? 223 HIS A CE1 1 
ATOM   925  N NE2 . HIS A 1 149 ? -10.131 5.673   -6.309  1.00 13.77 ? 223 HIS A NE2 1 
ATOM   926  N N   . ARG A 1 150 ? -5.336  10.079  -8.148  1.00 10.47 ? 224 ARG A N   1 
ATOM   927  C CA  . ARG A 1 150 ? -4.646  10.920  -9.120  1.00 11.66 ? 224 ARG A CA  1 
ATOM   928  C C   . ARG A 1 150 ? -4.576  10.303  -10.485 1.00 12.07 ? 224 ARG A C   1 
ATOM   929  O O   . ARG A 1 150 ? -4.771  11.020  -11.537 1.00 13.68 ? 224 ARG A O   1 
ATOM   930  C CB  . ARG A 1 150 ? -3.258  11.310  -8.659  1.00 11.40 ? 224 ARG A CB  1 
ATOM   931  C CG  . ARG A 1 150 ? -3.133  11.913  -7.297  1.00 10.27 ? 224 ARG A CG  1 
ATOM   932  C CD  . ARG A 1 150 ? -1.787  12.401  -6.951  1.00 12.12 ? 224 ARG A CD  1 
ATOM   933  N NE  . ARG A 1 150 ? -1.679  12.783  -5.538  1.00 13.30 ? 224 ARG A NE  1 
ATOM   934  C CZ  . ARG A 1 150 ? -0.514  13.062  -4.977  1.00 13.47 ? 224 ARG A CZ  1 
ATOM   935  N NH1 . ARG A 1 150 ? 0.656   13.012  -5.625  1.00 14.88 ? 224 ARG A NH1 1 
ATOM   936  N NH2 . ARG A 1 150 ? -0.419  13.344  -3.664  1.00 15.38 ? 224 ARG A NH2 1 
ATOM   937  N N   . VAL A 1 151 ? -4.292  9.002   -10.517 1.00 10.43 ? 225 VAL A N   1 
ATOM   938  C CA  . VAL A 1 151 ? -4.433  8.180   -11.736 1.00 11.74 ? 225 VAL A CA  1 
ATOM   939  C C   . VAL A 1 151 ? -5.897  7.813   -11.843 1.00 12.85 ? 225 VAL A C   1 
ATOM   940  O O   . VAL A 1 151 ? -6.422  7.129   -10.967 1.00 15.17 ? 225 VAL A O   1 
ATOM   941  C CB  . VAL A 1 151 ? -3.480  6.955   -11.711 1.00 11.18 ? 225 VAL A CB  1 
ATOM   942  C CG1 . VAL A 1 151 ? -3.759  6.002   -12.836 1.00 11.98 ? 225 VAL A CG1 1 
ATOM   943  C CG2 . VAL A 1 151 ? -2.090  7.416   -11.618 1.00 11.79 ? 225 VAL A CG2 1 
ATOM   944  N N   . LYS A 1 152 ? -6.550  8.158   -12.976 1.00 12.83 ? 226 LYS A N   1 
ATOM   945  C CA  . LYS A 1 152 ? -8.010  8.069   -13.069 1.00 13.63 ? 226 LYS A CA  1 
ATOM   946  C C   . LYS A 1 152 ? -8.464  6.876   -13.826 1.00 13.16 ? 226 LYS A C   1 
ATOM   947  O O   . LYS A 1 152 ? -9.593  6.523   -13.748 1.00 13.15 ? 226 LYS A O   1 
ATOM   948  C CB  . LYS A 1 152 ? -8.551  9.351   -13.662 1.00 15.90 ? 226 LYS A CB  1 
ATOM   949  C CG  . LYS A 1 152 ? -8.152  10.461  -12.646 1.00 19.68 ? 226 LYS A CG  1 
ATOM   950  C CD  . LYS A 1 152 ? -8.853  11.696  -12.700 1.00 19.46 ? 226 LYS A CD  1 
ATOM   951  C CE  . LYS A 1 152 ? -8.181  12.690  -11.860 1.00 16.35 ? 226 LYS A CE  1 
ATOM   952  N NZ  . LYS A 1 152 ? -8.843  12.770  -10.494 1.00 16.01 ? 226 LYS A NZ  1 
ATOM   953  N N   . LYS A 1 153 ? -7.554  6.206   -14.547 1.00 11.27 ? 227 LYS A N   1 
ATOM   954  C CA  . LYS A 1 153 ? -7.877  5.035   -15.332 1.00 12.27 ? 227 LYS A CA  1 
ATOM   955  C C   . LYS A 1 153 ? -7.714  3.845   -14.385 1.00 11.90 ? 227 LYS A C   1 
ATOM   956  O O   . LYS A 1 153 ? -6.719  3.110   -14.422 1.00 11.71 ? 227 LYS A O   1 
ATOM   957  C CB  . LYS A 1 153 ? -6.959  4.925   -16.540 1.00 15.01 ? 227 LYS A CB  1 
ATOM   958  C CG  . LYS A 1 153 ? -7.303  6.016   -17.565 1.00 18.05 ? 227 LYS A CG  1 
ATOM   959  C CD  . LYS A 1 153 ? -6.290  6.011   -18.696 1.00 20.92 ? 227 LYS A CD  1 
ATOM   960  C CE  . LYS A 1 153 ? -6.787  6.875   -19.865 1.00 23.30 ? 227 LYS A CE  1 
ATOM   961  N NZ  . LYS A 1 153 ? -5.591  7.221   -20.720 1.00 25.70 ? 227 LYS A NZ  1 
ATOM   962  N N   . LEU A 1 154 ? -8.677  3.713   -13.468 1.00 11.92 ? 228 LEU A N   1 
ATOM   963  C CA  . LEU A 1 154 ? -8.634  2.640   -12.426 1.00 13.49 ? 228 LEU A CA  1 
ATOM   964  C C   . LEU A 1 154 ? -8.458  1.242   -13.039 1.00 12.50 ? 228 LEU A C   1 
ATOM   965  O O   . LEU A 1 154 ? -7.700  0.431   -12.498 1.00 12.68 ? 228 LEU A O   1 
ATOM   966  C CB  . LEU A 1 154 ? -9.863  2.678   -11.509 1.00 17.36 ? 228 LEU A CB  1 
ATOM   967  C CG  . LEU A 1 154 ? -10.103 3.995   -10.736 1.00 15.20 ? 228 LEU A CG  1 
ATOM   968  C CD1 . LEU A 1 154 ? -11.350 3.903   -9.884  1.00 15.47 ? 228 LEU A CD1 1 
ATOM   969  C CD2 . LEU A 1 154 ? -8.904  4.518   -10.005 1.00 15.27 ? 228 LEU A CD2 1 
ATOM   970  N N   . ASN A 1 155 ? -9.093  0.965   -14.195 1.00 11.55 ? 229 ASN A N   1 
ATOM   971  C CA  . ASN A 1 155 ? -9.005  -0.345  -14.795 1.00 14.45 ? 229 ASN A CA  1 
ATOM   972  C C   . ASN A 1 155 ? -7.679  -0.620  -15.453 1.00 10.94 ? 229 ASN A C   1 
ATOM   973  O O   . ASN A 1 155 ? -7.482  -1.743  -15.973 1.00 13.09 ? 229 ASN A O   1 
ATOM   974  C CB  . ASN A 1 155 ? -10.133 -0.633  -15.790 1.00 15.62 ? 229 ASN A CB  1 
ATOM   975  C CG  . ASN A 1 155 ? -10.157 0.253   -16.944 1.00 18.09 ? 229 ASN A CG  1 
ATOM   976  O OD1 . ASN A 1 155 ? -9.265  1.022   -17.194 1.00 18.38 ? 229 ASN A OD1 1 
ATOM   977  N ND2 . ASN A 1 155 ? -11.290 0.153   -17.707 1.00 23.88 ? 229 ASN A ND2 1 
ATOM   978  N N   . GLU A 1 156 ? -6.743  0.344   -15.359 1.00 11.56 ? 230 GLU A N   1 
ATOM   979  C CA  . GLU A 1 156 ? -5.369  0.094   -15.859 1.00 11.37 ? 230 GLU A CA  1 
ATOM   980  C C   . GLU A 1 156 ? -4.357  -0.064  -14.727 1.00 11.42 ? 230 GLU A C   1 
ATOM   981  O O   . GLU A 1 156 ? -3.193  -0.278  -15.022 1.00 11.03 ? 230 GLU A O   1 
ATOM   982  C CB  . GLU A 1 156 ? -4.878  1.204   -16.796 1.00 12.64 ? 230 GLU A CB  1 
ATOM   983  C CG  . GLU A 1 156 ? -5.789  1.205   -18.057 1.00 14.04 ? 230 GLU A CG  1 
ATOM   984  C CD  . GLU A 1 156 ? -5.374  2.153   -19.111 1.00 16.29 ? 230 GLU A CD  1 
ATOM   985  O OE1 . GLU A 1 156 ? -4.364  2.861   -18.946 1.00 16.41 ? 230 GLU A OE1 1 
ATOM   986  O OE2 . GLU A 1 156 ? -6.098  2.199   -20.134 1.00 22.09 ? 230 GLU A OE2 1 
ATOM   987  N N   . ILE A 1 157 ? -4.818  -0.020  -13.460 1.00 11.28 ? 231 ILE A N   1 
ATOM   988  C CA  . ILE A 1 157 ? -3.938  -0.192  -12.297 1.00 10.64 ? 231 ILE A CA  1 
ATOM   989  C C   . ILE A 1 157 ? -3.920  -1.682  -12.014 1.00 11.02 ? 231 ILE A C   1 
ATOM   990  O O   . ILE A 1 157 ? -4.701  -2.123  -11.186 1.00 12.90 ? 231 ILE A O   1 
ATOM   991  C CB  . ILE A 1 157 ? -4.415  0.678   -11.121 1.00 10.77 ? 231 ILE A CB  1 
ATOM   992  C CG1 . ILE A 1 157 ? -4.536  2.150   -11.481 1.00 11.85 ? 231 ILE A CG1 1 
ATOM   993  C CG2 . ILE A 1 157 ? -3.526  0.389   -9.883  1.00 11.64 ? 231 ILE A CG2 1 
ATOM   994  C CD1 . ILE A 1 157 ? -5.259  2.987   -10.401 1.00 11.35 ? 231 ILE A CD1 1 
ATOM   995  N N   . SER A 1 158 ? -3.036  -2.382  -12.667 1.00 10.29 ? 232 SER A N   1 
ATOM   996  C CA  A SER A 1 158 ? -3.174  -3.821  -12.881 0.50 10.46 ? 232 SER A CA  1 
ATOM   997  C CA  B SER A 1 158 ? -3.255  -3.828  -12.768 0.50 11.96 ? 232 SER A CA  1 
ATOM   998  C C   . SER A 1 158 ? -2.193  -4.635  -12.087 1.00 10.01 ? 232 SER A C   1 
ATOM   999  O O   . SER A 1 158 ? -2.148  -5.852  -12.263 1.00 11.03 ? 232 SER A O   1 
ATOM   1000 C CB  A SER A 1 158 ? -3.098  -4.140  -14.395 0.50 10.81 ? 232 SER A CB  1 
ATOM   1001 C CB  B SER A 1 158 ? -3.468  -4.274  -14.214 0.50 14.58 ? 232 SER A CB  1 
ATOM   1002 O OG  A SER A 1 158 ? -4.233  -3.561  -15.046 0.50 11.01 ? 232 SER A OG  1 
ATOM   1003 O OG  B SER A 1 158 ? -2.320  -4.081  -14.958 0.50 18.96 ? 232 SER A OG  1 
ATOM   1004 N N   . LYS A 1 159 ? -1.367  -4.015  -11.243 1.00 10.28 ? 233 LYS A N   1 
ATOM   1005 C CA  . LYS A 1 159 ? -0.455  -4.776  -10.385 1.00 11.27 ? 233 LYS A CA  1 
ATOM   1006 C C   . LYS A 1 159 ? -0.300  -4.069  -9.061  1.00 11.11 ? 233 LYS A C   1 
ATOM   1007 O O   . LYS A 1 159 ? -0.360  -2.816  -8.999  1.00 10.53 ? 233 LYS A O   1 
ATOM   1008 C CB  . LYS A 1 159 ? 0.961   -4.844  -11.010 1.00 14.54 ? 233 LYS A CB  1 
ATOM   1009 C CG  . LYS A 1 159 ? 1.050   -5.538  -12.341 1.00 22.44 ? 233 LYS A CG  1 
ATOM   1010 C CD  . LYS A 1 159 ? 2.509   -5.601  -12.804 1.00 28.58 ? 233 LYS A CD  1 
ATOM   1011 C CE  . LYS A 1 159 ? 2.492   -6.183  -14.229 1.00 32.64 ? 233 LYS A CE  1 
ATOM   1012 N NZ  . LYS A 1 159 ? 2.542   -7.680  -14.217 1.00 42.92 ? 233 LYS A NZ  1 
ATOM   1013 N N   . LEU A 1 160 ? -0.132  -4.887  -8.021  1.00 10.69 ? 234 LEU A N   1 
ATOM   1014 C CA  . LEU A 1 160 ? 0.286   -4.377  -6.710  1.00 9.75  ? 234 LEU A CA  1 
ATOM   1015 C C   . LEU A 1 160 ? 1.585   -4.996  -6.339  1.00 10.22 ? 234 LEU A C   1 
ATOM   1016 O O   . LEU A 1 160 ? 1.768   -6.231  -6.260  1.00 12.85 ? 234 LEU A O   1 
ATOM   1017 C CB  . LEU A 1 160 ? -0.785  -4.706  -5.661  1.00 11.05 ? 234 LEU A CB  1 
ATOM   1018 C CG  . LEU A 1 160 ? -0.329  -4.436  -4.202  1.00 11.24 ? 234 LEU A CG  1 
ATOM   1019 C CD1 . LEU A 1 160 ? -0.023  -2.926  -3.993  1.00 11.51 ? 234 LEU A CD1 1 
ATOM   1020 C CD2 . LEU A 1 160 ? -1.365  -4.922  -3.170  1.00 14.11 ? 234 LEU A CD2 1 
ATOM   1021 N N   . GLY A 1 161 ? 2.590   -4.150  -6.117  1.00 9.60  ? 235 GLY A N   1 
ATOM   1022 C CA  . GLY A 1 161 ? 3.897   -4.582  -5.650  1.00 10.44 ? 235 GLY A CA  1 
ATOM   1023 C C   . GLY A 1 161 ? 3.995   -4.417  -4.156  1.00 10.48 ? 235 GLY A C   1 
ATOM   1024 O O   . GLY A 1 161 ? 3.578   -3.361  -3.617  1.00 11.05 ? 235 GLY A O   1 
ATOM   1025 N N   . ILE A 1 162 ? 4.444   -5.446  -3.452  1.00 12.36 ? 236 ILE A N   1 
ATOM   1026 C CA  . ILE A 1 162 ? 4.541   -5.409  -1.976  1.00 11.86 ? 236 ILE A CA  1 
ATOM   1027 C C   . ILE A 1 162 ? 6.008   -5.598  -1.686  1.00 12.48 ? 236 ILE A C   1 
ATOM   1028 O O   . ILE A 1 162 ? 6.610   -6.641  -2.053  1.00 14.48 ? 236 ILE A O   1 
ATOM   1029 C CB  . ILE A 1 162 ? 3.624   -6.483  -1.329  1.00 12.74 ? 236 ILE A CB  1 
ATOM   1030 C CG1 . ILE A 1 162 ? 2.169   -6.332  -1.787  1.00 14.70 ? 236 ILE A CG1 1 
ATOM   1031 C CG2 . ILE A 1 162 ? 3.818   -6.361  0.167   1.00 13.91 ? 236 ILE A CG2 1 
ATOM   1032 C CD1 . ILE A 1 162 ? 1.273   -7.512  -1.454  1.00 17.16 ? 236 ILE A CD1 1 
ATOM   1033 N N   . SER A 1 163 ? 6.626   -4.693  -0.937  1.00 12.98 ? 237 SER A N   1 
ATOM   1034 C CA  . SER A 1 163 ? 8.067   -4.762  -0.741  1.00 13.05 ? 237 SER A CA  1 
ATOM   1035 C C   . SER A 1 163 ? 8.431   -4.203  0.653   1.00 13.29 ? 237 SER A C   1 
ATOM   1036 O O   . SER A 1 163 ? 7.557   -3.677  1.400   1.00 12.22 ? 237 SER A O   1 
ATOM   1037 C CB  . SER A 1 163 ? 8.838   -4.039  -1.830  1.00 15.24 ? 237 SER A CB  1 
ATOM   1038 O OG  . SER A 1 163 ? 8.407   -2.680  -1.873  1.00 15.90 ? 237 SER A OG  1 
ATOM   1039 N N   . GLY A 1 164 ? 9.714   -4.352  0.952   1.00 14.92 ? 238 GLY A N   1 
ATOM   1040 C CA  . GLY A 1 164 ? 10.268  -3.820  2.195   1.00 13.82 ? 238 GLY A CA  1 
ATOM   1041 C C   . GLY A 1 164 ? 10.462  -4.872  3.277   1.00 14.19 ? 238 GLY A C   1 
ATOM   1042 O O   . GLY A 1 164 ? 10.544  -6.080  3.008   1.00 14.32 ? 238 GLY A O   1 
ATOM   1043 N N   . ASP A 1 165 ? 10.599  -4.401  4.528   1.00 12.86 ? 239 ASP A N   1 
ATOM   1044 C CA  . ASP A 1 165 ? 11.164  -5.202  5.623   1.00 13.47 ? 239 ASP A CA  1 
ATOM   1045 C C   . ASP A 1 165 ? 10.097  -5.986  6.349   1.00 14.99 ? 239 ASP A C   1 
ATOM   1046 O O   . ASP A 1 165 ? 9.767   -5.716  7.520   1.00 15.69 ? 239 ASP A O   1 
ATOM   1047 C CB  . ASP A 1 165 ? 11.960  -4.287  6.551   1.00 15.64 ? 239 ASP A CB  1 
ATOM   1048 C CG  . ASP A 1 165 ? 13.068  -3.503  5.808   1.00 15.76 ? 239 ASP A CG  1 
ATOM   1049 O OD1 . ASP A 1 165 ? 13.679  -4.170  4.951   1.00 23.12 ? 239 ASP A OD1 1 
ATOM   1050 O OD2 . ASP A 1 165 ? 13.297  -2.302  6.116   1.00 19.61 ? 239 ASP A OD2 1 
ATOM   1051 N N   . ILE A 1 166 ? 9.441   -6.875  5.569   1.00 12.79 ? 240 ILE A N   1 
ATOM   1052 C CA  . ILE A 1 166 ? 8.333   -7.697  6.005   1.00 14.61 ? 240 ILE A CA  1 
ATOM   1053 C C   . ILE A 1 166 ? 8.533   -9.143  5.675   1.00 13.78 ? 240 ILE A C   1 
ATOM   1054 O O   . ILE A 1 166 ? 9.222   -9.529  4.715   1.00 17.65 ? 240 ILE A O   1 
ATOM   1055 C CB  . ILE A 1 166 ? 6.955   -7.214  5.519   1.00 15.37 ? 240 ILE A CB  1 
ATOM   1056 C CG1 . ILE A 1 166 ? 6.830   -7.336  4.038   1.00 17.52 ? 240 ILE A CG1 1 
ATOM   1057 C CG2 . ILE A 1 166 ? 6.687   -5.837  6.083   1.00 14.82 ? 240 ILE A CG2 1 
ATOM   1058 C CD1 . ILE A 1 166 ? 5.394   -7.156  3.541   1.00 16.95 ? 240 ILE A CD1 1 
ATOM   1059 N N   . ASP A 1 167 ? 7.909   -9.973  6.479   1.00 15.97 ? 241 ASP A N   1 
ATOM   1060 C CA  . ASP A 1 167 ? 7.586   -11.336 6.100   1.00 19.08 ? 241 ASP A CA  1 
ATOM   1061 C C   . ASP A 1 167 ? 6.135   -11.314 5.631   1.00 18.81 ? 241 ASP A C   1 
ATOM   1062 O O   . ASP A 1 167 ? 5.238   -10.858 6.358   1.00 19.19 ? 241 ASP A O   1 
ATOM   1063 C CB  . ASP A 1 167 ? 7.762   -12.268 7.305   1.00 23.59 ? 241 ASP A CB  1 
ATOM   1064 C CG  . ASP A 1 167 ? 9.201   -12.397 7.709   1.00 30.14 ? 241 ASP A CG  1 
ATOM   1065 O OD1 . ASP A 1 167 ? 10.116  -12.283 6.836   1.00 35.66 ? 241 ASP A OD1 1 
ATOM   1066 O OD2 . ASP A 1 167 ? 9.423   -12.604 8.934   1.00 36.53 ? 241 ASP A OD2 1 
ATOM   1067 N N   . LEU A 1 168 ? 5.891   -11.754 4.417   1.00 14.59 ? 242 LEU A N   1 
ATOM   1068 C CA  . LEU A 1 168 ? 4.577   -11.689 3.887   1.00 15.15 ? 242 LEU A CA  1 
ATOM   1069 C C   . LEU A 1 168 ? 3.838   -12.989 3.952   1.00 15.84 ? 242 LEU A C   1 
ATOM   1070 O O   . LEU A 1 168 ? 4.423   -14.011 3.511   1.00 16.80 ? 242 LEU A O   1 
ATOM   1071 C CB  . LEU A 1 168 ? 4.675   -11.201 2.413   1.00 14.14 ? 242 LEU A CB  1 
ATOM   1072 C CG  . LEU A 1 168 ? 3.408   -11.040 1.575   1.00 16.23 ? 242 LEU A CG  1 
ATOM   1073 C CD1 . LEU A 1 168 ? 2.484   -9.975  2.108   1.00 14.89 ? 242 LEU A CD1 1 
ATOM   1074 C CD2 . LEU A 1 168 ? 3.819   -10.630 0.131   1.00 16.81 ? 242 LEU A CD2 1 
ATOM   1075 N N   . THR A 1 169 ? 2.666   -13.019 4.543   1.00 15.27 ? 243 THR A N   1 
ATOM   1076 C CA  . THR A 1 169 ? 1.908   -14.185 4.748   1.00 17.36 ? 243 THR A CA  1 
ATOM   1077 C C   . THR A 1 169 ? 0.837   -14.395 3.687   1.00 20.32 ? 243 THR A C   1 
ATOM   1078 O O   . THR A 1 169 ? 0.561   -15.539 3.299   1.00 22.60 ? 243 THR A O   1 
ATOM   1079 C CB  . THR A 1 169 ? 1.248   -14.060 6.132   1.00 21.14 ? 243 THR A CB  1 
ATOM   1080 O OG1 . THR A 1 169 ? 2.285   -13.977 7.099   1.00 23.90 ? 243 THR A OG1 1 
ATOM   1081 C CG2 . THR A 1 169 ? 0.306   -15.182 6.412   1.00 23.58 ? 243 THR A CG2 1 
ATOM   1082 N N   . SER A 1 170 ? 0.169   -13.340 3.259   1.00 15.97 ? 244 SER A N   1 
ATOM   1083 C CA  A SER A 1 170 ? -0.816  -13.487 2.205   0.50 15.14 ? 244 SER A CA  1 
ATOM   1084 C CA  B SER A 1 170 ? -1.001  -13.475 2.370   0.50 15.91 ? 244 SER A CA  1 
ATOM   1085 C C   . SER A 1 170 ? -1.203  -12.128 1.635   1.00 14.30 ? 244 SER A C   1 
ATOM   1086 O O   . SER A 1 170 ? -1.042  -11.069 2.258   1.00 13.61 ? 244 SER A O   1 
ATOM   1087 C CB  A SER A 1 170 ? -2.026  -14.193 2.732   0.50 14.46 ? 244 SER A CB  1 
ATOM   1088 C CB  B SER A 1 170 ? -2.202  -13.788 3.260   0.50 15.77 ? 244 SER A CB  1 
ATOM   1089 O OG  A SER A 1 170 ? -2.714  -13.427 3.699   0.50 14.45 ? 244 SER A OG  1 
ATOM   1090 O OG  B SER A 1 170 ? -3.442  -13.891 2.554   0.50 18.18 ? 244 SER A OG  1 
ATOM   1091 N N   . ALA A 1 171 ? -1.637  -12.161 0.369   1.00 15.20 ? 245 ALA A N   1 
ATOM   1092 C CA  . ALA A 1 171 ? -1.954  -11.004 -0.383  1.00 13.87 ? 245 ALA A CA  1 
ATOM   1093 C C   . ALA A 1 171 ? -3.095  -11.426 -1.293  1.00 15.81 ? 245 ALA A C   1 
ATOM   1094 O O   . ALA A 1 171 ? -2.927  -12.344 -2.112  1.00 16.69 ? 245 ALA A O   1 
ATOM   1095 C CB  . ALA A 1 171 ? -0.768  -10.493 -1.159  1.00 15.63 ? 245 ALA A CB  1 
ATOM   1096 N N   . SER A 1 172 ? -4.208  -10.832 -1.122  1.00 13.84 ? 246 SER A N   1 
ATOM   1097 C CA  . SER A 1 172 ? -5.358  -11.203 -1.937  1.00 15.89 ? 246 SER A CA  1 
ATOM   1098 C C   . SER A 1 172 ? -6.399  -10.093 -2.059  1.00 15.86 ? 246 SER A C   1 
ATOM   1099 O O   . SER A 1 172 ? -6.283  -9.004  -1.446  1.00 14.86 ? 246 SER A O   1 
ATOM   1100 C CB  . SER A 1 172 ? -5.970  -12.465 -1.307  1.00 17.22 ? 246 SER A CB  1 
ATOM   1101 O OG  . SER A 1 172 ? -6.608  -12.190 -0.077  1.00 20.01 ? 246 SER A OG  1 
ATOM   1102 N N   . TYR A 1 173 ? -7.497  -10.350 -2.749  1.00 16.19 ? 247 TYR A N   1 
ATOM   1103 C CA  . TYR A 1 173 ? -8.515  -9.357  -2.983  1.00 14.69 ? 247 TYR A CA  1 
ATOM   1104 C C   . TYR A 1 173 ? -9.886  -10.051 -3.058  1.00 17.63 ? 247 TYR A C   1 
ATOM   1105 O O   . TYR A 1 173 ? -9.971  -11.265 -3.319  1.00 16.65 ? 247 TYR A O   1 
ATOM   1106 C CB  . TYR A 1 173 ? -8.255  -8.469  -4.238  1.00 18.15 ? 247 TYR A CB  1 
ATOM   1107 C CG  . TYR A 1 173 ? -7.956  -9.272  -5.477  1.00 16.28 ? 247 TYR A CG  1 
ATOM   1108 C CD1 . TYR A 1 173 ? -9.002  -9.958  -6.155  1.00 18.54 ? 247 TYR A CD1 1 
ATOM   1109 C CD2 . TYR A 1 173 ? -6.692  -9.412  -5.990  1.00 18.10 ? 247 TYR A CD2 1 
ATOM   1110 C CE1 . TYR A 1 173 ? -8.713  -10.736 -7.233  1.00 19.99 ? 247 TYR A CE1 1 
ATOM   1111 C CE2 . TYR A 1 173 ? -6.392  -10.160 -7.132  1.00 18.13 ? 247 TYR A CE2 1 
ATOM   1112 C CZ  . TYR A 1 173 ? -7.436  -10.850 -7.727  1.00 16.21 ? 247 TYR A CZ  1 
ATOM   1113 O OH  . TYR A 1 173 ? -7.070  -11.578 -8.825  1.00 21.33 ? 247 TYR A OH  1 
ATOM   1114 N N   . THR A 1 174 ? -10.905 -9.286  -2.751  1.00 16.98 ? 248 THR A N   1 
ATOM   1115 C CA  . THR A 1 174 ? -12.270 -9.678  -2.880  1.00 20.86 ? 248 THR A CA  1 
ATOM   1116 C C   . THR A 1 174 ? -13.133 -8.466  -3.209  1.00 22.11 ? 248 THR A C   1 
ATOM   1117 O O   . THR A 1 174 ? -12.671 -7.329  -3.230  1.00 21.58 ? 248 THR A O   1 
ATOM   1118 C CB  . THR A 1 174 ? -12.758 -10.347 -1.597  1.00 24.50 ? 248 THR A CB  1 
ATOM   1119 O OG1 . THR A 1 174 ? -14.046 -10.937 -1.890  1.00 28.03 ? 248 THR A OG1 1 
ATOM   1120 C CG2 . THR A 1 174 ? -12.962 -9.386  -0.444  1.00 23.00 ? 248 THR A CG2 1 
ATOM   1121 N N   . MET A 1 175 ? -14.378 -8.694  -3.630  1.00 21.10 ? 249 MET A N   1 
ATOM   1122 C CA  A MET A 1 175 ? -15.369 -7.625  -3.851  0.50 21.93 ? 249 MET A CA  1 
ATOM   1123 C CA  B MET A 1 175 ? -15.310 -7.622  -3.871  0.50 21.53 ? 249 MET A CA  1 
ATOM   1124 C C   . MET A 1 175 ? -16.285 -7.545  -2.660  1.00 26.10 ? 249 MET A C   1 
ATOM   1125 O O   . MET A 1 175 ? -16.774 -8.557  -2.150  1.00 29.34 ? 249 MET A O   1 
ATOM   1126 C CB  A MET A 1 175 ? -16.251 -7.879  -5.065  0.50 22.86 ? 249 MET A CB  1 
ATOM   1127 C CB  B MET A 1 175 ? -15.956 -7.837  -5.257  0.50 21.40 ? 249 MET A CB  1 
ATOM   1128 C CG  A MET A 1 175 ? -15.634 -7.564  -6.410  0.50 21.56 ? 249 MET A CG  1 
ATOM   1129 C CG  B MET A 1 175 ? -14.970 -7.909  -6.463  0.50 21.00 ? 249 MET A CG  1 
ATOM   1130 S SD  A MET A 1 175 ? -14.836 -5.946  -6.526  0.50 19.98 ? 249 MET A SD  1 
ATOM   1131 S SD  B MET A 1 175 ? -14.072 -6.386  -6.988  0.50 19.00 ? 249 MET A SD  1 
ATOM   1132 C CE  A MET A 1 175 ? -13.777 -6.251  -7.961  0.50 19.17 ? 249 MET A CE  1 
ATOM   1133 C CE  B MET A 1 175 ? -15.406 -5.151  -6.999  0.50 19.99 ? 249 MET A CE  1 
ATOM   1134 N N   . ILE A 1 176 ? -16.514 -6.353  -2.199  1.00 24.72 ? 250 ILE A N   1 
ATOM   1135 C CA  . ILE A 1 176 ? -17.228 -6.035  -1.012  1.00 29.67 ? 250 ILE A CA  1 
ATOM   1136 C C   . ILE A 1 176 ? -18.537 -5.612  -1.596  1.00 33.72 ? 250 ILE A C   1 
ATOM   1137 O O   . ILE A 1 176 ? -18.732 -5.672  -2.841  1.00 34.99 ? 250 ILE A O   1 
ATOM   1138 C CB  . ILE A 1 176 ? -16.368 -4.979  -0.213  1.00 32.53 ? 250 ILE A CB  1 
ATOM   1139 C CG1 . ILE A 1 176 ? -15.943 -5.600  1.063   1.00 37.48 ? 250 ILE A CG1 1 
ATOM   1140 C CG2 . ILE A 1 176 ? -16.911 -3.564  -0.093  1.00 32.58 ? 250 ILE A CG2 1 
ATOM   1141 C CD1 . ILE A 1 176 ? -15.264 -6.945  0.849   1.00 38.45 ? 250 ILE A CD1 1 
ATOM   1142 O OXT . ILE A 1 176 ? -19.441 -5.264  -0.820  1.00 36.76 ? 250 ILE A OXT 1 
HETATM 1143 O O35 . 8VT B 2 .   ? 14.881  16.165  -0.584  1.00 38.33 ? 301 8VT A O35 1 
HETATM 1144 C C33 . 8VT B 2 .   ? 13.736  16.615  -0.745  1.00 33.65 ? 301 8VT A C33 1 
HETATM 1145 C C34 . 8VT B 2 .   ? 13.472  18.047  -1.113  1.00 35.36 ? 301 8VT A C34 1 
HETATM 1146 N N1  . 8VT B 2 .   ? 12.588  15.782  -0.689  1.00 29.83 ? 301 8VT A N1  1 
HETATM 1147 C C1, . 8VT B 2 .   ? 12.840  14.341  -0.584  1.00 24.27 ? 301 8VT A C1, 1 
HETATM 1148 C C2, . 8VT B 2 .   ? 11.599  13.726  0.135   1.00 22.71 ? 301 8VT A C2, 1 
HETATM 1149 N N2  . 8VT B 2 .   ? 11.698  14.080  1.583   1.00 26.03 ? 301 8VT A N2  1 
HETATM 1150 C C36 . 8VT B 2 .   ? 10.956  15.117  2.041   1.00 26.91 ? 301 8VT A C36 1 
HETATM 1151 C C38 . 8VT B 2 .   ? 10.934  15.275  3.514   1.00 26.77 ? 301 8VT A C38 1 
HETATM 1152 C C39 . 8VT B 2 .   ? 11.909  14.755  4.434   1.00 29.75 ? 301 8VT A C39 1 
HETATM 1153 C C40 . 8VT B 2 .   ? 11.700  14.955  5.822   1.00 32.70 ? 301 8VT A C40 1 
HETATM 1154 C C41 . 8VT B 2 .   ? 10.509  15.603  6.232   1.00 30.93 ? 301 8VT A C41 1 
HETATM 1155 C C42 . 8VT B 2 .   ? 9.576   16.104  5.276   1.00 33.68 ? 301 8VT A C42 1 
HETATM 1156 O O44 . 8VT B 2 .   ? 8.398   16.774  5.537   1.00 45.31 ? 301 8VT A O44 1 
HETATM 1157 C C45 . 8VT B 2 .   ? 7.545   17.393  4.508   1.00 45.06 ? 301 8VT A C45 1 
HETATM 1158 C C43 . 8VT B 2 .   ? 9.792   15.896  3.922   1.00 29.63 ? 301 8VT A C43 1 
HETATM 1159 O O37 . 8VT B 2 .   ? 10.241  15.813  1.340   1.00 32.87 ? 301 8VT A O37 1 
HETATM 1160 O O5, . 8VT B 2 .   ? 12.809  13.793  -1.905  1.00 25.26 ? 301 8VT A O5, 1 
HETATM 1161 C C5, . 8VT B 2 .   ? 13.057  12.409  -1.959  1.00 21.14 ? 301 8VT A C5, 1 
HETATM 1162 C C6, . 8VT B 2 .   ? 13.190  12.003  -3.454  1.00 21.80 ? 301 8VT A C6, 1 
HETATM 1163 O O6, . 8VT B 2 .   ? 11.967  12.268  -4.226  1.00 27.70 ? 301 8VT A O6, 1 
HETATM 1164 C C4, . 8VT B 2 .   ? 11.825  11.700  -1.299  1.00 18.49 ? 301 8VT A C4, 1 
HETATM 1165 C C3, . 8VT B 2 .   ? 11.658  12.231  0.120   1.00 19.18 ? 301 8VT A C3, 1 
HETATM 1166 O O3, . 8VT B 2 .   ? 10.502  11.583  0.767   1.00 17.22 ? 301 8VT A O3, 1 
HETATM 1167 O O1  . 8VT B 2 .   ? 12.088  10.333  -1.260  1.00 16.10 ? 301 8VT A O1  1 
HETATM 1168 C C1  . 8VT B 2 .   ? 11.362  9.556   -2.230  0.75 13.53 ? 301 8VT A C1  1 
HETATM 1169 C C2  . 8VT B 2 .   ? 11.835  8.161   -2.090  0.75 13.70 ? 301 8VT A C2  1 
HETATM 1170 O O2  . 8VT B 2 .   ? 13.225  8.092   -2.610  1.00 20.51 ? 301 8VT A O2  1 
HETATM 1171 C C3  . 8VT B 2 .   ? 11.039  7.202   -2.931  0.75 13.06 ? 301 8VT A C3  1 
HETATM 1172 C C4  . 8VT B 2 .   ? 9.555   7.425   -2.664  0.75 11.06 ? 301 8VT A C4  1 
HETATM 1173 O O4  . 8VT B 2 .   ? 9.268   6.820   -1.373  1.00 14.31 ? 301 8VT A O4  1 
HETATM 1174 C C5  . 8VT B 2 .   ? 9.188   8.882   -2.778  0.75 11.43 ? 301 8VT A C5  1 
HETATM 1175 C C6  . 8VT B 2 .   ? 7.738   9.093   -2.458  0.75 10.81 ? 301 8VT A C6  1 
HETATM 1176 O O6  . 8VT B 2 .   ? 7.419   10.457  -2.454  0.75 11.29 ? 301 8VT A O6  1 
HETATM 1177 O O5  . 8VT B 2 .   ? 10.011  9.574   -1.818  0.75 11.32 ? 301 8VT A O5  1 
HETATM 1178 O O3  . 8VT B 2 .   ? 11.491  5.922   -2.674  0.75 15.27 ? 301 8VT A O3  1 
HETATM 1179 C C24 . 8VT B 2 .   ? 11.223  5.028   -3.763  1.00 20.85 ? 301 8VT A C24 1 
HETATM 1180 C C25 . 8VT B 2 .   ? 11.853  3.669   -3.618  1.00 21.16 ? 301 8VT A C25 1 
HETATM 1181 C C26 . 8VT B 2 .   ? 11.609  2.690   -4.567  1.00 24.32 ? 301 8VT A C26 1 
HETATM 1182 C C27 . 8VT B 2 .   ? 12.230  1.478   -4.336  1.00 26.32 ? 301 8VT A C27 1 
HETATM 1183 C C28 . 8VT B 2 .   ? 13.097  1.220   -3.256  1.00 26.58 ? 301 8VT A C28 1 
HETATM 1184 C C29 . 8VT B 2 .   ? 13.364  2.172   -2.342  1.00 25.62 ? 301 8VT A C29 1 
HETATM 1185 C C30 . 8VT B 2 .   ? 12.743  3.411   -2.583  1.00 25.53 ? 301 8VT A C30 1 
HETATM 1186 O O31 . 8VT B 2 .   ? 14.236  1.935   -1.230  1.00 32.26 ? 301 8VT A O31 1 
HETATM 1187 C C32 . 8VT B 2 .   ? 14.624  2.910   -0.192  1.00 32.82 ? 301 8VT A C32 1 
HETATM 1188 O O   . HOH C 3 .   ? -11.811 13.804  -4.253  1.00 38.53 ? 401 HOH A O   1 
HETATM 1189 O O   . HOH C 3 .   ? -16.824 1.438   0.144   1.00 31.09 ? 402 HOH A O   1 
HETATM 1190 O O   . HOH C 3 .   ? -4.666  -11.826 2.406   1.00 21.12 ? 403 HOH A O   1 
HETATM 1191 O O   . HOH C 3 .   ? 12.900  12.026  3.452   1.00 29.58 ? 404 HOH A O   1 
HETATM 1192 O O   . HOH C 3 .   ? 10.398  3.635   -12.959 1.00 29.32 ? 405 HOH A O   1 
HETATM 1193 O O   . HOH C 3 .   ? -9.840  -8.419  4.638   1.00 27.99 ? 406 HOH A O   1 
HETATM 1194 O O   . HOH C 3 .   ? 2.689   1.789   16.593  1.00 31.16 ? 407 HOH A O   1 
HETATM 1195 O O   . HOH C 3 .   ? 6.337   -2.202  -3.491  1.00 14.79 ? 408 HOH A O   1 
HETATM 1196 O O   . HOH C 3 .   ? 2.287   8.710   -17.434 1.00 24.49 ? 409 HOH A O   1 
HETATM 1197 O O   . HOH C 3 .   ? -14.749 6.612   2.964   1.00 34.18 ? 410 HOH A O   1 
HETATM 1198 O O   . HOH C 3 .   ? 7.985   -13.210 3.167   1.00 25.03 ? 411 HOH A O   1 
HETATM 1199 O O   . HOH C 3 .   ? 7.477   2.234   -11.442 1.00 29.39 ? 412 HOH A O   1 
HETATM 1200 O O   . HOH C 3 .   ? 17.220  -0.845  10.328  1.00 37.65 ? 413 HOH A O   1 
HETATM 1201 O O   . HOH C 3 .   ? 10.742  12.679  9.367   1.00 23.85 ? 414 HOH A O   1 
HETATM 1202 O O   . HOH C 3 .   ? 12.378  -0.368  13.273  1.00 32.01 ? 415 HOH A O   1 
HETATM 1203 O O   . HOH C 3 .   ? -4.145  -11.962 -8.953  1.00 26.28 ? 416 HOH A O   1 
HETATM 1204 O O   . HOH C 3 .   ? 4.685   -5.345  -9.023  1.00 33.06 ? 417 HOH A O   1 
HETATM 1205 O O   . HOH C 3 .   ? -15.119 2.496   3.750   1.00 36.13 ? 418 HOH A O   1 
HETATM 1206 O O   . HOH C 3 .   ? 5.148   8.084   -20.730 1.00 27.99 ? 419 HOH A O   1 
HETATM 1207 O O   . HOH C 3 .   ? 8.344   0.309   -13.004 1.00 23.09 ? 420 HOH A O   1 
HETATM 1208 O O   . HOH C 3 .   ? -5.709  12.425  -0.744  1.00 17.53 ? 421 HOH A O   1 
HETATM 1209 O O   . HOH C 3 .   ? -7.056  -3.630  8.558   1.00 12.99 ? 422 HOH A O   1 
HETATM 1210 O O   . HOH C 3 .   ? -9.633  -8.687  0.681   1.00 21.68 ? 423 HOH A O   1 
HETATM 1211 O O   . HOH C 3 .   ? -12.395 0.432   -12.818 1.00 26.22 ? 424 HOH A O   1 
HETATM 1212 O O   . HOH C 3 .   ? 4.125   -13.128 13.198  1.00 36.28 ? 425 HOH A O   1 
HETATM 1213 O O   . HOH C 3 .   ? 15.387  6.512   15.137  1.00 26.92 ? 426 HOH A O   1 
HETATM 1214 O O   . HOH C 3 .   ? -12.046 11.606  -1.340  1.00 26.92 ? 427 HOH A O   1 
HETATM 1215 O O   . HOH C 3 .   ? -16.103 0.726   -2.238  1.00 22.19 ? 428 HOH A O   1 
HETATM 1216 O O   . HOH C 3 .   ? 6.288   5.964   -16.640 1.00 16.38 ? 429 HOH A O   1 
HETATM 1217 O O   . HOH C 3 .   ? 0.306   9.479   4.080   1.00 21.01 ? 430 HOH A O   1 
HETATM 1218 O O   . HOH C 3 .   ? -10.103 0.305   4.448   1.00 17.11 ? 431 HOH A O   1 
HETATM 1219 O O   . HOH C 3 .   ? 3.382   -20.071 -0.062  1.00 23.86 ? 432 HOH A O   1 
HETATM 1220 O O   . HOH C 3 .   ? -9.162  -11.349 0.246   1.00 21.56 ? 433 HOH A O   1 
HETATM 1221 O O   . HOH C 3 .   ? -5.871  14.991  -1.915  1.00 31.53 ? 434 HOH A O   1 
HETATM 1222 O O   . HOH C 3 .   ? -17.893 -2.099  -8.656  1.00 29.78 ? 435 HOH A O   1 
HETATM 1223 O O   . HOH C 3 .   ? -4.149  -13.570 -4.211  1.00 35.32 ? 436 HOH A O   1 
HETATM 1224 O O   . HOH C 3 .   ? -20.499 0.829   0.095   1.00 20.35 ? 437 HOH A O   1 
HETATM 1225 O O   . HOH C 3 .   ? -10.590 2.402   6.529   1.00 19.42 ? 438 HOH A O   1 
HETATM 1226 O O   . HOH C 3 .   ? -3.073  10.390  1.939   1.00 19.50 ? 439 HOH A O   1 
HETATM 1227 O O   . HOH C 3 .   ? 17.291  17.374  -1.086  1.00 33.37 ? 440 HOH A O   1 
HETATM 1228 O O   . HOH C 3 .   ? -11.630 -3.352  8.564   1.00 34.07 ? 441 HOH A O   1 
HETATM 1229 O O   . HOH C 3 .   ? -4.063  12.167  -3.907  1.00 15.07 ? 442 HOH A O   1 
HETATM 1230 O O   . HOH C 3 .   ? -8.834  5.010   13.215  1.00 32.16 ? 443 HOH A O   1 
HETATM 1231 O O   . HOH C 3 .   ? -5.794  5.979   -8.534  1.00 11.68 ? 444 HOH A O   1 
HETATM 1232 O O   . HOH C 3 .   ? 10.266  -0.844  -2.782  1.00 24.97 ? 445 HOH A O   1 
HETATM 1233 O O   . HOH C 3 .   ? 1.582   -2.580  18.478  1.00 28.47 ? 446 HOH A O   1 
HETATM 1234 O O   . HOH C 3 .   ? 12.753  6.270   14.285  1.00 24.85 ? 447 HOH A O   1 
HETATM 1235 O O   . HOH C 3 .   ? -3.863  7.696   -7.945  1.00 11.92 ? 448 HOH A O   1 
HETATM 1236 O O   . HOH C 3 .   ? -5.196  4.367   -21.629 1.00 23.81 ? 449 HOH A O   1 
HETATM 1237 O O   . HOH C 3 .   ? 8.622   1.328   -3.465  1.00 21.99 ? 450 HOH A O   1 
HETATM 1238 O O   . HOH C 3 .   ? 7.962   2.765   -5.948  1.00 31.80 ? 451 HOH A O   1 
HETATM 1239 O O   . HOH C 3 .   ? 11.073  -11.028 -5.579  1.00 33.16 ? 452 HOH A O   1 
HETATM 1240 O O   . HOH C 3 .   ? -4.604  13.767  -11.026 1.00 24.68 ? 453 HOH A O   1 
HETATM 1241 O O   . HOH C 3 .   ? -0.753  6.931   -14.835 1.00 15.39 ? 454 HOH A O   1 
HETATM 1242 O O   . HOH C 3 .   ? 6.370   1.685   20.146  1.00 25.49 ? 455 HOH A O   1 
HETATM 1243 O O   . HOH C 3 .   ? 10.713  4.653   -0.167  1.00 18.99 ? 456 HOH A O   1 
HETATM 1244 O O   . HOH C 3 .   ? 6.364   6.606   -13.404 1.00 14.09 ? 457 HOH A O   1 
HETATM 1245 O O   . HOH C 3 .   ? 8.045   -5.071  19.148  1.00 29.77 ? 458 HOH A O   1 
HETATM 1246 O O   . HOH C 3 .   ? -15.155 7.012   -9.496  1.00 17.88 ? 459 HOH A O   1 
HETATM 1247 O O   . HOH C 3 .   ? -2.517  11.432  -13.204 1.00 25.15 ? 460 HOH A O   1 
HETATM 1248 O O   . HOH C 3 .   ? 13.010  4.745   7.477   1.00 19.68 ? 461 HOH A O   1 
HETATM 1249 O O   . HOH C 3 .   ? 1.496   15.920  -7.313  1.00 21.26 ? 462 HOH A O   1 
HETATM 1250 O O   . HOH C 3 .   ? 13.036  -2.191  0.765   1.00 27.87 ? 463 HOH A O   1 
HETATM 1251 O O   . HOH C 3 .   ? 0.604   6.364   15.829  1.00 26.97 ? 464 HOH A O   1 
HETATM 1252 O O   . HOH C 3 .   ? -6.857  14.433  -9.291  1.00 24.31 ? 465 HOH A O   1 
HETATM 1253 O O   . HOH C 3 .   ? -8.813  9.936   6.539   1.00 22.85 ? 466 HOH A O   1 
HETATM 1254 O O   . HOH C 3 .   ? 5.886   -12.008 -7.105  1.00 24.84 ? 467 HOH A O   1 
HETATM 1255 O O   . HOH C 3 .   ? 7.586   -13.191 -5.170  1.00 27.47 ? 468 HOH A O   1 
HETATM 1256 O O   . HOH C 3 .   ? -13.805 11.350  2.556   1.00 34.12 ? 469 HOH A O   1 
HETATM 1257 O O   . HOH C 3 .   ? -3.798  14.185  2.410   1.00 35.60 ? 470 HOH A O   1 
HETATM 1258 O O   . HOH C 3 .   ? 11.347  -13.035 0.569   1.00 31.93 ? 471 HOH A O   1 
HETATM 1259 O O   . HOH C 3 .   ? -3.074  -7.607  -14.376 1.00 24.65 ? 472 HOH A O   1 
HETATM 1260 O O   . HOH C 3 .   ? 0.948   -4.330  13.618  1.00 17.57 ? 473 HOH A O   1 
HETATM 1261 O O   . HOH C 3 .   ? 5.570   13.695  -14.567 1.00 32.29 ? 474 HOH A O   1 
HETATM 1262 O O   . HOH C 3 .   ? 7.856   9.634   15.088  1.00 23.46 ? 475 HOH A O   1 
HETATM 1263 O O   . HOH C 3 .   ? 5.220   6.655   15.736  1.00 27.59 ? 476 HOH A O   1 
HETATM 1264 O O   . HOH C 3 .   ? 3.387   5.671   16.848  1.00 27.80 ? 477 HOH A O   1 
HETATM 1265 O O   . HOH C 3 .   ? 1.342   -2.934  15.716  1.00 22.75 ? 478 HOH A O   1 
HETATM 1266 O O   . HOH C 3 .   ? -4.248  8.986   -18.816 1.00 29.58 ? 479 HOH A O   1 
HETATM 1267 O O   . HOH C 3 .   ? 16.955  8.873   8.454   1.00 33.40 ? 480 HOH A O   1 
HETATM 1268 O O   . HOH C 3 .   ? -11.771 2.339   11.920  1.00 21.34 ? 481 HOH A O   1 
HETATM 1269 O O   . HOH C 3 .   ? 6.363   16.438  -1.570  1.00 25.29 ? 482 HOH A O   1 
HETATM 1270 O O   . HOH C 3 .   ? -4.174  0.141   14.100  1.00 29.21 ? 483 HOH A O   1 
HETATM 1271 O O   . HOH C 3 .   ? 11.978  6.261   -7.219  1.00 31.30 ? 484 HOH A O   1 
HETATM 1272 O O   . HOH C 3 .   ? 11.406  4.287   2.603   1.00 22.86 ? 485 HOH A O   1 
HETATM 1273 O O   . HOH C 3 .   ? 13.572  7.993   -5.582  1.00 39.39 ? 486 HOH A O   1 
HETATM 1274 O O   . HOH C 3 .   ? -4.453  2.042   11.901  1.00 23.64 ? 487 HOH A O   1 
HETATM 1275 O O   . HOH C 3 .   ? 3.353   -4.058  12.579  1.00 14.40 ? 488 HOH A O   1 
HETATM 1276 O O   . HOH C 3 .   ? 0.128   -2.407  -14.319 1.00 13.48 ? 489 HOH A O   1 
HETATM 1277 O O   . HOH C 3 .   ? 14.575  -5.285  8.738   1.00 32.82 ? 490 HOH A O   1 
HETATM 1278 O O   . HOH C 3 .   ? -4.614  14.679  -4.646  1.00 30.84 ? 491 HOH A O   1 
HETATM 1279 O O   . HOH C 3 .   ? -0.425  -10.977 9.947   1.00 21.46 ? 492 HOH A O   1 
HETATM 1280 O O   . HOH C 3 .   ? 3.440   12.418  -10.045 1.00 18.00 ? 493 HOH A O   1 
HETATM 1281 O O   . HOH C 3 .   ? 14.615  4.645   -13.888 1.00 24.29 ? 494 HOH A O   1 
HETATM 1282 O O   . HOH C 3 .   ? 11.174  11.906  -8.833  1.00 28.25 ? 495 HOH A O   1 
HETATM 1283 O O   . HOH C 3 .   ? 9.180   0.045   15.184  1.00 26.06 ? 496 HOH A O   1 
HETATM 1284 O O   . HOH C 3 .   ? -1.401  -15.050 -0.668  1.00 24.58 ? 497 HOH A O   1 
HETATM 1285 O O   . HOH C 3 .   ? -6.368  10.744  5.223   1.00 18.02 ? 498 HOH A O   1 
HETATM 1286 O O   . HOH C 3 .   ? 11.671  -5.961  -0.825  1.00 22.99 ? 499 HOH A O   1 
HETATM 1287 O O   . HOH C 3 .   ? 6.506   14.144  8.077   1.00 21.95 ? 500 HOH A O   1 
HETATM 1288 O O   . HOH C 3 .   ? 8.844   13.017  -3.600  1.00 28.58 ? 501 HOH A O   1 
HETATM 1289 O O   . HOH C 3 .   ? -10.490 -13.503 -1.167  1.00 33.99 ? 502 HOH A O   1 
HETATM 1290 O O   . HOH C 3 .   ? 1.107   13.232  -8.735  1.00 13.48 ? 503 HOH A O   1 
HETATM 1291 O O   . HOH C 3 .   ? 5.703   -16.374 -3.356  1.00 24.32 ? 504 HOH A O   1 
HETATM 1292 O O   . HOH C 3 .   ? -7.190  -12.940 -4.687  1.00 23.00 ? 505 HOH A O   1 
HETATM 1293 O O   . HOH C 3 .   ? -11.714 2.787   -14.897 1.00 27.49 ? 506 HOH A O   1 
HETATM 1294 O O   . HOH C 3 .   ? -4.856  8.201   -15.816 1.00 16.50 ? 507 HOH A O   1 
HETATM 1295 O O   . HOH C 3 .   ? -7.477  -14.694 -7.450  1.00 33.97 ? 508 HOH A O   1 
HETATM 1296 O O   . HOH C 3 .   ? -17.796 1.864   -3.902  1.00 28.55 ? 509 HOH A O   1 
HETATM 1297 O O   . HOH C 3 .   ? 15.650  3.637   14.951  1.00 31.46 ? 510 HOH A O   1 
HETATM 1298 O O   . HOH C 3 .   ? 3.672   13.709  9.096   1.00 21.12 ? 511 HOH A O   1 
HETATM 1299 O O   . HOH C 3 .   ? -12.647 -10.026 -6.720  1.00 34.09 ? 512 HOH A O   1 
HETATM 1300 O O   . HOH C 3 .   ? -1.743  10.842  4.182   1.00 24.18 ? 513 HOH A O   1 
HETATM 1301 O O   . HOH C 3 .   ? 15.961  3.025   -4.642  1.00 39.73 ? 514 HOH A O   1 
HETATM 1302 O O   . HOH C 3 .   ? -2.127  9.350   -14.990 1.00 19.28 ? 515 HOH A O   1 
HETATM 1303 O O   . HOH C 3 .   ? 8.185   13.079  10.360  1.00 29.15 ? 516 HOH A O   1 
HETATM 1304 O O   . HOH C 3 .   ? -15.579 4.521   -10.721 1.00 31.23 ? 517 HOH A O   1 
HETATM 1305 O O   . HOH C 3 .   ? -0.534  14.288  -10.482 1.00 26.72 ? 518 HOH A O   1 
# 
